data_7R0W
#
_entry.id   7R0W
#
_cell.length_a   1.00
_cell.length_b   1.00
_cell.length_c   1.00
_cell.angle_alpha   90.00
_cell.angle_beta   90.00
_cell.angle_gamma   90.00
#
_symmetry.space_group_name_H-M   'P 1'
#
loop_
_entity.id
_entity.type
_entity.pdbx_description
1 polymer 'Uncharacterized protein Cp097, conserved in cyanobacteria'
2 polymer 'Cytochrome b6'
3 polymer 'Cytochrome b6-f complex subunit 4'
4 polymer 'Cytochrome f'
5 polymer 'Cytochrome B6'
6 polymer 'Cytochrome b6-f complex subunit 7'
7 polymer 'Cytochrome b6-f complex subunit 5'
8 polymer 'Cytochrome b6-f complex subunit 8'
9 polymer 'Rieske domain, PetC'
10 non-polymer 'PROTOPORPHYRIN IX CONTAINING FE'
11 non-polymer '(1R)-2-{[{[(2S)-2,3-DIHYDROXYPROPYL]OXY}(HYDROXY)PHOSPHORYL]OXY}-1-[(PALMITOYLOXY)METHYL]ETHYL (11E)-OCTADEC-11-ENOATE'
12 non-polymer beta,beta-caroten-4-one
13 non-polymer 2,3-DIMETHYL-5-(3,7,11,15,19,23,27,31,35-NONAMETHYL-2,6,10,14,18,22,26,30,34-HEXATRIACONTANONAENYL-2,5-CYCLOHEXADIENE-1,4-DIONE-2,3-DIMETHYL-5-SOLANESYL-1,4-BENZOQUINONE
14 non-polymer 'CHLOROPHYLL A'
15 non-polymer 'HEME C'
16 non-polymer 1,2-DISTEAROYL-MONOGALACTOSYL-DIGLYCERIDE
17 non-polymer '(4S,7R)-4-HYDROXY-N,N,N-TRIMETHYL-9-OXO-7-[(PALMITOYLOXY)METHYL]-3,5,8-TRIOXA-4-PHOSPHAHEXACOSAN-1-AMINIUM 4-OXIDE'
18 non-polymer (1S,8E)-1-{[(2S)-1-hydroxy-3-{[(1S)-1-hydroxypentadecyl]oxy}propan-2-yl]oxy}heptadec-8-en-1-ol
19 non-polymer 'FE2/S2 (INORGANIC) CLUSTER'
20 non-polymer 1,2-DI-O-ACYL-3-O-[6-DEOXY-6-SULFO-ALPHA-D-GLUCOPYRANOSYL]-SN-GLYCEROL
21 non-polymer EICOSANE
22 water water
#
loop_
_entity_poly.entity_id
_entity_poly.type
_entity_poly.pdbx_seq_one_letter_code
_entity_poly.pdbx_strand_id
1 'polypeptide(L)' MTIEIGQKVKVYRLRDRVSPDVVGKLGKVGVVKDFKMTDGSGIGAVVSFDDRTATWFFEDELKAI X,V
2 'polypeptide(L)'
;MFSKEVTESKVFQWFNDRLEVQAISDDIASKYVPPHVNIFYCLGGLTLTCFLIQFATGFAMTFYYKPTVTEAFASVQYIM
NEVNFGWLIRSIHRWSASMMVLMMILHVFRVYLTGGFKKPRELTWVVGVMLAVTTVTFGVTGYSLPWDQVGYWAVKIVSG
VPAAIPVVGDQLVTLMRGSESVGQATLTRFYSLHTFVLPWAIAVLLLLHFLMIRKQGISGPL
;
I,A
3 'polypeptide(L)'
;MSIIKKPDLSDPDLRAKLAKGMGHNYYGEPAWPNDILYMFPICILGALGLIAGLAILDPAMIGEPADPFATPLEILPEWY
LYPTFQILRILPNKLLGIAGMAAIPLGLMLVPFIESVNKFQNPFRRPIAMTVFLFGTAAALWLGAGATFPIDKSLTLGLF
;
J,B
4 'polypeptide(L)'
;MRNPDTLGLWTKTMVALRRFTVLAIATVSVFLITDLGLPQAASAYPFWAQETAPLTPREATGRIVCANCHLAQKAAEVEI
PQAVLPDTVFEAVVKIPYDLDSQQVLGDGSKGGLNVGAVLMLPEGFKIAPPDRLSEGLKEKVGGTYFQPYREDMENVVIV
GPLPGEQYQEIVFPVLSPDPAKDKSINYGKFAVHLGANRGRGQIYPTGLLSNNNAFKAPNAGTISEVNALEAGGYQLILT
TADGTETVDIPAGPELIVSAGQTVEAGEFLTNNPNVGGFGQKDTEVVLQNPTRIKFLVLFLAGIMLSQILLVLKKKQIEK
VQAAELNF
;
K,C
5 'polypeptide(L)' MAAGVGIFIGYIAVFTGVTLGLLYGLRFVKLI M,E
6 'polypeptide(L)' MTAESMLANGAFIMIGLTLLGLAWGFVIIKLQGSEE N,F
7 'polypeptide(L)' MIEPLLLGIVLGLIPVTLAGLFVAAYLQYKRGNQFNLD O,G
8 'polypeptide(L)' MDILTLGWVSVLVLFTWSISMVVWGRNGF P,H
9 'polypeptide(L)'
;MLVKILKFRRFIMTQISGSPDVPDLGRRQFMNLLTFGTITGVAAGALYPAVKYLIPPSSGGSGGGVTAKDALGNDVKVTE
FLASHNAGDRVLAQGLKGDPTYIVVQGDDTIANYGINAVCTHLGCVVPWNASENKFMCPCHGSQYNAEGKVVRGPAPLSL
ALAHATVTDDDKLVLSTWTETDFRTDEDPWWA
;
D,L
#
loop_
_chem_comp.id
_chem_comp.type
_chem_comp.name
_chem_comp.formula
2WA non-polymer (1S,8E)-1-{[(2S)-1-hydroxy-3-{[(1S)-1-hydroxypentadecyl]oxy}propan-2-yl]oxy}heptadec-8-en-1-ol 'C35 H70 O5'
6PL non-polymer '(4S,7R)-4-HYDROXY-N,N,N-TRIMETHYL-9-OXO-7-[(PALMITOYLOXY)METHYL]-3,5,8-TRIOXA-4-PHOSPHAHEXACOSAN-1-AMINIUM 4-OXIDE' 'C42 H85 N O8 P 1'
CLA non-polymer 'CHLOROPHYLL A' 'C55 H72 Mg N4 O5'
ECH non-polymer beta,beta-caroten-4-one 'C40 H54 O'
FES non-polymer 'FE2/S2 (INORGANIC) CLUSTER' 'Fe2 S2'
HEC non-polymer 'HEME C' 'C34 H34 Fe N4 O4'
HEM non-polymer 'PROTOPORPHYRIN IX CONTAINING FE' 'C34 H32 Fe N4 O4'
LFA non-polymer EICOSANE 'C20 H42'
LMG non-polymer 1,2-DISTEAROYL-MONOGALACTOSYL-DIGLYCERIDE 'C45 H86 O10'
PGV non-polymer '(1R)-2-{[{[(2S)-2,3-DIHYDROXYPROPYL]OXY}(HYDROXY)PHOSPHORYL]OXY}-1-[(PALMITOYLOXY)METHYL]ETHYL (11E)-OCTADEC-11-ENOATE' 'C40 H77 O10 P'
PL9 non-polymer 2,3-DIMETHYL-5-(3,7,11,15,19,23,27,31,35-NONAMETHYL-2,6,10,14,18,22,26,30,34-HEXATRIACONTANONAENYL-2,5-CYCLOHEXADIENE-1,4-DIONE-2,3-DIMETHYL-5-SOLANESYL-1,4-BENZOQUINONE 'C53 H80 O2'
SQD non-polymer 1,2-DI-O-ACYL-3-O-[6-DEOXY-6-SULFO-ALPHA-D-GLUCOPYRANOSYL]-SN-GLYCEROL 'C41 H78 O12 S'
#
# COMPACT_ATOMS: atom_id res chain seq x y z
N THR A 2 -29.73 21.18 -43.88
CA THR A 2 -29.77 22.13 -44.98
C THR A 2 -29.56 21.43 -46.32
N ILE A 3 -28.93 20.26 -46.28
CA ILE A 3 -28.58 19.47 -47.45
C ILE A 3 -29.27 18.12 -47.34
N GLU A 4 -29.77 17.62 -48.47
CA GLU A 4 -30.30 16.27 -48.57
C GLU A 4 -29.65 15.54 -49.74
N ILE A 5 -29.74 14.22 -49.70
CA ILE A 5 -29.12 13.36 -50.71
C ILE A 5 -29.82 13.52 -52.05
N GLY A 6 -29.03 13.51 -53.13
CA GLY A 6 -29.53 13.74 -54.46
C GLY A 6 -29.70 15.19 -54.84
N GLN A 7 -29.67 16.08 -53.87
CA GLN A 7 -29.90 17.51 -54.09
C GLN A 7 -28.79 18.13 -54.93
N LYS A 8 -29.16 18.77 -56.03
CA LYS A 8 -28.21 19.52 -56.84
C LYS A 8 -27.60 20.65 -56.00
N VAL A 9 -26.27 20.78 -56.08
CA VAL A 9 -25.52 21.74 -55.27
C VAL A 9 -24.51 22.46 -56.15
N LYS A 10 -23.99 23.58 -55.62
CA LYS A 10 -22.93 24.32 -56.30
C LYS A 10 -21.96 24.88 -55.26
N VAL A 11 -20.73 24.33 -55.24
CA VAL A 11 -19.66 24.85 -54.39
C VAL A 11 -19.30 26.28 -54.77
N TYR A 12 -19.29 27.18 -53.77
CA TYR A 12 -19.00 28.59 -54.02
C TYR A 12 -17.74 29.06 -53.31
N ARG A 13 -17.41 28.46 -52.15
CA ARG A 13 -16.19 28.76 -51.40
C ARG A 13 -15.50 27.44 -51.07
N LEU A 14 -14.20 27.54 -50.79
CA LEU A 14 -13.40 26.40 -50.35
C LEU A 14 -12.66 26.78 -49.09
N ARG A 15 -13.05 26.17 -47.96
CA ARG A 15 -12.54 26.59 -46.66
C ARG A 15 -11.04 26.34 -46.56
N ASP A 16 -10.61 25.15 -46.98
CA ASP A 16 -9.21 24.74 -46.90
C ASP A 16 -8.56 24.80 -48.28
N ARG A 17 -7.23 24.69 -48.30
CA ARG A 17 -6.52 24.57 -49.55
C ARG A 17 -6.82 23.22 -50.19
N VAL A 18 -6.94 23.21 -51.52
CA VAL A 18 -7.45 22.07 -52.25
C VAL A 18 -6.59 21.86 -53.49
N SER A 19 -6.71 20.67 -54.09
CA SER A 19 -5.91 20.32 -55.26
C SER A 19 -6.46 21.03 -56.49
N PRO A 20 -5.73 20.94 -57.62
CA PRO A 20 -6.19 21.64 -58.84
C PRO A 20 -7.58 21.24 -59.27
N ASP A 21 -7.95 19.98 -59.07
CA ASP A 21 -9.30 19.55 -59.44
C ASP A 21 -10.34 20.42 -58.73
N VAL A 22 -10.16 20.63 -57.43
CA VAL A 22 -11.18 21.39 -56.70
C VAL A 22 -11.11 22.85 -57.09
N VAL A 23 -9.92 23.35 -57.46
CA VAL A 23 -9.83 24.70 -58.01
C VAL A 23 -10.76 24.82 -59.20
N GLY A 24 -10.72 23.82 -60.09
CA GLY A 24 -11.57 23.86 -61.26
C GLY A 24 -13.02 23.70 -60.89
N LYS A 25 -13.30 22.95 -59.82
CA LYS A 25 -14.66 22.66 -59.40
C LYS A 25 -15.36 23.87 -58.80
N LEU A 26 -14.63 24.92 -58.46
CA LEU A 26 -15.29 26.12 -57.96
C LEU A 26 -16.22 26.65 -59.03
N GLY A 27 -17.44 27.01 -58.63
CA GLY A 27 -18.44 27.45 -59.58
C GLY A 27 -18.92 26.39 -60.54
N LYS A 28 -18.89 25.12 -60.14
CA LYS A 28 -19.35 24.01 -60.97
C LYS A 28 -20.67 23.47 -60.45
N VAL A 29 -21.45 22.93 -61.38
CA VAL A 29 -22.71 22.26 -61.05
C VAL A 29 -22.44 20.83 -60.65
N GLY A 30 -22.99 20.39 -59.50
CA GLY A 30 -22.93 19.00 -59.14
C GLY A 30 -24.24 18.51 -58.56
N VAL A 31 -24.32 17.20 -58.35
CA VAL A 31 -25.43 16.57 -57.66
C VAL A 31 -24.88 15.84 -56.45
N VAL A 32 -25.48 16.04 -55.29
CA VAL A 32 -24.98 15.40 -54.08
C VAL A 32 -25.07 13.89 -54.26
N LYS A 33 -24.00 13.19 -53.90
CA LYS A 33 -23.92 11.74 -54.04
C LYS A 33 -23.97 11.02 -52.72
N ASP A 34 -23.50 11.64 -51.64
CA ASP A 34 -23.38 10.99 -50.35
C ASP A 34 -23.16 12.08 -49.30
N PHE A 35 -23.18 11.68 -48.03
CA PHE A 35 -22.96 12.57 -46.91
C PHE A 35 -21.59 12.29 -46.30
N LYS A 36 -20.67 13.23 -46.43
CA LYS A 36 -19.37 13.09 -45.80
C LYS A 36 -19.46 13.49 -44.34
N MET A 37 -18.61 12.88 -43.52
CA MET A 37 -18.42 13.27 -42.13
C MET A 37 -17.11 14.06 -42.04
N THR A 38 -17.23 15.38 -41.97
CA THR A 38 -16.09 16.28 -42.02
C THR A 38 -15.65 16.66 -40.61
N ASP A 39 -14.53 17.38 -40.53
CA ASP A 39 -14.04 17.81 -39.24
C ASP A 39 -14.87 18.96 -38.71
N GLY A 40 -14.74 19.21 -37.41
CA GLY A 40 -15.70 20.06 -36.74
C GLY A 40 -17.03 19.40 -36.53
N SER A 41 -17.11 18.08 -36.74
CA SER A 41 -18.33 17.31 -36.56
C SER A 41 -19.41 17.76 -37.53
N GLY A 42 -19.00 18.30 -38.68
CA GLY A 42 -19.95 18.77 -39.66
C GLY A 42 -20.48 17.66 -40.52
N ILE A 43 -21.62 17.93 -41.16
CA ILE A 43 -22.21 17.05 -42.15
C ILE A 43 -21.76 17.55 -43.51
N GLY A 44 -20.70 16.94 -44.04
CA GLY A 44 -20.28 17.23 -45.41
C GLY A 44 -21.16 16.54 -46.42
N ALA A 45 -20.80 16.70 -47.69
CA ALA A 45 -21.55 16.09 -48.78
C ALA A 45 -20.61 15.78 -49.93
N VAL A 46 -20.54 14.51 -50.30
CA VAL A 46 -19.92 14.14 -51.57
C VAL A 46 -20.75 14.74 -52.70
N VAL A 47 -20.08 15.27 -53.72
CA VAL A 47 -20.75 15.90 -54.85
C VAL A 47 -20.18 15.30 -56.13
N SER A 48 -21.05 14.71 -56.94
CA SER A 48 -20.71 14.19 -58.26
C SER A 48 -20.99 15.29 -59.28
N PHE A 49 -19.94 15.84 -59.87
CA PHE A 49 -20.10 16.91 -60.84
C PHE A 49 -20.22 16.31 -62.24
N ASP A 50 -20.30 17.18 -63.25
CA ASP A 50 -20.29 16.69 -64.64
C ASP A 50 -18.99 15.95 -64.94
N ASP A 51 -17.88 16.46 -64.43
CA ASP A 51 -16.58 15.81 -64.61
C ASP A 51 -16.66 14.31 -64.34
N ARG A 52 -17.58 13.89 -63.49
CA ARG A 52 -17.80 12.50 -63.03
C ARG A 52 -16.91 12.11 -61.87
N THR A 53 -16.11 13.00 -61.32
CA THR A 53 -15.33 12.68 -60.14
C THR A 53 -15.99 13.36 -58.95
N ALA A 54 -16.25 12.57 -57.91
CA ALA A 54 -17.01 13.06 -56.76
C ALA A 54 -16.05 13.54 -55.70
N THR A 55 -16.28 14.76 -55.21
CA THR A 55 -15.46 15.36 -54.17
C THR A 55 -16.31 15.75 -52.99
N TRP A 56 -15.83 15.46 -51.79
CA TRP A 56 -16.54 15.84 -50.59
C TRP A 56 -16.36 17.34 -50.34
N PHE A 57 -17.39 17.96 -49.77
CA PHE A 57 -17.35 19.38 -49.46
C PHE A 57 -18.00 19.62 -48.10
N PHE A 58 -17.60 20.72 -47.47
CA PHE A 58 -18.25 21.15 -46.25
C PHE A 58 -19.65 21.67 -46.56
N GLU A 59 -20.50 21.70 -45.54
CA GLU A 59 -21.85 22.22 -45.71
C GLU A 59 -21.84 23.70 -46.08
N ASP A 60 -20.96 24.48 -45.43
CA ASP A 60 -20.93 25.92 -45.68
C ASP A 60 -20.52 26.22 -47.12
N GLU A 61 -19.60 25.45 -47.66
CA GLU A 61 -19.11 25.66 -49.02
C GLU A 61 -20.25 25.63 -50.05
N LEU A 62 -21.04 24.56 -50.03
CA LEU A 62 -22.08 24.36 -51.02
C LEU A 62 -23.28 25.30 -50.87
N LYS A 63 -23.93 25.56 -52.02
CA LYS A 63 -25.17 26.33 -52.16
C LYS A 63 -26.24 25.49 -52.83
N ALA A 64 -27.26 25.18 -52.05
CA ALA A 64 -28.41 24.43 -52.55
C ALA A 64 -29.15 25.28 -53.58
N ILE A 65 -29.54 24.65 -54.67
CA ILE A 65 -30.18 25.37 -55.76
C ILE A 65 -31.06 24.43 -56.57
N MET B 1 -31.69 17.74 -8.14
CA MET B 1 -30.39 17.79 -7.41
C MET B 1 -29.67 19.12 -7.53
N PHE B 2 -29.80 19.78 -8.67
CA PHE B 2 -29.28 21.13 -8.85
C PHE B 2 -30.42 22.14 -8.80
N SER B 3 -30.33 23.08 -7.86
CA SER B 3 -31.32 24.13 -7.71
C SER B 3 -31.34 25.02 -8.96
N LYS B 4 -32.39 25.83 -9.08
CA LYS B 4 -32.53 26.67 -10.26
C LYS B 4 -31.33 27.59 -10.44
N GLU B 5 -30.79 28.11 -9.34
CA GLU B 5 -29.65 29.00 -9.46
C GLU B 5 -28.45 28.27 -10.07
N VAL B 6 -28.23 27.03 -9.64
CA VAL B 6 -27.15 26.24 -10.22
C VAL B 6 -27.48 25.79 -11.64
N THR B 7 -28.76 25.53 -11.93
CA THR B 7 -29.12 25.12 -13.30
C THR B 7 -28.90 26.26 -14.29
N GLU B 8 -29.16 27.51 -13.90
CA GLU B 8 -29.04 28.61 -14.85
C GLU B 8 -27.62 29.18 -14.92
N SER B 9 -26.80 28.98 -13.90
CA SER B 9 -25.46 29.54 -13.90
C SER B 9 -24.71 29.07 -15.14
N LYS B 10 -23.95 29.99 -15.74
CA LYS B 10 -23.23 29.66 -16.96
C LYS B 10 -22.23 28.55 -16.76
N VAL B 11 -21.69 28.40 -15.54
CA VAL B 11 -20.73 27.33 -15.29
C VAL B 11 -21.41 25.97 -15.39
N PHE B 12 -22.56 25.84 -14.75
CA PHE B 12 -23.30 24.60 -14.86
C PHE B 12 -23.76 24.37 -16.28
N GLN B 13 -24.11 25.43 -17.02
CA GLN B 13 -24.48 25.25 -18.41
C GLN B 13 -23.29 24.76 -19.22
N TRP B 14 -22.08 25.14 -18.83
CA TRP B 14 -20.87 24.65 -19.48
C TRP B 14 -20.72 23.15 -19.27
N PHE B 15 -20.84 22.73 -18.01
CA PHE B 15 -20.74 21.31 -17.70
C PHE B 15 -21.86 20.54 -18.36
N ASN B 16 -23.07 21.09 -18.35
CA ASN B 16 -24.21 20.41 -18.96
C ASN B 16 -24.00 20.26 -20.45
N ASP B 17 -23.42 21.29 -21.08
CA ASP B 17 -23.16 21.25 -22.52
C ASP B 17 -22.19 20.12 -22.86
N ARG B 18 -21.21 19.87 -22.00
CA ARG B 18 -20.19 18.89 -22.36
C ARG B 18 -20.47 17.50 -21.82
N LEU B 19 -20.72 17.34 -20.53
CA LEU B 19 -20.89 16.01 -19.93
C LEU B 19 -22.35 15.74 -19.57
N GLU B 20 -23.27 16.63 -19.92
CA GLU B 20 -24.67 16.48 -19.54
C GLU B 20 -24.79 15.99 -18.11
N VAL B 21 -24.33 16.81 -17.16
CA VAL B 21 -24.39 16.46 -15.75
C VAL B 21 -25.80 16.49 -15.21
N GLN B 22 -26.72 17.16 -15.91
CA GLN B 22 -28.11 17.17 -15.49
C GLN B 22 -28.69 15.77 -15.43
N ALA B 23 -28.22 14.85 -16.27
CA ALA B 23 -28.74 13.49 -16.23
C ALA B 23 -28.45 12.84 -14.89
N ILE B 24 -27.29 13.15 -14.31
CA ILE B 24 -26.97 12.67 -12.97
C ILE B 24 -27.97 13.21 -11.97
N SER B 25 -28.28 14.51 -12.07
CA SER B 25 -29.26 15.09 -11.17
C SER B 25 -30.61 14.39 -11.30
N ASP B 26 -31.05 14.14 -12.53
CA ASP B 26 -32.34 13.49 -12.71
C ASP B 26 -32.34 12.09 -12.12
N ASP B 27 -31.23 11.36 -12.27
CA ASP B 27 -31.19 10.01 -11.72
C ASP B 27 -31.18 10.03 -10.21
N ILE B 28 -30.45 10.97 -9.61
CA ILE B 28 -30.41 11.05 -8.14
C ILE B 28 -31.78 11.49 -7.60
N ALA B 29 -32.47 12.37 -8.33
CA ALA B 29 -33.73 12.91 -7.83
C ALA B 29 -34.92 12.00 -8.11
N SER B 30 -34.78 11.09 -9.07
CA SER B 30 -35.90 10.20 -9.40
C SER B 30 -36.17 9.21 -8.29
N LYS B 31 -35.16 8.88 -7.49
CA LYS B 31 -35.31 7.89 -6.45
C LYS B 31 -36.15 8.41 -5.29
N TYR B 32 -36.78 7.50 -4.58
CA TYR B 32 -37.60 7.82 -3.41
C TYR B 32 -37.34 6.79 -2.33
N VAL B 33 -37.33 7.23 -1.07
CA VAL B 33 -37.17 6.34 0.07
C VAL B 33 -38.56 5.89 0.50
N PRO B 34 -38.89 4.61 0.39
CA PRO B 34 -40.25 4.15 0.73
C PRO B 34 -40.54 4.36 2.20
N PRO B 35 -41.81 4.38 2.59
CA PRO B 35 -42.14 4.61 4.01
C PRO B 35 -41.60 3.55 4.95
N HIS B 36 -41.51 2.28 4.50
CA HIS B 36 -41.11 1.21 5.41
C HIS B 36 -39.68 1.36 5.88
N VAL B 37 -38.84 2.05 5.10
CA VAL B 37 -37.46 2.28 5.52
C VAL B 37 -37.45 3.03 6.84
N ASN B 38 -36.54 2.65 7.73
CA ASN B 38 -36.49 3.19 9.07
C ASN B 38 -35.03 3.45 9.42
N ILE B 39 -34.75 3.69 10.70
CA ILE B 39 -33.40 4.02 11.13
C ILE B 39 -32.43 2.86 10.90
N PHE B 40 -32.94 1.63 10.84
CA PHE B 40 -32.02 0.50 10.77
C PHE B 40 -31.43 0.36 9.38
N TYR B 41 -32.12 0.90 8.37
CA TYR B 41 -31.56 0.90 7.03
C TYR B 41 -30.38 1.84 6.94
N CYS B 42 -30.14 2.63 7.99
CA CYS B 42 -28.93 3.44 8.04
C CYS B 42 -27.70 2.60 8.31
N LEU B 43 -27.87 1.38 8.84
CA LEU B 43 -26.74 0.65 9.37
C LEU B 43 -25.76 0.28 8.27
N GLY B 44 -26.28 -0.10 7.11
CA GLY B 44 -25.40 -0.40 6.01
C GLY B 44 -24.56 0.81 5.65
N GLY B 45 -25.21 1.97 5.58
CA GLY B 45 -24.46 3.17 5.22
C GLY B 45 -23.46 3.52 6.29
N LEU B 46 -23.78 3.24 7.55
CA LEU B 46 -22.81 3.53 8.60
C LEU B 46 -21.65 2.56 8.53
N THR B 47 -21.89 1.35 8.01
CA THR B 47 -20.79 0.44 7.77
C THR B 47 -19.83 1.03 6.76
N LEU B 48 -20.35 1.79 5.79
CA LEU B 48 -19.47 2.44 4.85
C LEU B 48 -18.79 3.63 5.50
N THR B 49 -19.50 4.36 6.38
CA THR B 49 -18.86 5.48 7.05
C THR B 49 -17.64 5.01 7.82
N CYS B 50 -17.79 3.92 8.56
CA CYS B 50 -16.68 3.42 9.35
C CYS B 50 -15.56 2.96 8.44
N PHE B 51 -15.90 2.45 7.25
CA PHE B 51 -14.87 2.07 6.30
C PHE B 51 -14.16 3.28 5.76
N LEU B 52 -14.89 4.36 5.47
CA LEU B 52 -14.22 5.51 4.89
C LEU B 52 -13.32 6.17 5.89
N ILE B 53 -13.71 6.17 7.17
CA ILE B 53 -12.80 6.61 8.21
C ILE B 53 -11.59 5.70 8.22
N GLN B 54 -11.82 4.40 8.09
CA GLN B 54 -10.72 3.45 8.09
C GLN B 54 -9.87 3.64 6.85
N PHE B 55 -10.49 4.11 5.77
CA PHE B 55 -9.71 4.37 4.57
C PHE B 55 -8.85 5.62 4.77
N ALA B 56 -9.40 6.63 5.43
CA ALA B 56 -8.66 7.88 5.59
C ALA B 56 -7.56 7.72 6.64
N THR B 57 -7.90 7.22 7.82
CA THR B 57 -6.91 7.12 8.88
C THR B 57 -5.86 6.09 8.54
N GLY B 58 -6.22 5.06 7.78
CA GLY B 58 -5.22 4.14 7.32
C GLY B 58 -4.24 4.82 6.39
N PHE B 59 -4.75 5.64 5.48
CA PHE B 59 -3.84 6.43 4.66
C PHE B 59 -2.96 7.29 5.54
N ALA B 60 -3.48 7.76 6.67
CA ALA B 60 -2.65 8.56 7.56
C ALA B 60 -1.53 7.72 8.14
N MET B 61 -1.83 6.50 8.55
CA MET B 61 -0.84 5.68 9.25
C MET B 61 0.15 5.02 8.30
N THR B 62 -0.10 5.05 6.99
CA THR B 62 0.89 4.52 6.05
C THR B 62 2.09 5.45 5.92
N PHE B 63 1.90 6.74 6.23
CA PHE B 63 2.98 7.71 6.09
C PHE B 63 4.05 7.54 7.16
N TYR B 64 3.70 6.91 8.29
CA TYR B 64 4.63 6.77 9.41
C TYR B 64 4.92 5.32 9.77
N TYR B 65 3.98 4.40 9.55
CA TYR B 65 4.18 3.02 9.94
C TYR B 65 5.17 2.33 9.02
N LYS B 66 6.08 1.57 9.62
CA LYS B 66 7.14 0.90 8.87
C LYS B 66 6.94 -0.61 8.98
N PRO B 67 6.49 -1.29 7.91
CA PRO B 67 6.15 -2.72 8.03
C PRO B 67 7.38 -3.62 8.05
N THR B 68 8.19 -3.45 9.09
CA THR B 68 9.39 -4.24 9.30
C THR B 68 9.39 -4.80 10.70
N VAL B 69 10.03 -5.97 10.88
CA VAL B 69 9.98 -6.62 12.17
C VAL B 69 10.81 -5.88 13.19
N THR B 70 11.81 -5.12 12.75
CA THR B 70 12.64 -4.34 13.65
C THR B 70 12.05 -2.96 13.92
N GLU B 71 11.19 -2.46 13.04
CA GLU B 71 10.71 -1.09 13.10
C GLU B 71 9.20 -0.95 13.17
N ALA B 72 8.45 -2.05 13.15
CA ALA B 72 7.00 -1.91 13.11
C ALA B 72 6.45 -1.49 14.47
N PHE B 73 6.98 -2.08 15.54
CA PHE B 73 6.51 -1.71 16.86
C PHE B 73 7.06 -0.34 17.25
N ALA B 74 8.30 -0.06 16.85
CA ALA B 74 8.87 1.24 17.13
C ALA B 74 8.14 2.32 16.34
N SER B 75 7.69 1.99 15.13
CA SER B 75 6.99 2.98 14.32
C SER B 75 5.57 3.17 14.79
N VAL B 76 4.97 2.14 15.40
CA VAL B 76 3.63 2.32 15.95
C VAL B 76 3.68 3.13 17.23
N GLN B 77 4.72 2.93 18.04
CA GLN B 77 4.87 3.78 19.22
C GLN B 77 5.35 5.17 18.85
N TYR B 78 5.94 5.32 17.67
CA TYR B 78 6.28 6.64 17.17
C TYR B 78 5.02 7.37 16.72
N ILE B 79 4.15 6.68 15.99
CA ILE B 79 2.86 7.26 15.61
C ILE B 79 2.13 7.72 16.86
N MET B 80 2.03 6.84 17.85
CA MET B 80 1.33 7.21 19.09
C MET B 80 1.99 8.41 19.74
N ASN B 81 3.26 8.27 20.14
CA ASN B 81 3.93 9.31 20.92
C ASN B 81 4.34 10.52 20.10
N GLU B 82 5.27 10.34 19.17
CA GLU B 82 5.94 11.48 18.54
C GLU B 82 5.03 12.20 17.54
N VAL B 83 4.41 11.45 16.64
CA VAL B 83 3.64 12.08 15.57
C VAL B 83 2.53 12.94 16.15
N ASN B 84 2.23 14.04 15.47
CA ASN B 84 1.18 14.95 15.93
C ASN B 84 -0.17 14.29 15.70
N PHE B 85 -0.94 14.15 16.77
CA PHE B 85 -2.26 13.54 16.71
C PHE B 85 -2.22 12.13 16.17
N GLY B 86 -1.07 11.46 16.27
CA GLY B 86 -1.01 10.08 15.84
C GLY B 86 -1.65 9.14 16.83
N TRP B 87 -1.71 9.55 18.10
CA TRP B 87 -2.54 8.84 19.06
C TRP B 87 -3.99 8.86 18.59
N LEU B 88 -4.46 10.03 18.16
CA LEU B 88 -5.85 10.16 17.77
C LEU B 88 -6.13 9.36 16.51
N ILE B 89 -5.21 9.40 15.56
CA ILE B 89 -5.45 8.72 14.28
C ILE B 89 -5.43 7.21 14.47
N ARG B 90 -4.49 6.71 15.27
CA ARG B 90 -4.43 5.27 15.47
C ARG B 90 -5.58 4.77 16.32
N SER B 91 -5.92 5.49 17.38
CA SER B 91 -7.05 5.08 18.20
C SER B 91 -8.35 5.14 17.42
N ILE B 92 -8.53 6.18 16.60
CA ILE B 92 -9.70 6.25 15.75
C ILE B 92 -9.72 5.10 14.79
N HIS B 93 -8.55 4.66 14.32
CA HIS B 93 -8.52 3.59 13.34
C HIS B 93 -8.90 2.26 13.97
N ARG B 94 -8.35 1.96 15.15
CA ARG B 94 -8.75 0.76 15.88
C ARG B 94 -10.24 0.79 16.19
N TRP B 95 -10.74 1.96 16.60
CA TRP B 95 -12.13 2.03 17.03
C TRP B 95 -13.05 1.95 15.83
N SER B 96 -12.63 2.47 14.68
CA SER B 96 -13.46 2.40 13.51
C SER B 96 -13.37 1.03 12.84
N ALA B 97 -12.36 0.23 13.18
CA ALA B 97 -12.35 -1.15 12.72
C ALA B 97 -13.37 -1.95 13.51
N SER B 98 -13.35 -1.76 14.84
CA SER B 98 -14.32 -2.46 15.66
C SER B 98 -15.74 -2.01 15.35
N MET B 99 -15.92 -0.70 15.13
CA MET B 99 -17.25 -0.18 14.86
C MET B 99 -17.69 -0.49 13.44
N MET B 100 -16.76 -0.68 12.50
CA MET B 100 -17.14 -1.15 11.18
C MET B 100 -17.67 -2.57 11.26
N VAL B 101 -16.99 -3.43 12.03
CA VAL B 101 -17.46 -4.81 12.08
C VAL B 101 -18.77 -4.89 12.86
N LEU B 102 -18.93 -4.07 13.90
CA LEU B 102 -20.18 -4.09 14.65
C LEU B 102 -21.33 -3.54 13.81
N MET B 103 -21.12 -2.41 13.13
CA MET B 103 -22.14 -1.87 12.25
C MET B 103 -22.47 -2.84 11.14
N MET B 104 -21.49 -3.66 10.73
CA MET B 104 -21.74 -4.64 9.69
C MET B 104 -22.59 -5.77 10.22
N ILE B 105 -22.31 -6.25 11.43
CA ILE B 105 -23.11 -7.31 12.01
C ILE B 105 -24.55 -6.83 12.19
N LEU B 106 -24.71 -5.59 12.68
CA LEU B 106 -26.04 -5.03 12.84
C LEU B 106 -26.73 -4.87 11.50
N HIS B 107 -25.97 -4.54 10.45
CA HIS B 107 -26.55 -4.44 9.13
C HIS B 107 -26.98 -5.80 8.60
N VAL B 108 -26.23 -6.85 8.90
CA VAL B 108 -26.67 -8.18 8.48
C VAL B 108 -27.91 -8.58 9.25
N PHE B 109 -28.07 -8.07 10.48
CA PHE B 109 -29.28 -8.39 11.22
C PHE B 109 -30.47 -7.65 10.63
N ARG B 110 -30.28 -6.38 10.28
CA ARG B 110 -31.33 -5.63 9.61
C ARG B 110 -31.73 -6.34 8.33
N VAL B 111 -30.79 -6.50 7.42
CA VAL B 111 -31.06 -7.16 6.14
C VAL B 111 -31.82 -8.46 6.35
N TYR B 112 -31.28 -9.33 7.21
CA TYR B 112 -31.90 -10.65 7.39
C TYR B 112 -33.31 -10.53 7.95
N LEU B 113 -33.53 -9.59 8.87
CA LEU B 113 -34.82 -9.48 9.54
C LEU B 113 -35.79 -8.59 8.78
N THR B 114 -35.38 -8.13 7.61
CA THR B 114 -36.24 -7.39 6.70
C THR B 114 -36.40 -8.12 5.38
N GLY B 115 -35.84 -9.32 5.26
CA GLY B 115 -35.87 -10.06 4.01
C GLY B 115 -35.23 -9.34 2.86
N GLY B 116 -34.20 -8.54 3.13
CA GLY B 116 -33.50 -7.85 2.06
C GLY B 116 -32.84 -8.81 1.09
N PHE B 117 -32.40 -9.96 1.57
CA PHE B 117 -31.65 -10.91 0.78
C PHE B 117 -32.54 -11.70 -0.18
N LYS B 118 -33.84 -11.77 0.10
CA LYS B 118 -34.72 -12.62 -0.68
C LYS B 118 -34.73 -12.20 -2.14
N LYS B 119 -35.00 -13.19 -3.01
CA LYS B 119 -35.15 -13.00 -4.43
C LYS B 119 -35.88 -11.69 -4.70
N PRO B 120 -35.33 -10.77 -5.49
CA PRO B 120 -34.27 -10.91 -6.49
C PRO B 120 -32.86 -10.59 -5.96
N ARG B 121 -32.69 -10.29 -4.68
CA ARG B 121 -31.46 -9.73 -4.16
C ARG B 121 -30.54 -10.77 -3.54
N GLU B 122 -30.49 -11.98 -4.12
CA GLU B 122 -29.59 -13.00 -3.62
C GLU B 122 -28.13 -12.59 -3.80
N LEU B 123 -27.82 -11.96 -4.93
CA LEU B 123 -26.42 -11.64 -5.23
C LEU B 123 -25.94 -10.46 -4.40
N THR B 124 -26.85 -9.57 -3.99
CA THR B 124 -26.43 -8.51 -3.09
C THR B 124 -26.04 -9.08 -1.75
N TRP B 125 -26.78 -10.06 -1.26
CA TRP B 125 -26.41 -10.71 0.00
C TRP B 125 -25.10 -11.48 -0.16
N VAL B 126 -24.90 -12.14 -1.30
CA VAL B 126 -23.68 -12.93 -1.47
C VAL B 126 -22.46 -12.02 -1.55
N VAL B 127 -22.56 -10.92 -2.30
CA VAL B 127 -21.48 -9.94 -2.30
C VAL B 127 -21.34 -9.33 -0.91
N GLY B 128 -22.43 -9.23 -0.17
CA GLY B 128 -22.34 -8.85 1.23
C GLY B 128 -21.45 -9.77 2.03
N VAL B 129 -21.73 -11.07 1.97
CA VAL B 129 -20.94 -12.03 2.74
C VAL B 129 -19.47 -11.97 2.33
N MET B 130 -19.21 -11.78 1.03
CA MET B 130 -17.83 -11.59 0.57
C MET B 130 -17.23 -10.34 1.20
N LEU B 131 -17.97 -9.23 1.19
CA LEU B 131 -17.51 -8.02 1.86
C LEU B 131 -17.16 -8.30 3.32
N ALA B 132 -18.04 -9.03 4.00
CA ALA B 132 -17.82 -9.34 5.42
C ALA B 132 -16.52 -10.11 5.59
N VAL B 133 -16.30 -11.12 4.75
CA VAL B 133 -15.06 -11.88 4.83
C VAL B 133 -13.87 -10.96 4.61
N THR B 134 -13.97 -10.09 3.60
CA THR B 134 -12.89 -9.15 3.32
C THR B 134 -12.62 -8.24 4.51
N THR B 135 -13.67 -7.83 5.23
CA THR B 135 -13.50 -6.95 6.38
C THR B 135 -12.84 -7.69 7.54
N VAL B 136 -13.20 -8.96 7.73
CA VAL B 136 -12.55 -9.71 8.80
C VAL B 136 -11.10 -9.98 8.41
N THR B 137 -10.83 -10.09 7.12
CA THR B 137 -9.44 -10.23 6.66
C THR B 137 -8.68 -8.94 6.94
N PHE B 138 -9.32 -7.80 6.73
CA PHE B 138 -8.70 -6.52 7.10
C PHE B 138 -8.40 -6.49 8.59
N GLY B 139 -9.31 -7.03 9.40
CA GLY B 139 -9.09 -7.03 10.83
C GLY B 139 -7.94 -7.91 11.23
N VAL B 140 -7.83 -9.09 10.61
CA VAL B 140 -6.76 -10.02 10.97
C VAL B 140 -5.42 -9.49 10.50
N THR B 141 -5.34 -9.04 9.25
CA THR B 141 -4.08 -8.49 8.75
C THR B 141 -3.65 -7.27 9.56
N GLY B 142 -4.60 -6.46 10.01
CA GLY B 142 -4.25 -5.28 10.78
C GLY B 142 -3.80 -5.63 12.19
N TYR B 143 -4.46 -6.62 12.80
CA TYR B 143 -4.13 -6.98 14.17
C TYR B 143 -2.65 -7.28 14.33
N SER B 144 -2.01 -7.80 13.28
CA SER B 144 -0.63 -8.24 13.35
C SER B 144 0.36 -7.16 12.96
N LEU B 145 -0.09 -6.06 12.36
CA LEU B 145 0.86 -5.06 11.87
C LEU B 145 1.69 -4.43 12.99
N PRO B 146 1.14 -4.07 14.15
CA PRO B 146 1.98 -3.49 15.20
C PRO B 146 3.13 -4.40 15.59
N TRP B 147 3.10 -5.67 15.22
CA TRP B 147 4.12 -6.65 15.60
C TRP B 147 4.36 -6.63 17.10
N ASP B 148 3.28 -6.44 17.85
CA ASP B 148 3.32 -6.56 19.30
C ASP B 148 3.11 -8.03 19.66
N GLN B 149 3.10 -8.33 20.96
CA GLN B 149 2.90 -9.70 21.39
C GLN B 149 1.54 -10.22 20.93
N VAL B 150 0.48 -9.41 21.12
CA VAL B 150 -0.85 -9.87 20.76
C VAL B 150 -0.94 -10.09 19.26
N GLY B 151 -0.40 -9.16 18.48
CA GLY B 151 -0.52 -9.27 17.04
C GLY B 151 0.28 -10.43 16.50
N TYR B 152 1.56 -10.49 16.88
CA TYR B 152 2.43 -11.55 16.38
C TYR B 152 1.87 -12.92 16.73
N TRP B 153 1.34 -13.08 17.95
CA TRP B 153 0.84 -14.40 18.31
C TRP B 153 -0.53 -14.69 17.69
N ALA B 154 -1.34 -13.67 17.46
CA ALA B 154 -2.60 -13.90 16.75
C ALA B 154 -2.33 -14.35 15.31
N VAL B 155 -1.34 -13.76 14.66
CA VAL B 155 -1.01 -14.22 13.31
C VAL B 155 -0.37 -15.60 13.36
N LYS B 156 0.43 -15.86 14.39
CA LYS B 156 0.99 -17.20 14.57
C LYS B 156 -0.11 -18.24 14.61
N ILE B 157 -1.11 -18.02 15.47
CA ILE B 157 -2.19 -18.99 15.62
C ILE B 157 -2.98 -19.11 14.33
N VAL B 158 -3.52 -18.00 13.84
CA VAL B 158 -4.47 -18.08 12.74
C VAL B 158 -3.80 -18.60 11.48
N SER B 159 -2.54 -18.22 11.24
CA SER B 159 -1.89 -18.59 9.99
C SER B 159 -1.44 -20.05 9.99
N GLY B 160 -1.33 -20.68 11.15
CA GLY B 160 -0.95 -22.07 11.23
C GLY B 160 -2.08 -23.07 11.22
N VAL B 161 -3.34 -22.62 11.25
CA VAL B 161 -4.47 -23.54 11.27
C VAL B 161 -4.71 -24.15 9.90
N PRO B 162 -4.39 -23.49 8.78
CA PRO B 162 -4.51 -24.18 7.49
C PRO B 162 -3.72 -25.47 7.43
N ALA B 163 -2.78 -25.68 8.37
CA ALA B 163 -2.01 -26.91 8.40
C ALA B 163 -2.88 -28.13 8.64
N ALA B 164 -4.14 -27.94 9.06
CA ALA B 164 -4.98 -29.08 9.38
C ALA B 164 -5.12 -30.03 8.19
N ILE B 165 -5.21 -29.47 6.99
CA ILE B 165 -5.29 -30.32 5.80
C ILE B 165 -3.97 -31.10 5.68
N PRO B 166 -4.01 -32.41 5.43
CA PRO B 166 -2.75 -33.19 5.52
C PRO B 166 -1.64 -32.76 4.58
N VAL B 167 -1.95 -32.53 3.31
CA VAL B 167 -0.93 -32.21 2.29
C VAL B 167 -1.04 -30.76 1.84
N VAL B 168 -2.22 -30.37 1.35
CA VAL B 168 -2.41 -29.04 0.80
C VAL B 168 -2.29 -27.96 1.87
N GLY B 169 -2.68 -28.29 3.11
CA GLY B 169 -2.64 -27.31 4.18
C GLY B 169 -1.26 -26.73 4.43
N ASP B 170 -0.23 -27.57 4.29
CA ASP B 170 1.13 -27.06 4.48
C ASP B 170 1.43 -25.97 3.45
N GLN B 171 1.00 -26.17 2.21
CA GLN B 171 1.23 -25.15 1.21
C GLN B 171 0.43 -23.89 1.53
N LEU B 172 -0.80 -24.05 2.04
CA LEU B 172 -1.56 -22.85 2.38
C LEU B 172 -0.91 -22.09 3.52
N VAL B 173 -0.26 -22.81 4.44
CA VAL B 173 0.39 -22.12 5.54
C VAL B 173 1.63 -21.40 5.05
N THR B 174 2.38 -22.02 4.14
CA THR B 174 3.55 -21.35 3.59
C THR B 174 3.16 -20.15 2.76
N LEU B 175 1.96 -20.17 2.16
CA LEU B 175 1.49 -19.02 1.41
C LEU B 175 1.02 -17.90 2.33
N MET B 176 0.18 -18.23 3.31
CA MET B 176 -0.29 -17.22 4.25
C MET B 176 0.87 -16.54 4.95
N ARG B 177 1.79 -17.34 5.49
CA ARG B 177 2.93 -16.80 6.21
C ARG B 177 3.99 -16.23 5.28
N GLY B 178 3.99 -16.64 4.01
CA GLY B 178 5.03 -16.22 3.10
C GLY B 178 6.38 -16.77 3.47
N SER B 179 6.43 -17.78 4.34
CA SER B 179 7.66 -18.39 4.79
C SER B 179 7.27 -19.59 5.63
N GLU B 180 8.26 -20.43 5.96
CA GLU B 180 7.98 -21.58 6.80
C GLU B 180 7.51 -21.17 8.19
N SER B 181 7.85 -19.96 8.64
CA SER B 181 7.55 -19.50 9.98
C SER B 181 7.15 -18.04 9.93
N VAL B 182 6.27 -17.64 10.85
CA VAL B 182 5.88 -16.24 10.94
C VAL B 182 7.13 -15.41 11.17
N GLY B 183 7.38 -14.46 10.28
CA GLY B 183 8.57 -13.64 10.36
C GLY B 183 8.44 -12.37 9.56
N GLN B 184 9.54 -11.94 8.93
CA GLN B 184 9.49 -10.70 8.15
C GLN B 184 8.69 -10.88 6.87
N ALA B 185 8.71 -12.09 6.29
CA ALA B 185 7.90 -12.31 5.10
C ALA B 185 6.43 -12.26 5.44
N THR B 186 6.06 -12.73 6.62
CA THR B 186 4.65 -12.70 7.01
C THR B 186 4.20 -11.27 7.24
N LEU B 187 5.10 -10.39 7.69
CA LEU B 187 4.70 -9.02 7.95
C LEU B 187 4.65 -8.23 6.66
N THR B 188 5.55 -8.52 5.72
CA THR B 188 5.49 -7.84 4.43
C THR B 188 4.24 -8.26 3.67
N ARG B 189 3.86 -9.53 3.79
CA ARG B 189 2.72 -10.00 3.04
C ARG B 189 1.42 -9.54 3.68
N PHE B 190 1.33 -9.62 5.01
CA PHE B 190 0.15 -9.12 5.69
C PHE B 190 -0.01 -7.62 5.51
N TYR B 191 1.10 -6.88 5.39
CA TYR B 191 0.98 -5.45 5.16
C TYR B 191 0.56 -5.15 3.73
N SER B 192 1.12 -5.86 2.76
CA SER B 192 0.68 -5.67 1.37
C SER B 192 -0.80 -6.00 1.23
N LEU B 193 -1.25 -7.08 1.89
CA LEU B 193 -2.67 -7.41 1.86
C LEU B 193 -3.50 -6.32 2.51
N HIS B 194 -3.17 -6.00 3.76
CA HIS B 194 -3.91 -5.00 4.53
C HIS B 194 -4.05 -3.69 3.78
N THR B 195 -2.94 -3.12 3.31
CA THR B 195 -2.98 -1.75 2.82
C THR B 195 -3.17 -1.65 1.30
N PHE B 196 -2.99 -2.74 0.56
CA PHE B 196 -3.13 -2.67 -0.90
C PHE B 196 -4.16 -3.66 -1.42
N VAL B 197 -3.94 -4.97 -1.24
CA VAL B 197 -4.82 -5.95 -1.85
C VAL B 197 -6.24 -5.82 -1.33
N LEU B 198 -6.38 -5.68 -0.02
CA LEU B 198 -7.70 -5.74 0.59
C LEU B 198 -8.50 -4.46 0.39
N PRO B 199 -7.89 -3.27 0.42
CA PRO B 199 -8.65 -2.08 0.01
C PRO B 199 -9.17 -2.16 -1.42
N TRP B 200 -8.41 -2.74 -2.34
CA TRP B 200 -8.91 -2.87 -3.71
C TRP B 200 -9.98 -3.94 -3.80
N ALA B 201 -9.84 -5.01 -3.02
CA ALA B 201 -10.85 -6.06 -3.06
C ALA B 201 -12.16 -5.57 -2.46
N ILE B 202 -12.07 -4.84 -1.34
CA ILE B 202 -13.27 -4.35 -0.70
C ILE B 202 -13.85 -3.17 -1.45
N ALA B 203 -13.06 -2.49 -2.29
CA ALA B 203 -13.62 -1.41 -3.07
C ALA B 203 -14.31 -1.94 -4.31
N VAL B 204 -13.79 -3.02 -4.89
CA VAL B 204 -14.51 -3.66 -5.97
C VAL B 204 -15.78 -4.31 -5.45
N LEU B 205 -15.73 -4.86 -4.24
CA LEU B 205 -16.90 -5.51 -3.68
C LEU B 205 -17.93 -4.48 -3.21
N LEU B 206 -17.46 -3.30 -2.78
CA LEU B 206 -18.37 -2.24 -2.40
C LEU B 206 -19.04 -1.67 -3.64
N LEU B 207 -18.30 -1.58 -4.75
CA LEU B 207 -18.90 -1.07 -5.96
C LEU B 207 -19.92 -2.05 -6.51
N LEU B 208 -19.60 -3.34 -6.50
CA LEU B 208 -20.58 -4.35 -6.91
C LEU B 208 -21.82 -4.28 -6.04
N HIS B 209 -21.63 -4.21 -4.73
CA HIS B 209 -22.73 -4.23 -3.79
C HIS B 209 -23.63 -3.01 -3.98
N PHE B 210 -23.02 -1.83 -4.09
CA PHE B 210 -23.81 -0.61 -4.21
C PHE B 210 -24.44 -0.50 -5.59
N LEU B 211 -23.81 -1.09 -6.61
CA LEU B 211 -24.43 -1.08 -7.93
C LEU B 211 -25.66 -1.98 -7.93
N MET B 212 -25.61 -3.09 -7.21
CA MET B 212 -26.75 -3.98 -7.19
C MET B 212 -27.88 -3.41 -6.33
N ILE B 213 -27.54 -2.65 -5.28
CA ILE B 213 -28.61 -2.02 -4.51
C ILE B 213 -29.17 -0.82 -5.26
N ARG B 214 -28.36 -0.16 -6.09
CA ARG B 214 -28.88 0.95 -6.88
C ARG B 214 -29.82 0.42 -7.95
N LYS B 215 -29.39 -0.61 -8.67
CA LYS B 215 -30.23 -1.18 -9.72
C LYS B 215 -31.54 -1.70 -9.12
N GLN B 216 -31.44 -2.59 -8.13
CA GLN B 216 -32.62 -3.24 -7.61
C GLN B 216 -33.41 -2.36 -6.65
N GLY B 217 -32.77 -1.34 -6.07
CA GLY B 217 -33.38 -0.55 -5.03
C GLY B 217 -33.41 -1.26 -3.69
N ILE B 218 -34.21 -0.69 -2.78
CA ILE B 218 -34.35 -1.27 -1.45
C ILE B 218 -35.41 -2.37 -1.48
N SER B 219 -35.33 -3.27 -0.51
CA SER B 219 -36.31 -4.33 -0.38
C SER B 219 -37.69 -3.77 -0.10
N GLY B 220 -38.69 -4.64 -0.23
CA GLY B 220 -40.06 -4.25 -0.04
C GLY B 220 -40.41 -4.06 1.42
N PRO B 221 -41.63 -3.60 1.65
CA PRO B 221 -42.14 -3.52 3.03
C PRO B 221 -42.21 -4.89 3.68
N LEU B 222 -41.96 -4.92 4.98
CA LEU B 222 -42.16 -6.11 5.77
C LEU B 222 -43.65 -6.36 5.96
N SER C 2 -43.59 16.24 5.67
CA SER C 2 -42.91 15.94 4.41
C SER C 2 -43.90 15.44 3.36
N ILE C 3 -43.64 15.78 2.11
CA ILE C 3 -44.43 15.28 0.99
C ILE C 3 -44.03 13.85 0.70
N ILE C 4 -45.01 12.96 0.62
CA ILE C 4 -44.79 11.54 0.33
C ILE C 4 -45.42 11.23 -1.02
N LYS C 5 -44.58 10.86 -1.99
CA LYS C 5 -45.12 10.36 -3.25
C LYS C 5 -45.92 9.09 -3.00
N LYS C 6 -47.03 8.95 -3.69
CA LYS C 6 -47.80 7.72 -3.65
C LYS C 6 -47.37 6.81 -4.80
N PRO C 7 -47.28 5.49 -4.58
CA PRO C 7 -46.89 4.62 -5.69
C PRO C 7 -47.92 4.74 -6.80
N ASP C 8 -47.44 5.12 -7.99
CA ASP C 8 -48.31 5.27 -9.16
C ASP C 8 -48.51 3.88 -9.77
N LEU C 9 -49.44 3.14 -9.17
CA LEU C 9 -49.65 1.75 -9.56
C LEU C 9 -50.32 1.61 -10.91
N SER C 10 -50.98 2.68 -11.39
CA SER C 10 -51.52 2.65 -12.75
C SER C 10 -50.41 2.34 -13.76
N ASP C 11 -49.21 2.84 -13.52
CA ASP C 11 -48.09 2.56 -14.40
C ASP C 11 -47.82 1.07 -14.47
N PRO C 12 -47.90 0.44 -15.65
CA PRO C 12 -47.59 -0.99 -15.74
C PRO C 12 -46.13 -1.29 -15.47
N ASP C 13 -45.24 -0.33 -15.68
CA ASP C 13 -43.82 -0.57 -15.43
C ASP C 13 -43.56 -0.70 -13.94
N LEU C 14 -44.18 0.14 -13.13
CA LEU C 14 -44.02 0.01 -11.68
C LEU C 14 -44.67 -1.27 -11.18
N ARG C 15 -45.78 -1.69 -11.78
CA ARG C 15 -46.41 -2.92 -11.32
C ARG C 15 -45.55 -4.12 -11.69
N ALA C 16 -44.92 -4.08 -12.86
CA ALA C 16 -44.04 -5.17 -13.26
C ALA C 16 -42.82 -5.23 -12.36
N LYS C 17 -42.26 -4.06 -12.01
CA LYS C 17 -41.11 -4.05 -11.13
C LYS C 17 -41.49 -4.57 -9.75
N LEU C 18 -42.66 -4.15 -9.25
CA LEU C 18 -43.09 -4.60 -7.93
C LEU C 18 -43.39 -6.10 -7.93
N ALA C 19 -43.76 -6.66 -9.08
CA ALA C 19 -43.98 -8.09 -9.15
C ALA C 19 -42.67 -8.85 -8.91
N LYS C 20 -41.57 -8.34 -9.46
CA LYS C 20 -40.27 -8.97 -9.30
C LYS C 20 -39.63 -8.68 -7.96
N GLY C 21 -40.26 -7.86 -7.12
CA GLY C 21 -39.73 -7.52 -5.82
C GLY C 21 -38.96 -6.21 -5.80
N MET C 22 -38.64 -5.66 -6.95
CA MET C 22 -37.92 -4.39 -7.04
C MET C 22 -38.92 -3.24 -7.11
N GLY C 23 -38.42 -2.05 -7.41
CA GLY C 23 -39.29 -0.91 -7.65
C GLY C 23 -39.83 -0.24 -6.40
N HIS C 24 -39.21 -0.46 -5.25
CA HIS C 24 -39.58 0.24 -4.03
C HIS C 24 -38.86 1.56 -3.86
N ASN C 25 -37.94 1.89 -4.76
CA ASN C 25 -37.27 3.18 -4.79
C ASN C 25 -37.99 4.16 -5.69
N TYR C 26 -39.29 3.94 -5.93
CA TYR C 26 -40.08 4.74 -6.85
C TYR C 26 -41.20 5.50 -6.15
N TYR C 27 -41.40 5.28 -4.85
CA TYR C 27 -42.46 5.90 -4.09
C TYR C 27 -41.94 6.16 -2.68
N GLY C 28 -42.65 7.00 -1.94
CA GLY C 28 -42.17 7.44 -0.64
C GLY C 28 -41.60 8.85 -0.70
N GLU C 29 -40.83 9.18 0.33
CA GLU C 29 -40.25 10.50 0.40
C GLU C 29 -39.09 10.63 -0.60
N PRO C 30 -38.79 11.83 -1.05
CA PRO C 30 -37.69 12.00 -2.02
C PRO C 30 -36.36 11.56 -1.42
N ALA C 31 -35.55 10.89 -2.24
CA ALA C 31 -34.25 10.44 -1.76
C ALA C 31 -33.31 11.62 -1.56
N TRP C 32 -33.15 12.44 -2.59
CA TRP C 32 -32.39 13.68 -2.56
C TRP C 32 -33.31 14.88 -2.66
N PRO C 33 -33.08 15.96 -1.88
CA PRO C 33 -32.08 16.12 -0.81
C PRO C 33 -32.57 15.67 0.55
N ASN C 34 -33.84 15.28 0.66
CA ASN C 34 -34.43 15.00 1.96
C ASN C 34 -33.54 14.07 2.79
N ASP C 35 -33.24 12.89 2.25
CA ASP C 35 -32.56 11.85 3.02
C ASP C 35 -31.07 11.80 2.73
N ILE C 36 -30.67 11.77 1.46
CA ILE C 36 -29.25 11.62 1.14
C ILE C 36 -28.47 12.84 1.60
N LEU C 37 -28.90 14.04 1.20
CA LEU C 37 -28.09 15.22 1.45
C LEU C 37 -28.11 15.60 2.92
N TYR C 38 -29.30 15.68 3.52
CA TYR C 38 -29.44 16.19 4.87
C TYR C 38 -29.32 15.11 5.95
N MET C 39 -30.00 13.98 5.78
CA MET C 39 -30.05 13.00 6.86
C MET C 39 -28.81 12.11 6.91
N PHE C 40 -28.21 11.79 5.77
CA PHE C 40 -27.00 10.97 5.80
C PHE C 40 -25.87 11.64 6.56
N PRO C 41 -25.55 12.91 6.32
CA PRO C 41 -24.50 13.55 7.13
C PRO C 41 -24.83 13.60 8.61
N ILE C 42 -26.09 13.46 9.01
CA ILE C 42 -26.35 13.36 10.45
C ILE C 42 -25.74 12.07 10.99
N CYS C 43 -25.75 11.00 10.19
CA CYS C 43 -25.20 9.74 10.64
C CYS C 43 -23.69 9.72 10.45
N ILE C 44 -23.19 10.37 9.39
CA ILE C 44 -21.76 10.43 9.19
C ILE C 44 -21.11 11.22 10.30
N LEU C 45 -21.73 12.33 10.72
CA LEU C 45 -21.18 13.10 11.82
C LEU C 45 -21.42 12.44 13.16
N GLY C 46 -22.52 11.70 13.31
CA GLY C 46 -22.70 10.92 14.53
C GLY C 46 -21.58 9.90 14.69
N ALA C 47 -21.28 9.17 13.62
CA ALA C 47 -20.27 8.13 13.70
C ALA C 47 -18.88 8.72 13.82
N LEU C 48 -18.58 9.79 13.08
CA LEU C 48 -17.26 10.40 13.22
C LEU C 48 -17.06 10.96 14.62
N GLY C 49 -18.10 11.52 15.23
CA GLY C 49 -17.95 12.08 16.55
C GLY C 49 -17.89 10.99 17.60
N LEU C 50 -18.57 9.88 17.38
CA LEU C 50 -18.58 8.84 18.38
C LEU C 50 -17.31 8.00 18.31
N ILE C 51 -16.75 7.87 17.11
CA ILE C 51 -15.48 7.16 16.97
C ILE C 51 -14.35 8.03 17.47
N ALA C 52 -14.43 9.35 17.28
CA ALA C 52 -13.40 10.21 17.82
C ALA C 52 -13.48 10.28 19.33
N GLY C 53 -14.70 10.23 19.89
CA GLY C 53 -14.82 10.27 21.33
C GLY C 53 -14.38 8.96 21.97
N LEU C 54 -14.66 7.84 21.30
CA LEU C 54 -14.17 6.57 21.81
C LEU C 54 -12.66 6.47 21.66
N ALA C 55 -12.10 7.06 20.61
CA ALA C 55 -10.65 7.06 20.44
C ALA C 55 -9.98 7.91 21.52
N ILE C 56 -10.53 9.09 21.80
CA ILE C 56 -9.92 9.97 22.79
C ILE C 56 -10.08 9.36 24.19
N LEU C 57 -11.29 8.94 24.53
CA LEU C 57 -11.55 8.47 25.89
C LEU C 57 -10.85 7.13 26.14
N ASP C 58 -10.88 6.22 25.17
CA ASP C 58 -10.24 4.92 25.27
C ASP C 58 -9.25 4.78 24.12
N PRO C 59 -8.08 5.41 24.22
CA PRO C 59 -7.11 5.34 23.14
C PRO C 59 -6.54 3.94 22.96
N ALA C 60 -5.89 3.74 21.82
CA ALA C 60 -5.23 2.47 21.53
C ALA C 60 -4.07 2.25 22.48
N MET C 61 -3.82 0.97 22.80
CA MET C 61 -2.81 0.56 23.76
C MET C 61 -1.62 -0.03 23.03
N ILE C 62 -0.45 0.59 23.19
CA ILE C 62 0.78 0.00 22.65
C ILE C 62 1.11 -1.23 23.48
N GLY C 63 1.07 -2.40 22.85
CA GLY C 63 1.35 -3.63 23.56
C GLY C 63 2.83 -3.82 23.85
N GLU C 64 3.23 -5.03 24.17
CA GLU C 64 4.64 -5.35 24.34
C GLU C 64 5.25 -5.72 23.01
N PRO C 65 6.57 -5.56 22.85
CA PRO C 65 7.22 -6.01 21.62
C PRO C 65 7.10 -7.52 21.47
N ALA C 66 6.95 -7.97 20.23
CA ALA C 66 6.70 -9.38 19.98
C ALA C 66 7.89 -10.21 20.42
N ASP C 67 7.62 -11.21 21.27
CA ASP C 67 8.64 -12.18 21.65
C ASP C 67 8.28 -13.53 21.03
N PRO C 68 9.05 -14.02 20.06
CA PRO C 68 8.71 -15.32 19.47
C PRO C 68 8.90 -16.49 20.43
N PHE C 69 9.58 -16.28 21.56
CA PHE C 69 9.90 -17.36 22.48
C PHE C 69 8.91 -17.48 23.63
N ALA C 70 8.03 -16.49 23.83
CA ALA C 70 7.12 -16.44 24.98
C ALA C 70 5.71 -16.21 24.47
N THR C 71 4.84 -17.20 24.66
CA THR C 71 3.45 -17.08 24.25
C THR C 71 2.63 -16.44 25.37
N PRO C 72 1.86 -15.38 25.10
CA PRO C 72 0.99 -14.82 26.13
C PRO C 72 0.14 -15.88 26.80
N LEU C 73 0.01 -15.77 28.12
CA LEU C 73 -0.83 -16.70 28.86
C LEU C 73 -2.19 -16.85 28.20
N GLU C 74 -2.81 -15.73 27.85
CA GLU C 74 -4.10 -15.72 27.15
C GLU C 74 -3.91 -14.91 25.88
N ILE C 75 -3.87 -15.59 24.74
CA ILE C 75 -3.88 -14.96 23.43
C ILE C 75 -5.31 -14.99 22.90
N LEU C 76 -5.80 -13.84 22.45
CA LEU C 76 -7.15 -13.74 21.92
C LEU C 76 -7.13 -12.94 20.63
N PRO C 77 -8.04 -13.25 19.68
CA PRO C 77 -8.14 -12.42 18.48
C PRO C 77 -9.00 -11.19 18.72
N GLU C 78 -9.47 -10.56 17.65
CA GLU C 78 -10.45 -9.50 17.82
C GLU C 78 -11.77 -10.09 18.31
N TRP C 79 -12.66 -9.21 18.79
CA TRP C 79 -13.92 -9.69 19.33
C TRP C 79 -14.78 -10.37 18.27
N TYR C 80 -14.67 -9.95 17.02
CA TYR C 80 -15.55 -10.50 15.99
C TYR C 80 -15.14 -11.91 15.64
N LEU C 81 -13.90 -12.30 15.96
CA LEU C 81 -13.43 -13.65 15.77
C LEU C 81 -13.41 -14.42 17.08
N TYR C 82 -14.20 -13.99 18.07
CA TYR C 82 -14.29 -14.77 19.31
C TYR C 82 -15.04 -16.07 19.09
N PRO C 83 -16.20 -16.09 18.43
CA PRO C 83 -16.84 -17.38 18.17
C PRO C 83 -16.04 -18.24 17.20
N THR C 84 -15.35 -17.62 16.25
CA THR C 84 -14.52 -18.39 15.33
C THR C 84 -13.36 -19.04 16.08
N PHE C 85 -12.81 -18.33 17.07
CA PHE C 85 -11.65 -18.83 17.79
C PHE C 85 -12.05 -19.90 18.80
N GLN C 86 -13.19 -19.71 19.48
CA GLN C 86 -13.64 -20.72 20.41
C GLN C 86 -13.85 -22.05 19.71
N ILE C 87 -14.47 -22.02 18.54
CA ILE C 87 -14.66 -23.24 17.77
C ILE C 87 -13.33 -23.98 17.65
N LEU C 88 -12.28 -23.25 17.29
CA LEU C 88 -10.99 -23.89 17.10
C LEU C 88 -10.55 -24.61 18.36
N ARG C 89 -10.55 -23.90 19.50
CA ARG C 89 -9.97 -24.48 20.71
C ARG C 89 -10.80 -25.65 21.24
N ILE C 90 -12.13 -25.52 21.27
CA ILE C 90 -12.92 -26.55 21.93
C ILE C 90 -13.01 -27.81 21.08
N LEU C 91 -13.19 -27.67 19.77
CA LEU C 91 -13.30 -28.86 18.91
C LEU C 91 -11.96 -29.58 18.87
N PRO C 92 -11.90 -30.86 19.23
CA PRO C 92 -10.58 -31.52 19.31
C PRO C 92 -9.86 -31.60 17.98
N ASN C 93 -10.49 -32.23 16.98
CA ASN C 93 -9.89 -32.32 15.66
C ASN C 93 -9.80 -30.93 15.04
N LYS C 94 -8.58 -30.56 14.65
CA LYS C 94 -8.36 -29.26 14.01
C LYS C 94 -9.16 -29.14 12.72
N LEU C 95 -9.28 -30.24 11.97
CA LEU C 95 -9.93 -30.17 10.66
C LEU C 95 -11.44 -29.89 10.76
N LEU C 96 -12.13 -30.44 11.78
CA LEU C 96 -13.51 -30.01 11.95
C LEU C 96 -13.57 -28.55 12.37
N GLY C 97 -12.59 -28.07 13.11
CA GLY C 97 -12.57 -26.65 13.44
C GLY C 97 -12.47 -25.79 12.20
N ILE C 98 -11.63 -26.21 11.24
CA ILE C 98 -11.50 -25.40 10.03
C ILE C 98 -12.75 -25.56 9.18
N ALA C 99 -13.39 -26.73 9.23
CA ALA C 99 -14.63 -26.92 8.50
C ALA C 99 -15.72 -26.00 9.05
N GLY C 100 -15.77 -25.83 10.37
CA GLY C 100 -16.76 -24.94 10.95
C GLY C 100 -16.46 -23.48 10.61
N MET C 101 -15.18 -23.11 10.67
CA MET C 101 -14.81 -21.74 10.34
C MET C 101 -15.21 -21.43 8.90
N ALA C 102 -14.96 -22.36 7.99
CA ALA C 102 -15.36 -22.13 6.61
C ALA C 102 -16.86 -22.30 6.41
N ALA C 103 -17.54 -23.05 7.28
CA ALA C 103 -18.97 -23.26 7.13
C ALA C 103 -19.77 -22.06 7.56
N ILE C 104 -19.18 -21.16 8.32
CA ILE C 104 -19.89 -19.93 8.71
C ILE C 104 -20.15 -19.08 7.46
N PRO C 105 -19.12 -18.68 6.71
CA PRO C 105 -19.38 -17.84 5.53
C PRO C 105 -20.13 -18.54 4.39
N LEU C 106 -19.83 -19.80 4.07
CA LEU C 106 -20.57 -20.43 2.98
C LEU C 106 -22.01 -20.69 3.37
N GLY C 107 -22.27 -21.09 4.61
CA GLY C 107 -23.64 -21.24 5.04
C GLY C 107 -24.37 -19.91 4.97
N LEU C 108 -23.67 -18.82 5.30
CA LEU C 108 -24.31 -17.52 5.16
C LEU C 108 -24.60 -17.24 3.69
N MET C 109 -23.66 -17.59 2.80
CA MET C 109 -23.91 -17.38 1.39
C MET C 109 -25.08 -18.22 0.89
N LEU C 110 -25.42 -19.28 1.61
CA LEU C 110 -26.54 -20.13 1.22
C LEU C 110 -27.84 -19.68 1.83
N VAL C 111 -27.79 -18.77 2.80
CA VAL C 111 -29.03 -18.29 3.43
C VAL C 111 -30.07 -17.87 2.38
N PRO C 112 -29.74 -17.03 1.40
CA PRO C 112 -30.79 -16.55 0.48
C PRO C 112 -31.41 -17.65 -0.36
N PHE C 113 -30.61 -18.59 -0.85
CA PHE C 113 -31.15 -19.62 -1.72
C PHE C 113 -32.05 -20.56 -0.95
N ILE C 114 -31.64 -20.91 0.27
CA ILE C 114 -32.47 -21.78 1.10
C ILE C 114 -33.78 -21.09 1.44
N GLU C 115 -33.70 -19.83 1.87
CA GLU C 115 -34.87 -19.16 2.43
C GLU C 115 -35.80 -18.56 1.39
N SER C 116 -35.34 -18.34 0.16
CA SER C 116 -36.18 -17.68 -0.82
C SER C 116 -37.36 -18.54 -1.27
N VAL C 117 -37.47 -19.77 -0.80
CA VAL C 117 -38.70 -20.54 -1.03
C VAL C 117 -39.90 -19.72 -0.59
N ASN C 118 -39.84 -19.15 0.61
CA ASN C 118 -40.88 -18.26 1.09
C ASN C 118 -40.64 -16.86 0.55
N LYS C 119 -41.72 -16.18 0.18
CA LYS C 119 -41.62 -14.83 -0.36
C LYS C 119 -41.80 -13.74 0.69
N PHE C 120 -42.27 -14.09 1.89
CA PHE C 120 -42.66 -13.09 2.88
C PHE C 120 -41.44 -12.63 3.66
N GLN C 121 -41.21 -11.31 3.65
CA GLN C 121 -40.00 -10.75 4.25
C GLN C 121 -40.13 -10.55 5.76
N ASN C 122 -41.34 -10.41 6.26
CA ASN C 122 -41.53 -10.15 7.68
C ASN C 122 -41.00 -11.31 8.52
N PRO C 123 -40.24 -11.05 9.58
CA PRO C 123 -39.84 -12.12 10.49
C PRO C 123 -41.01 -12.92 11.04
N PHE C 124 -42.16 -12.28 11.27
CA PHE C 124 -43.29 -12.97 11.86
C PHE C 124 -43.96 -13.90 10.86
N ARG C 125 -43.67 -13.75 9.58
CA ARG C 125 -44.14 -14.65 8.55
C ARG C 125 -43.04 -15.60 8.12
N ARG C 126 -41.91 -15.61 8.83
CA ARG C 126 -40.81 -16.54 8.60
C ARG C 126 -40.49 -17.25 9.91
N PRO C 127 -41.38 -18.14 10.36
CA PRO C 127 -41.15 -18.78 11.66
C PRO C 127 -39.87 -19.60 11.71
N ILE C 128 -39.66 -20.49 10.74
CA ILE C 128 -38.52 -21.39 10.81
C ILE C 128 -37.23 -20.60 10.63
N ALA C 129 -37.26 -19.56 9.80
CA ALA C 129 -36.04 -18.79 9.57
C ALA C 129 -35.70 -17.94 10.77
N MET C 130 -36.71 -17.44 11.49
CA MET C 130 -36.42 -16.69 12.70
C MET C 130 -36.01 -17.61 13.83
N THR C 131 -36.43 -18.87 13.78
CA THR C 131 -35.98 -19.82 14.78
C THR C 131 -34.51 -20.15 14.55
N VAL C 132 -34.14 -20.41 13.31
CA VAL C 132 -32.75 -20.74 13.02
C VAL C 132 -31.87 -19.53 13.27
N PHE C 133 -32.37 -18.32 12.98
CA PHE C 133 -31.55 -17.14 13.13
C PHE C 133 -31.34 -16.81 14.61
N LEU C 134 -32.42 -16.87 15.41
CA LEU C 134 -32.25 -16.54 16.81
C LEU C 134 -31.47 -17.61 17.55
N PHE C 135 -31.61 -18.87 17.15
CA PHE C 135 -30.77 -19.90 17.75
C PHE C 135 -29.32 -19.70 17.37
N GLY C 136 -29.05 -19.30 16.13
CA GLY C 136 -27.68 -19.14 15.70
C GLY C 136 -27.06 -17.89 16.28
N THR C 137 -27.87 -16.86 16.53
CA THR C 137 -27.34 -15.67 17.16
C THR C 137 -27.02 -15.94 18.63
N ALA C 138 -27.87 -16.73 19.30
CA ALA C 138 -27.56 -17.06 20.68
C ALA C 138 -26.37 -18.00 20.75
N ALA C 139 -26.20 -18.86 19.75
CA ALA C 139 -25.07 -19.78 19.76
C ALA C 139 -23.77 -19.05 19.43
N ALA C 140 -23.83 -18.02 18.57
CA ALA C 140 -22.62 -17.28 18.26
C ALA C 140 -22.26 -16.36 19.41
N LEU C 141 -23.24 -15.84 20.14
CA LEU C 141 -22.92 -15.04 21.30
C LEU C 141 -22.41 -15.90 22.44
N TRP C 142 -22.88 -17.15 22.51
CA TRP C 142 -22.45 -18.05 23.56
C TRP C 142 -21.02 -18.53 23.28
N LEU C 143 -20.73 -18.84 22.02
CA LEU C 143 -19.38 -19.21 21.64
C LEU C 143 -18.43 -18.04 21.84
N GLY C 144 -18.83 -16.84 21.41
CA GLY C 144 -17.99 -15.68 21.61
C GLY C 144 -17.69 -15.41 23.07
N ALA C 145 -18.71 -15.52 23.92
CA ALA C 145 -18.47 -15.38 25.35
C ALA C 145 -17.59 -16.49 25.88
N GLY C 146 -17.67 -17.69 25.29
CA GLY C 146 -16.85 -18.78 25.74
C GLY C 146 -15.38 -18.58 25.42
N ALA C 147 -15.07 -17.86 24.34
CA ALA C 147 -13.69 -17.73 23.92
C ALA C 147 -12.87 -17.05 25.00
N THR C 148 -13.46 -16.08 25.70
CA THR C 148 -12.73 -15.32 26.70
C THR C 148 -12.41 -16.18 27.91
N PHE C 149 -13.31 -17.09 28.27
CA PHE C 149 -13.14 -17.89 29.47
C PHE C 149 -11.97 -18.86 29.32
N PRO C 150 -11.56 -19.48 30.42
CA PRO C 150 -10.64 -20.61 30.32
C PRO C 150 -11.27 -21.77 29.54
N ILE C 151 -10.41 -22.61 28.97
CA ILE C 151 -10.90 -23.75 28.19
C ILE C 151 -11.71 -24.72 29.05
N ASP C 152 -11.45 -24.76 30.35
CA ASP C 152 -12.24 -25.65 31.20
C ASP C 152 -13.65 -25.11 31.38
N LYS C 153 -13.80 -23.80 31.55
CA LYS C 153 -15.08 -23.18 31.83
C LYS C 153 -15.62 -22.43 30.62
N SER C 154 -15.08 -22.71 29.43
CA SER C 154 -15.48 -21.96 28.24
C SER C 154 -16.87 -22.36 27.78
N LEU C 155 -17.19 -23.66 27.85
CA LEU C 155 -18.45 -24.15 27.29
C LEU C 155 -19.64 -23.87 28.21
N THR C 156 -19.39 -23.58 29.48
CA THR C 156 -20.46 -23.30 30.44
C THR C 156 -20.41 -21.87 30.97
N LEU C 157 -19.45 -21.06 30.52
CA LEU C 157 -19.23 -19.71 31.07
C LEU C 157 -19.09 -19.76 32.58
N GLY C 158 -18.55 -20.85 33.10
CA GLY C 158 -18.40 -21.01 34.54
C GLY C 158 -19.70 -21.00 35.31
N LEU C 159 -20.83 -20.97 34.61
CA LEU C 159 -22.11 -20.79 35.29
C LEU C 159 -22.51 -22.05 36.05
N PHE C 160 -22.22 -23.22 35.49
CA PHE C 160 -22.57 -24.48 36.13
C PHE C 160 -21.58 -25.57 35.74
N TYR D 45 7.63 -15.23 50.04
CA TYR D 45 6.94 -13.92 50.19
C TYR D 45 7.19 -13.07 48.94
N PRO D 46 6.74 -11.81 48.93
CA PRO D 46 7.08 -10.95 47.79
C PRO D 46 8.56 -10.65 47.66
N PHE D 47 9.33 -10.69 48.76
CA PHE D 47 10.74 -10.36 48.65
C PHE D 47 11.56 -11.51 48.07
N TRP D 48 11.02 -12.73 48.10
CA TRP D 48 11.67 -13.82 47.39
C TRP D 48 11.43 -13.72 45.90
N ALA D 49 10.47 -12.90 45.47
CA ALA D 49 10.36 -12.57 44.06
C ALA D 49 11.43 -11.56 43.67
N GLN D 50 11.69 -10.59 44.53
CA GLN D 50 12.81 -9.68 44.30
C GLN D 50 14.10 -10.47 44.21
N GLU D 51 14.26 -11.48 45.06
CA GLU D 51 15.49 -12.26 45.05
C GLU D 51 15.56 -13.13 43.79
N THR D 52 14.54 -13.95 43.55
CA THR D 52 14.60 -14.92 42.46
C THR D 52 14.73 -14.23 41.10
N ALA D 53 13.91 -13.21 40.86
CA ALA D 53 13.86 -12.52 39.57
C ALA D 53 13.96 -11.01 39.79
N PRO D 54 15.12 -10.52 40.21
CA PRO D 54 15.23 -9.10 40.58
C PRO D 54 14.87 -8.15 39.44
N LEU D 55 15.14 -8.54 38.19
CA LEU D 55 14.92 -7.64 37.07
C LEU D 55 13.47 -7.19 37.01
N THR D 56 12.53 -8.13 37.07
CA THR D 56 11.12 -7.81 36.89
C THR D 56 10.28 -8.97 37.39
N PRO D 57 9.16 -8.71 38.05
CA PRO D 57 8.28 -9.84 38.41
C PRO D 57 7.64 -10.52 37.22
N ARG D 58 7.27 -9.77 36.19
CA ARG D 58 6.61 -10.33 35.03
C ARG D 58 7.63 -10.91 34.06
N GLU D 59 7.37 -12.13 33.58
CA GLU D 59 8.16 -12.71 32.53
C GLU D 59 7.74 -12.13 31.19
N ALA D 60 8.39 -12.57 30.11
CA ALA D 60 8.00 -12.11 28.79
C ALA D 60 6.66 -12.68 28.39
N THR D 61 6.34 -13.89 28.84
CA THR D 61 5.05 -14.51 28.56
C THR D 61 3.92 -13.84 29.32
N GLY D 62 4.24 -12.98 30.29
CA GLY D 62 3.24 -12.31 31.09
C GLY D 62 2.85 -13.05 32.34
N ARG D 63 3.56 -14.12 32.69
CA ARG D 63 3.30 -14.89 33.90
C ARG D 63 4.16 -14.33 35.02
N ILE D 64 3.52 -13.73 36.02
CA ILE D 64 4.26 -13.22 37.17
C ILE D 64 4.96 -14.37 37.87
N VAL D 65 6.17 -14.11 38.37
CA VAL D 65 6.99 -15.16 38.97
C VAL D 65 6.35 -15.79 40.19
N CYS D 66 5.41 -15.11 40.84
CA CYS D 66 4.70 -15.70 41.97
C CYS D 66 4.23 -17.11 41.66
N ALA D 67 3.82 -17.36 40.42
CA ALA D 67 3.24 -18.65 40.08
C ALA D 67 4.27 -19.76 40.13
N ASN D 68 5.56 -19.42 39.94
CA ASN D 68 6.60 -20.44 39.94
C ASN D 68 6.66 -21.19 41.26
N CYS D 69 6.07 -20.64 42.32
CA CYS D 69 6.14 -21.24 43.64
C CYS D 69 4.78 -21.38 44.29
N HIS D 70 3.88 -20.42 44.08
CA HIS D 70 2.47 -20.52 44.45
C HIS D 70 1.71 -21.25 43.35
N LEU D 71 1.64 -22.58 43.45
CA LEU D 71 1.19 -23.37 42.32
C LEU D 71 -0.32 -23.25 42.11
N ALA D 72 -1.09 -23.11 43.18
CA ALA D 72 -2.53 -23.00 43.02
C ALA D 72 -2.89 -21.69 42.32
N GLN D 73 -4.15 -21.59 41.90
CA GLN D 73 -4.62 -20.48 41.05
C GLN D 73 -5.97 -19.97 41.55
N LYS D 74 -5.93 -19.11 42.56
CA LYS D 74 -7.12 -18.43 43.05
C LYS D 74 -7.37 -17.16 42.24
N ALA D 75 -8.46 -16.46 42.56
CA ALA D 75 -8.81 -15.25 41.84
C ALA D 75 -7.90 -14.07 42.26
N ALA D 76 -8.19 -12.91 41.67
CA ALA D 76 -7.53 -11.66 42.02
C ALA D 76 -8.18 -10.52 41.24
N GLU D 77 -8.29 -9.33 41.83
CA GLU D 77 -8.95 -8.22 41.14
C GLU D 77 -8.23 -6.92 41.45
N VAL D 78 -8.35 -5.96 40.52
CA VAL D 78 -7.89 -4.59 40.72
C VAL D 78 -9.01 -3.65 40.28
N GLU D 79 -9.39 -2.72 41.15
CA GLU D 79 -10.38 -1.70 40.83
C GLU D 79 -9.66 -0.39 40.51
N ILE D 80 -9.06 -0.35 39.33
CA ILE D 80 -8.31 0.82 38.88
C ILE D 80 -9.17 1.64 37.94
N PRO D 81 -9.20 2.96 38.05
CA PRO D 81 -10.10 3.75 37.20
C PRO D 81 -9.81 3.56 35.72
N GLN D 82 -10.88 3.55 34.93
CA GLN D 82 -10.70 3.41 33.49
C GLN D 82 -9.80 4.51 32.92
N ALA D 83 -9.63 5.60 33.66
CA ALA D 83 -8.81 6.72 33.23
C ALA D 83 -8.50 7.57 34.44
N VAL D 84 -7.32 8.17 34.45
CA VAL D 84 -6.85 8.98 35.57
C VAL D 84 -6.13 10.20 35.02
N LEU D 85 -6.55 11.39 35.43
CA LEU D 85 -5.91 12.61 34.99
C LEU D 85 -4.47 12.64 35.49
N PRO D 86 -3.61 13.45 34.88
CA PRO D 86 -2.21 13.45 35.29
C PRO D 86 -2.01 14.13 36.64
N ASP D 87 -1.02 13.64 37.38
CA ASP D 87 -0.64 14.20 38.67
C ASP D 87 -1.82 14.24 39.62
N THR D 88 -2.51 13.11 39.75
CA THR D 88 -3.67 12.98 40.62
C THR D 88 -3.55 11.68 41.39
N VAL D 89 -3.67 11.76 42.71
CA VAL D 89 -3.71 10.56 43.54
C VAL D 89 -5.05 9.87 43.30
N PHE D 90 -4.99 8.61 42.88
CA PHE D 90 -6.17 7.75 42.80
C PHE D 90 -5.88 6.48 43.61
N GLU D 91 -6.82 5.55 43.60
CA GLU D 91 -6.70 4.33 44.39
C GLU D 91 -6.95 3.11 43.51
N ALA D 92 -6.19 2.06 43.76
CA ALA D 92 -6.33 0.78 43.07
C ALA D 92 -6.63 -0.27 44.13
N VAL D 93 -7.90 -0.61 44.28
CA VAL D 93 -8.35 -1.54 45.32
C VAL D 93 -8.08 -2.94 44.80
N VAL D 94 -6.99 -3.55 45.26
CA VAL D 94 -6.61 -4.91 44.88
C VAL D 94 -7.36 -5.87 45.79
N LYS D 95 -8.41 -6.50 45.27
CA LYS D 95 -9.10 -7.54 46.01
C LYS D 95 -8.36 -8.86 45.89
N ILE D 96 -8.12 -9.50 47.03
CA ILE D 96 -7.49 -10.82 47.12
C ILE D 96 -8.46 -11.70 47.90
N PRO D 97 -9.59 -12.08 47.31
CA PRO D 97 -10.66 -12.69 48.10
C PRO D 97 -10.54 -14.19 48.29
N TYR D 98 -10.25 -14.61 49.51
CA TYR D 98 -10.28 -16.01 49.90
C TYR D 98 -11.28 -16.20 51.03
N ASP D 99 -11.84 -17.40 51.12
CA ASP D 99 -12.73 -17.73 52.23
C ASP D 99 -12.06 -17.42 53.56
N LEU D 100 -12.75 -16.65 54.39
CA LEU D 100 -12.15 -16.21 55.65
C LEU D 100 -11.94 -17.39 56.60
N ASP D 101 -12.89 -18.32 56.63
CA ASP D 101 -12.83 -19.40 57.61
C ASP D 101 -11.82 -20.48 57.25
N SER D 102 -11.47 -20.59 55.97
CA SER D 102 -10.51 -21.60 55.55
C SER D 102 -9.18 -21.41 56.28
N GLN D 103 -8.58 -22.53 56.67
CA GLN D 103 -7.33 -22.53 57.42
C GLN D 103 -6.28 -23.29 56.62
N GLN D 104 -5.05 -22.81 56.68
CA GLN D 104 -3.95 -23.39 55.92
C GLN D 104 -2.89 -23.94 56.88
N VAL D 105 -2.16 -24.93 56.40
CA VAL D 105 -1.10 -25.57 57.19
C VAL D 105 0.05 -24.58 57.34
N LEU D 106 0.29 -24.11 58.56
CA LEU D 106 1.44 -23.27 58.82
C LEU D 106 2.72 -24.10 58.75
N GLY D 107 3.83 -23.41 58.50
CA GLY D 107 5.10 -24.11 58.30
C GLY D 107 5.38 -25.13 59.37
N ASP D 108 5.05 -24.82 60.62
CA ASP D 108 5.29 -25.74 61.71
C ASP D 108 4.47 -27.02 61.54
N GLY D 109 3.24 -26.89 61.06
CA GLY D 109 2.36 -28.03 60.88
C GLY D 109 0.94 -27.71 61.28
N SER D 110 0.79 -26.97 62.37
CA SER D 110 -0.54 -26.61 62.86
C SER D 110 -1.20 -25.62 61.91
N LYS D 111 -2.50 -25.82 61.67
CA LYS D 111 -3.24 -24.94 60.78
C LYS D 111 -3.29 -23.52 61.33
N GLY D 112 -3.55 -22.57 60.45
CA GLY D 112 -3.63 -21.19 60.88
C GLY D 112 -4.27 -20.30 59.84
N GLY D 113 -4.18 -19.00 60.07
CA GLY D 113 -4.72 -18.04 59.13
C GLY D 113 -3.82 -17.77 57.95
N LEU D 114 -4.43 -17.48 56.81
CA LEU D 114 -3.68 -17.12 55.62
C LEU D 114 -3.25 -15.65 55.68
N ASN D 115 -2.25 -15.32 54.87
CA ASN D 115 -1.85 -13.95 54.63
C ASN D 115 -2.02 -13.64 53.14
N VAL D 116 -1.91 -12.36 52.80
CA VAL D 116 -2.19 -11.89 51.45
C VAL D 116 -1.14 -10.88 51.04
N GLY D 117 -0.49 -11.13 49.90
CA GLY D 117 0.44 -10.17 49.32
C GLY D 117 0.11 -9.94 47.86
N ALA D 118 0.87 -9.04 47.24
CA ALA D 118 0.57 -8.73 45.85
C ALA D 118 1.71 -7.93 45.23
N VAL D 119 1.79 -8.01 43.91
CA VAL D 119 2.73 -7.25 43.09
C VAL D 119 1.90 -6.50 42.05
N LEU D 120 1.54 -5.27 42.38
CA LEU D 120 0.80 -4.38 41.48
C LEU D 120 1.81 -3.68 40.56
N MET D 121 1.92 -4.15 39.33
CA MET D 121 2.82 -3.59 38.32
C MET D 121 2.06 -2.50 37.58
N LEU D 122 2.22 -1.26 38.07
CA LEU D 122 1.62 -0.09 37.47
C LEU D 122 2.36 0.26 36.18
N PRO D 123 1.80 1.14 35.36
CA PRO D 123 2.51 1.58 34.16
C PRO D 123 3.73 2.43 34.50
N GLU D 124 4.50 2.75 33.47
CA GLU D 124 5.66 3.60 33.63
C GLU D 124 5.25 4.99 34.07
N GLY D 125 5.97 5.54 35.06
CA GLY D 125 5.72 6.85 35.58
C GLY D 125 4.87 6.86 36.84
N PHE D 126 3.96 5.91 36.96
CA PHE D 126 3.14 5.79 38.15
C PHE D 126 3.99 5.33 39.34
N LYS D 127 3.49 5.59 40.53
CA LYS D 127 4.18 5.24 41.76
C LYS D 127 3.14 5.11 42.87
N ILE D 128 3.61 4.98 44.11
CA ILE D 128 2.73 5.08 45.27
C ILE D 128 2.74 6.51 45.75
N ALA D 129 1.57 7.11 45.84
CA ALA D 129 1.45 8.49 46.28
C ALA D 129 2.16 8.67 47.62
N PRO D 130 2.97 9.71 47.78
CA PRO D 130 3.55 9.99 49.10
C PRO D 130 2.48 10.40 50.08
N PRO D 131 2.74 10.27 51.39
CA PRO D 131 1.68 10.57 52.37
C PRO D 131 1.16 11.99 52.29
N ASP D 132 2.01 12.96 51.93
CA ASP D 132 1.55 14.34 51.84
C ASP D 132 0.51 14.51 50.74
N ARG D 133 0.68 13.82 49.62
CA ARG D 133 -0.29 13.90 48.54
C ARG D 133 -1.58 13.19 48.88
N LEU D 134 -1.54 12.25 49.83
CA LEU D 134 -2.73 11.52 50.20
C LEU D 134 -3.72 12.45 50.91
N SER D 135 -5.00 12.28 50.59
CA SER D 135 -6.06 12.95 51.32
C SER D 135 -6.35 12.23 52.64
N GLU D 136 -6.98 12.95 53.55
CA GLU D 136 -7.27 12.34 54.85
C GLU D 136 -8.14 11.10 54.67
N GLY D 137 -9.10 11.15 53.75
CA GLY D 137 -9.91 9.98 53.48
C GLY D 137 -9.06 8.82 53.02
N LEU D 138 -8.10 9.09 52.14
CA LEU D 138 -7.24 8.03 51.65
C LEU D 138 -6.13 7.72 52.65
N LYS D 139 -5.82 8.67 53.54
CA LYS D 139 -4.96 8.36 54.67
C LYS D 139 -5.61 7.28 55.53
N GLU D 140 -6.92 7.36 55.69
CA GLU D 140 -7.65 6.39 56.49
C GLU D 140 -7.81 5.08 55.72
N LYS D 141 -8.18 5.17 54.44
CA LYS D 141 -8.43 3.96 53.66
C LYS D 141 -7.16 3.12 53.56
N VAL D 142 -6.04 3.75 53.21
CA VAL D 142 -4.78 3.01 53.07
C VAL D 142 -4.31 2.50 54.42
N GLY D 143 -4.40 3.33 55.46
CA GLY D 143 -3.94 2.93 56.77
C GLY D 143 -2.43 2.88 56.84
N GLY D 144 -1.91 1.89 57.55
CA GLY D 144 -0.48 1.75 57.74
C GLY D 144 0.16 0.71 56.85
N THR D 145 -0.46 0.44 55.70
CA THR D 145 0.10 -0.50 54.75
C THR D 145 1.44 0.01 54.22
N TYR D 146 2.46 -0.83 54.30
CA TYR D 146 3.79 -0.48 53.80
C TYR D 146 3.91 -0.97 52.37
N PHE D 147 4.11 -0.03 51.45
CA PHE D 147 4.30 -0.34 50.03
C PHE D 147 5.75 -0.06 49.65
N GLN D 148 6.38 -1.04 49.00
CA GLN D 148 7.77 -0.93 48.62
C GLN D 148 7.91 -1.14 47.12
N PRO D 149 8.83 -0.44 46.47
CA PRO D 149 9.07 -0.71 45.04
C PRO D 149 9.77 -2.04 44.85
N TYR D 150 9.41 -2.73 43.77
CA TYR D 150 10.04 -4.02 43.49
C TYR D 150 11.55 -3.88 43.46
N ARG D 151 12.04 -2.71 43.08
CA ARG D 151 13.44 -2.35 43.18
C ARG D 151 13.52 -0.84 42.99
N GLU D 152 14.61 -0.24 43.46
CA GLU D 152 14.83 1.17 43.17
C GLU D 152 14.95 1.36 41.66
N ASP D 153 14.50 2.52 41.20
CA ASP D 153 14.39 2.87 39.78
C ASP D 153 13.23 2.13 39.12
N MET D 154 12.42 1.41 39.91
CA MET D 154 11.22 0.74 39.42
C MET D 154 10.08 0.99 40.39
N GLU D 155 9.80 2.27 40.64
CA GLU D 155 8.75 2.64 41.57
C GLU D 155 7.36 2.26 41.07
N ASN D 156 7.18 2.19 39.75
CA ASN D 156 5.88 1.80 39.21
C ASN D 156 5.42 0.48 39.78
N VAL D 157 6.27 -0.56 39.70
CA VAL D 157 5.92 -1.85 40.28
C VAL D 157 6.02 -1.75 41.79
N VAL D 158 4.98 -2.20 42.49
CA VAL D 158 4.89 -2.10 43.94
C VAL D 158 4.53 -3.48 44.48
N ILE D 159 5.21 -3.91 45.54
CA ILE D 159 4.97 -5.21 46.14
C ILE D 159 4.49 -5.01 47.57
N VAL D 160 3.19 -5.16 47.79
CA VAL D 160 2.66 -5.19 49.15
C VAL D 160 2.74 -6.61 49.66
N GLY D 161 2.59 -6.80 50.96
CA GLY D 161 2.56 -8.13 51.53
C GLY D 161 3.88 -8.48 52.19
N PRO D 162 3.86 -9.51 53.04
CA PRO D 162 2.69 -10.27 53.49
C PRO D 162 1.87 -9.52 54.52
N LEU D 163 0.55 -9.54 54.38
CA LEU D 163 -0.34 -8.87 55.30
C LEU D 163 -1.37 -9.87 55.84
N PRO D 164 -1.70 -9.79 57.13
CA PRO D 164 -2.75 -10.67 57.65
C PRO D 164 -4.03 -10.59 56.83
N GLY D 165 -4.47 -11.73 56.31
CA GLY D 165 -5.59 -11.76 55.37
C GLY D 165 -6.92 -11.37 55.96
N GLU D 166 -7.08 -11.50 57.28
CA GLU D 166 -8.37 -11.21 57.89
C GLU D 166 -8.83 -9.78 57.60
N GLN D 167 -7.92 -8.82 57.65
CA GLN D 167 -8.26 -7.41 57.52
C GLN D 167 -7.69 -6.77 56.26
N TYR D 168 -7.15 -7.58 55.35
CA TYR D 168 -6.62 -7.11 54.08
C TYR D 168 -7.19 -7.91 52.93
N GLN D 169 -8.46 -8.30 53.05
CA GLN D 169 -9.18 -8.87 51.91
C GLN D 169 -9.18 -7.93 50.72
N GLU D 170 -8.95 -6.64 50.96
CA GLU D 170 -8.87 -5.63 49.92
C GLU D 170 -7.78 -4.65 50.31
N ILE D 171 -6.75 -4.54 49.48
CA ILE D 171 -5.62 -3.65 49.75
C ILE D 171 -5.72 -2.45 48.82
N VAL D 172 -5.98 -1.28 49.39
CA VAL D 172 -6.06 -0.05 48.63
C VAL D 172 -4.65 0.42 48.34
N PHE D 173 -4.25 0.40 47.06
CA PHE D 173 -2.95 0.89 46.66
C PHE D 173 -3.11 2.35 46.26
N PRO D 174 -2.61 3.31 47.05
CA PRO D 174 -2.76 4.71 46.64
C PRO D 174 -1.75 5.08 45.57
N VAL D 175 -2.21 5.16 44.33
CA VAL D 175 -1.34 5.47 43.21
C VAL D 175 -1.32 6.98 42.99
N LEU D 176 -0.24 7.45 42.37
CA LEU D 176 -0.14 8.85 41.94
C LEU D 176 0.23 8.84 40.46
N SER D 177 -0.68 9.32 39.62
CA SER D 177 -0.45 9.33 38.19
C SER D 177 0.65 10.33 37.84
N PRO D 178 1.43 10.06 36.80
CA PRO D 178 2.47 11.00 36.39
C PRO D 178 1.91 12.12 35.52
N ASP D 179 2.70 13.19 35.41
CA ASP D 179 2.35 14.29 34.53
C ASP D 179 3.20 14.24 33.28
N PRO D 180 2.65 13.89 32.11
CA PRO D 180 3.45 13.97 30.88
C PRO D 180 4.01 15.36 30.62
N ALA D 181 3.32 16.41 31.08
CA ALA D 181 3.83 17.76 30.89
C ALA D 181 5.19 17.92 31.55
N LYS D 182 5.30 17.50 32.81
CA LYS D 182 6.56 17.67 33.55
C LYS D 182 7.61 16.69 33.05
N ASP D 183 7.23 15.43 32.86
CA ASP D 183 8.17 14.38 32.46
C ASP D 183 7.93 14.04 30.99
N LYS D 184 8.94 14.29 30.16
CA LYS D 184 8.81 14.01 28.73
C LYS D 184 8.68 12.52 28.46
N SER D 185 9.33 11.68 29.27
CA SER D 185 9.29 10.25 29.03
C SER D 185 7.85 9.73 29.09
N ILE D 186 7.03 10.29 29.96
CA ILE D 186 5.66 9.84 30.15
C ILE D 186 4.80 10.47 29.07
N ASN D 187 3.87 9.68 28.53
CA ASN D 187 2.89 10.17 27.56
C ASN D 187 1.49 9.76 27.98
N TYR D 188 0.50 10.48 27.45
CA TYR D 188 -0.90 10.15 27.68
C TYR D 188 -1.29 8.97 26.80
N GLY D 189 -1.91 7.97 27.41
CA GLY D 189 -2.40 6.84 26.63
C GLY D 189 -2.89 5.74 27.54
N LYS D 190 -3.49 4.73 26.90
CA LYS D 190 -3.89 3.54 27.62
C LYS D 190 -2.67 2.69 27.94
N PHE D 191 -2.53 2.29 29.20
CA PHE D 191 -1.39 1.52 29.64
C PHE D 191 -1.85 0.34 30.48
N ALA D 192 -1.10 -0.75 30.40
CA ALA D 192 -1.49 -1.99 31.05
C ALA D 192 -1.06 -1.97 32.51
N VAL D 193 -1.94 -2.47 33.37
CA VAL D 193 -1.68 -2.57 34.81
C VAL D 193 -1.84 -4.02 35.19
N HIS D 194 -0.73 -4.70 35.46
CA HIS D 194 -0.77 -6.13 35.76
C HIS D 194 -0.69 -6.34 37.26
N LEU D 195 -1.59 -7.18 37.79
CA LEU D 195 -1.56 -7.47 39.22
C LEU D 195 -1.25 -8.94 39.40
N GLY D 196 -0.42 -9.25 40.39
CA GLY D 196 -0.32 -10.61 40.89
C GLY D 196 -0.62 -10.64 42.38
N ALA D 197 -1.80 -11.11 42.75
CA ALA D 197 -2.23 -11.15 44.14
C ALA D 197 -2.31 -12.58 44.62
N ASN D 198 -1.69 -12.88 45.76
CA ASN D 198 -1.58 -14.24 46.25
C ASN D 198 -2.02 -14.31 47.70
N ARG D 199 -2.75 -15.37 48.04
CA ARG D 199 -3.06 -15.68 49.43
C ARG D 199 -2.52 -17.06 49.79
N GLY D 200 -2.20 -17.24 51.06
CA GLY D 200 -1.71 -18.51 51.56
C GLY D 200 -0.23 -18.74 51.26
N ARG D 201 0.28 -19.82 51.83
CA ARG D 201 1.69 -20.16 51.67
C ARG D 201 1.98 -20.69 50.28
N GLY D 202 3.24 -20.61 49.89
CA GLY D 202 3.70 -21.19 48.64
C GLY D 202 3.80 -22.70 48.71
N GLN D 203 4.42 -23.25 47.67
CA GLN D 203 4.65 -24.69 47.55
C GLN D 203 6.10 -25.07 47.33
N ILE D 204 6.96 -24.13 46.96
CA ILE D 204 8.35 -24.40 46.61
C ILE D 204 9.18 -23.23 47.10
N TYR D 205 10.24 -23.52 47.85
CA TYR D 205 11.11 -22.49 48.38
C TYR D 205 12.03 -21.97 47.29
N PRO D 206 12.70 -20.84 47.52
CA PRO D 206 13.74 -20.41 46.57
C PRO D 206 14.89 -21.39 46.51
N THR D 207 15.11 -22.17 47.57
CA THR D 207 16.13 -23.21 47.56
C THR D 207 15.78 -24.34 46.59
N GLY D 208 14.51 -24.43 46.19
CA GLY D 208 14.02 -25.50 45.34
C GLY D 208 13.45 -26.68 46.08
N LEU D 209 13.52 -26.70 47.40
CA LEU D 209 12.87 -27.75 48.18
C LEU D 209 11.35 -27.53 48.12
N LEU D 210 10.60 -28.43 48.76
CA LEU D 210 9.14 -28.35 48.78
C LEU D 210 8.67 -28.08 50.20
N SER D 211 7.73 -27.14 50.32
CA SER D 211 7.18 -26.75 51.61
C SER D 211 6.14 -27.76 52.08
N ASN D 212 5.84 -27.70 53.38
CA ASN D 212 4.86 -28.62 53.95
C ASN D 212 3.49 -28.43 53.34
N ASN D 213 3.18 -27.23 52.85
CA ASN D 213 1.91 -26.95 52.19
C ASN D 213 2.04 -27.36 50.73
N ASN D 214 1.97 -28.67 50.49
CA ASN D 214 2.10 -29.22 49.15
C ASN D 214 1.77 -30.70 49.13
N ALA D 215 0.98 -31.13 48.14
CA ALA D 215 0.64 -32.55 48.00
C ALA D 215 1.86 -33.30 47.48
N PHE D 216 2.52 -34.04 48.37
CA PHE D 216 3.68 -34.82 47.99
C PHE D 216 3.28 -35.99 47.10
N LYS D 217 4.22 -36.43 46.28
CA LYS D 217 3.97 -37.51 45.33
C LYS D 217 5.12 -38.49 45.35
N ALA D 218 4.87 -39.66 44.77
CA ALA D 218 5.77 -40.80 44.94
C ALA D 218 7.06 -40.57 44.17
N PRO D 219 8.24 -40.79 44.78
CA PRO D 219 9.48 -40.74 44.01
C PRO D 219 9.66 -41.98 43.15
N ASN D 220 9.35 -43.15 43.72
CA ASN D 220 9.48 -44.41 43.01
C ASN D 220 8.36 -45.35 43.45
N ALA D 221 8.08 -46.33 42.60
CA ALA D 221 7.08 -47.35 42.92
C ALA D 221 7.61 -48.28 44.00
N GLY D 222 7.38 -47.92 45.27
CA GLY D 222 7.85 -48.72 46.38
C GLY D 222 6.78 -48.92 47.43
N THR D 223 6.57 -50.17 47.86
CA THR D 223 5.52 -50.44 48.83
C THR D 223 5.81 -49.72 50.14
N ILE D 224 4.75 -49.23 50.78
CA ILE D 224 4.85 -48.52 52.05
C ILE D 224 5.05 -49.55 53.14
N SER D 225 6.31 -49.93 53.40
CA SER D 225 6.60 -50.92 54.42
C SER D 225 6.39 -50.36 55.82
N GLU D 226 6.77 -49.09 56.04
CA GLU D 226 6.71 -48.49 57.37
C GLU D 226 6.06 -47.12 57.29
N VAL D 227 5.24 -46.79 58.28
CA VAL D 227 4.69 -45.45 58.45
C VAL D 227 4.66 -45.15 59.94
N ASN D 228 5.39 -44.13 60.36
CA ASN D 228 5.55 -43.81 61.77
C ASN D 228 5.50 -42.30 61.98
N ALA D 229 4.99 -41.91 63.14
CA ALA D 229 4.83 -40.50 63.51
C ALA D 229 5.96 -40.01 64.40
N LEU D 230 6.37 -40.80 65.40
CA LEU D 230 7.35 -40.38 66.39
C LEU D 230 6.97 -39.05 67.04
N GLU D 231 5.75 -39.02 67.58
CA GLU D 231 5.21 -37.84 68.25
C GLU D 231 5.34 -36.59 67.37
N ALA D 232 5.11 -36.76 66.07
CA ALA D 232 5.17 -35.64 65.14
C ALA D 232 4.27 -35.96 63.96
N GLY D 233 3.99 -34.93 63.15
CA GLY D 233 3.19 -35.14 61.98
C GLY D 233 3.98 -35.54 60.75
N GLY D 234 5.30 -35.62 60.86
CA GLY D 234 6.10 -36.11 59.76
C GLY D 234 6.00 -37.62 59.65
N TYR D 235 6.09 -38.11 58.41
CA TYR D 235 5.91 -39.53 58.12
C TYR D 235 7.04 -39.98 57.20
N GLN D 236 7.94 -40.79 57.75
CA GLN D 236 8.99 -41.44 56.98
C GLN D 236 8.40 -42.66 56.26
N LEU D 237 7.82 -42.41 55.09
CA LEU D 237 7.24 -43.47 54.29
C LEU D 237 8.33 -44.35 53.68
N ILE D 238 7.94 -45.55 53.27
CA ILE D 238 8.84 -46.47 52.58
C ILE D 238 8.10 -47.13 51.43
N GLY D 244 10.98 -51.45 45.22
CA GLY D 244 12.00 -50.46 45.45
C GLY D 244 12.09 -50.04 46.91
N THR D 245 10.92 -49.87 47.53
CA THR D 245 10.83 -49.49 48.94
C THR D 245 11.76 -48.31 49.25
N GLU D 246 11.67 -47.29 48.41
CA GLU D 246 12.48 -46.09 48.59
C GLU D 246 12.00 -45.31 49.81
N THR D 247 12.87 -45.18 50.81
CA THR D 247 12.54 -44.42 52.00
C THR D 247 12.45 -42.93 51.66
N VAL D 248 11.26 -42.36 51.82
CA VAL D 248 11.02 -40.93 51.62
C VAL D 248 10.47 -40.37 52.92
N ASP D 249 10.69 -39.08 53.15
CA ASP D 249 10.16 -38.41 54.33
C ASP D 249 9.19 -37.32 53.90
N ILE D 250 8.11 -37.17 54.66
CA ILE D 250 7.20 -36.04 54.45
C ILE D 250 7.09 -35.26 55.76
N PRO D 251 6.94 -33.94 55.72
CA PRO D 251 6.77 -33.15 56.95
C PRO D 251 5.38 -33.26 57.57
N ALA D 252 5.14 -32.45 58.59
CA ALA D 252 3.93 -32.52 59.42
C ALA D 252 2.82 -31.61 58.91
N GLY D 253 2.67 -31.51 57.59
CA GLY D 253 1.64 -30.70 57.01
C GLY D 253 0.41 -31.51 56.65
N PRO D 254 0.37 -32.10 55.45
CA PRO D 254 -0.84 -32.74 54.98
C PRO D 254 -1.05 -34.11 55.59
N GLU D 255 -2.32 -34.49 55.72
CA GLU D 255 -2.67 -35.82 56.18
C GLU D 255 -2.57 -36.82 55.04
N LEU D 256 -2.09 -38.01 55.36
CA LEU D 256 -1.90 -39.05 54.35
C LEU D 256 -3.23 -39.54 53.78
N ILE D 257 -3.24 -39.74 52.46
CA ILE D 257 -4.31 -40.46 51.79
C ILE D 257 -3.91 -41.89 51.49
N VAL D 258 -2.66 -42.25 51.77
CA VAL D 258 -2.08 -43.55 51.45
C VAL D 258 -1.55 -44.24 52.72
N SER D 259 -2.10 -43.87 53.87
CA SER D 259 -1.61 -44.41 55.14
C SER D 259 -1.62 -45.93 55.18
N ALA D 260 -2.53 -46.56 54.45
CA ALA D 260 -2.58 -48.01 54.43
C ALA D 260 -1.30 -48.57 53.80
N GLY D 261 -1.12 -49.88 53.96
CA GLY D 261 0.04 -50.55 53.38
C GLY D 261 -0.09 -50.87 51.91
N GLN D 262 -0.99 -50.19 51.22
CA GLN D 262 -1.14 -50.36 49.79
C GLN D 262 0.18 -50.07 49.07
N THR D 263 0.45 -50.84 48.02
CA THR D 263 1.61 -50.57 47.19
C THR D 263 1.47 -49.21 46.51
N VAL D 264 2.61 -48.58 46.25
CA VAL D 264 2.65 -47.24 45.65
C VAL D 264 3.32 -47.35 44.29
N GLU D 265 2.95 -46.42 43.40
CA GLU D 265 3.60 -46.26 42.11
C GLU D 265 4.15 -44.85 41.99
N ALA D 266 5.18 -44.70 41.15
CA ALA D 266 5.82 -43.40 40.99
C ALA D 266 4.83 -42.40 40.41
N GLY D 267 4.80 -41.20 40.99
CA GLY D 267 3.96 -40.12 40.53
C GLY D 267 2.68 -39.95 41.33
N GLU D 268 2.15 -41.04 41.90
CA GLU D 268 0.87 -40.98 42.57
C GLU D 268 0.98 -40.19 43.87
N PHE D 269 0.00 -39.31 44.10
CA PHE D 269 0.04 -38.44 45.27
C PHE D 269 -0.05 -39.26 46.55
N LEU D 270 0.93 -39.08 47.43
CA LEU D 270 0.93 -39.80 48.70
C LEU D 270 -0.02 -39.15 49.72
N THR D 271 -0.24 -37.85 49.62
CA THR D 271 -1.00 -37.10 50.60
C THR D 271 -2.01 -36.21 49.89
N ASN D 272 -2.95 -35.69 50.68
CA ASN D 272 -3.88 -34.70 50.18
C ASN D 272 -3.19 -33.35 49.98
N ASN D 273 -3.82 -32.47 49.21
CA ASN D 273 -3.30 -31.15 48.95
C ASN D 273 -3.86 -30.17 49.98
N PRO D 274 -3.09 -29.71 50.95
CA PRO D 274 -3.63 -28.80 51.98
C PRO D 274 -3.62 -27.34 51.59
N ASN D 275 -3.30 -27.03 50.33
CA ASN D 275 -3.22 -25.64 49.87
C ASN D 275 -4.62 -25.09 49.69
N VAL D 276 -5.05 -24.26 50.64
CA VAL D 276 -6.34 -23.57 50.55
C VAL D 276 -6.20 -22.18 49.94
N GLY D 277 -4.97 -21.72 49.71
CA GLY D 277 -4.72 -20.44 49.10
C GLY D 277 -4.30 -20.57 47.65
N GLY D 278 -3.95 -19.44 47.05
CA GLY D 278 -3.50 -19.44 45.67
C GLY D 278 -3.12 -18.09 45.12
N PHE D 279 -2.23 -18.12 44.12
CA PHE D 279 -1.82 -16.93 43.40
C PHE D 279 -2.78 -16.69 42.24
N GLY D 280 -3.04 -15.42 41.94
CA GLY D 280 -3.83 -15.04 40.79
C GLY D 280 -3.23 -13.82 40.14
N GLN D 281 -3.50 -13.64 38.86
CA GLN D 281 -3.03 -12.45 38.16
C GLN D 281 -4.12 -11.88 37.28
N LYS D 282 -4.23 -10.55 37.31
CA LYS D 282 -5.30 -9.83 36.61
C LYS D 282 -4.69 -8.63 35.89
N ASP D 283 -4.67 -8.68 34.56
CA ASP D 283 -4.16 -7.59 33.74
C ASP D 283 -5.30 -6.67 33.34
N THR D 284 -5.18 -5.38 33.65
CA THR D 284 -6.21 -4.38 33.36
C THR D 284 -5.58 -3.27 32.52
N GLU D 285 -6.30 -2.16 32.38
CA GLU D 285 -5.81 -1.01 31.65
C GLU D 285 -6.27 0.27 32.31
N VAL D 286 -5.41 1.29 32.27
CA VAL D 286 -5.71 2.62 32.80
C VAL D 286 -5.27 3.64 31.76
N VAL D 287 -6.19 4.52 31.38
CA VAL D 287 -5.92 5.55 30.38
C VAL D 287 -5.47 6.81 31.12
N LEU D 288 -4.18 7.14 31.00
CA LEU D 288 -3.69 8.43 31.47
C LEU D 288 -4.21 9.50 30.51
N GLN D 289 -5.28 10.18 30.90
CA GLN D 289 -6.03 11.05 30.00
C GLN D 289 -5.59 12.50 30.13
N ASN D 290 -5.32 13.13 29.00
CA ASN D 290 -5.08 14.57 28.96
C ASN D 290 -6.40 15.32 29.10
N PRO D 291 -6.57 16.17 30.12
CA PRO D 291 -7.83 16.93 30.21
C PRO D 291 -8.14 17.77 28.99
N THR D 292 -7.11 18.31 28.32
CA THR D 292 -7.35 19.14 27.15
C THR D 292 -7.97 18.31 26.02
N ARG D 293 -7.57 17.05 25.92
CA ARG D 293 -8.17 16.18 24.92
C ARG D 293 -9.67 16.12 25.11
N ILE D 294 -10.14 16.08 26.35
CA ILE D 294 -11.57 15.96 26.57
C ILE D 294 -12.24 17.30 26.46
N LYS D 295 -11.54 18.40 26.75
CA LYS D 295 -12.14 19.70 26.53
C LYS D 295 -12.43 19.90 25.05
N PHE D 296 -11.44 19.58 24.21
CA PHE D 296 -11.65 19.76 22.77
C PHE D 296 -12.58 18.70 22.22
N LEU D 297 -12.65 17.53 22.85
CA LEU D 297 -13.62 16.53 22.43
C LEU D 297 -15.04 17.01 22.71
N VAL D 298 -15.27 17.55 23.89
CA VAL D 298 -16.59 18.03 24.24
C VAL D 298 -16.98 19.18 23.32
N LEU D 299 -16.00 20.00 22.93
CA LEU D 299 -16.32 21.11 22.04
C LEU D 299 -16.66 20.59 20.65
N PHE D 300 -15.92 19.58 20.19
CA PHE D 300 -16.13 19.04 18.86
C PHE D 300 -17.48 18.31 18.78
N LEU D 301 -17.82 17.56 19.83
CA LEU D 301 -19.08 16.83 19.82
C LEU D 301 -20.26 17.76 20.00
N ALA D 302 -20.08 18.88 20.69
CA ALA D 302 -21.17 19.87 20.76
C ALA D 302 -21.34 20.55 19.41
N GLY D 303 -20.23 20.81 18.71
CA GLY D 303 -20.34 21.30 17.34
C GLY D 303 -21.10 20.33 16.45
N ILE D 304 -20.84 19.03 16.62
CA ILE D 304 -21.51 18.03 15.78
C ILE D 304 -22.99 17.97 16.13
N MET D 305 -23.32 18.06 17.42
CA MET D 305 -24.73 18.04 17.82
C MET D 305 -25.47 19.23 17.23
N LEU D 306 -24.84 20.41 17.29
CA LEU D 306 -25.52 21.59 16.79
C LEU D 306 -25.65 21.54 15.29
N SER D 307 -24.62 21.02 14.60
CA SER D 307 -24.72 20.87 13.15
C SER D 307 -25.80 19.87 12.77
N GLN D 308 -26.03 18.86 13.61
CA GLN D 308 -27.11 17.91 13.31
C GLN D 308 -28.47 18.57 13.50
N ILE D 309 -28.58 19.43 14.51
CA ILE D 309 -29.81 20.21 14.67
C ILE D 309 -30.05 21.04 13.42
N LEU D 310 -29.00 21.73 12.96
CA LEU D 310 -29.16 22.59 11.79
C LEU D 310 -29.42 21.78 10.53
N LEU D 311 -29.01 20.51 10.51
CA LEU D 311 -29.30 19.68 9.35
C LEU D 311 -30.76 19.29 9.34
N VAL D 312 -31.32 18.99 10.52
CA VAL D 312 -32.74 18.65 10.55
C VAL D 312 -33.57 19.89 10.24
N LEU D 313 -33.09 21.07 10.65
CA LEU D 313 -33.87 22.28 10.37
C LEU D 313 -33.79 22.66 8.90
N LYS D 314 -32.66 22.40 8.26
CA LYS D 314 -32.59 22.63 6.82
C LYS D 314 -33.46 21.62 6.08
N LYS D 315 -33.57 20.40 6.59
CA LYS D 315 -34.50 19.45 5.97
C LYS D 315 -35.93 19.92 6.16
N LYS D 316 -36.26 20.50 7.32
CA LYS D 316 -37.61 21.03 7.50
C LYS D 316 -37.88 22.14 6.50
N GLN D 317 -36.87 22.96 6.22
CA GLN D 317 -37.08 24.06 5.27
C GLN D 317 -37.26 23.53 3.86
N ILE D 318 -36.44 22.56 3.47
CA ILE D 318 -36.60 22.00 2.13
C ILE D 318 -37.92 21.28 2.02
N GLU D 319 -38.40 20.64 3.10
CA GLU D 319 -39.69 20.00 3.07
C GLU D 319 -40.81 21.01 2.89
N LYS D 320 -40.67 22.20 3.49
CA LYS D 320 -41.68 23.22 3.30
C LYS D 320 -41.69 23.71 1.86
N VAL D 321 -40.49 23.90 1.29
CA VAL D 321 -40.40 24.34 -0.09
C VAL D 321 -41.00 23.30 -1.02
N GLN D 322 -40.67 22.02 -0.79
CA GLN D 322 -41.18 20.96 -1.64
C GLN D 322 -42.69 20.82 -1.52
N ALA D 323 -43.22 20.99 -0.32
CA ALA D 323 -44.68 20.94 -0.14
C ALA D 323 -45.36 22.09 -0.87
N ALA D 324 -44.71 23.26 -0.92
CA ALA D 324 -45.30 24.35 -1.67
C ALA D 324 -45.12 24.16 -3.17
N GLU D 325 -44.08 23.45 -3.58
CA GLU D 325 -43.91 23.13 -4.99
C GLU D 325 -44.98 22.16 -5.47
N LEU D 326 -45.28 21.14 -4.68
CA LEU D 326 -46.31 20.18 -5.08
C LEU D 326 -47.68 20.86 -5.18
N ASN D 327 -47.98 21.77 -4.26
CA ASN D 327 -49.24 22.50 -4.34
C ASN D 327 -49.27 23.35 -5.60
N PHE D 328 -50.43 23.38 -6.25
CA PHE D 328 -50.60 24.17 -7.47
C PHE D 328 -51.82 25.07 -7.36
N MET E 1 -22.36 6.63 37.10
CA MET E 1 -22.17 7.71 38.11
C MET E 1 -23.40 8.61 38.16
N ALA E 2 -23.76 9.04 39.37
CA ALA E 2 -24.90 9.96 39.50
C ALA E 2 -24.54 11.34 38.97
N ALA E 3 -23.30 11.78 39.16
CA ALA E 3 -22.88 13.02 38.54
C ALA E 3 -23.01 12.91 37.02
N GLY E 4 -22.71 11.74 36.47
CA GLY E 4 -22.82 11.58 35.04
C GLY E 4 -24.26 11.65 34.55
N VAL E 5 -25.20 11.15 35.35
CA VAL E 5 -26.60 11.25 34.91
C VAL E 5 -27.07 12.69 35.03
N GLY E 6 -26.57 13.43 36.02
CA GLY E 6 -26.97 14.83 36.13
C GLY E 6 -26.45 15.62 34.96
N ILE E 7 -25.18 15.42 34.60
CA ILE E 7 -24.61 16.14 33.46
C ILE E 7 -25.28 15.70 32.17
N PHE E 8 -25.65 14.42 32.05
CA PHE E 8 -26.36 13.97 30.86
C PHE E 8 -27.70 14.67 30.74
N ILE E 9 -28.45 14.72 31.84
CA ILE E 9 -29.75 15.39 31.81
C ILE E 9 -29.57 16.85 31.40
N GLY E 10 -28.62 17.54 32.03
CA GLY E 10 -28.38 18.93 31.66
C GLY E 10 -28.03 19.07 30.19
N TYR E 11 -27.17 18.18 29.69
CA TYR E 11 -26.76 18.23 28.28
C TYR E 11 -27.98 18.14 27.39
N ILE E 12 -28.79 17.09 27.61
CA ILE E 12 -29.95 16.90 26.75
C ILE E 12 -30.88 18.08 26.88
N ALA E 13 -31.12 18.56 28.09
CA ALA E 13 -32.08 19.64 28.28
C ALA E 13 -31.65 20.87 27.51
N VAL E 14 -30.37 21.24 27.61
CA VAL E 14 -29.93 22.45 26.92
C VAL E 14 -30.04 22.27 25.43
N PHE E 15 -29.68 21.08 24.93
CA PHE E 15 -29.74 20.88 23.49
C PHE E 15 -31.18 20.88 22.98
N THR E 16 -32.12 20.33 23.76
CA THR E 16 -33.52 20.45 23.36
C THR E 16 -33.93 21.91 23.34
N GLY E 17 -33.47 22.67 24.33
CA GLY E 17 -33.81 24.07 24.36
C GLY E 17 -33.27 24.82 23.16
N VAL E 18 -32.04 24.52 22.74
CA VAL E 18 -31.52 25.22 21.57
C VAL E 18 -32.21 24.75 20.30
N THR E 19 -32.51 23.45 20.19
CA THR E 19 -33.14 22.98 18.96
C THR E 19 -34.51 23.60 18.80
N LEU E 20 -35.26 23.72 19.88
CA LEU E 20 -36.63 24.20 19.76
C LEU E 20 -36.67 25.71 19.77
N GLY E 21 -35.70 26.35 20.42
CA GLY E 21 -35.54 27.78 20.27
C GLY E 21 -35.32 28.12 18.81
N LEU E 22 -34.40 27.39 18.17
CA LEU E 22 -34.10 27.67 16.78
C LEU E 22 -35.28 27.31 15.88
N LEU E 23 -35.95 26.20 16.18
CA LEU E 23 -37.07 25.77 15.35
C LEU E 23 -38.17 26.81 15.36
N TYR E 24 -38.66 27.17 16.55
CA TYR E 24 -39.75 28.13 16.63
C TYR E 24 -39.30 29.53 16.24
N GLY E 25 -38.02 29.87 16.46
CA GLY E 25 -37.54 31.18 16.07
C GLY E 25 -37.50 31.34 14.57
N LEU E 26 -36.94 30.33 13.88
CA LEU E 26 -36.84 30.39 12.43
C LEU E 26 -38.22 30.27 11.80
N ARG E 27 -39.11 29.49 12.42
CA ARG E 27 -40.48 29.42 11.93
C ARG E 27 -41.15 30.78 12.08
N PHE E 28 -40.84 31.49 13.17
CA PHE E 28 -41.44 32.79 13.42
C PHE E 28 -40.95 33.81 12.39
N VAL E 29 -39.64 33.90 12.20
CA VAL E 29 -39.07 34.79 11.19
C VAL E 29 -39.30 34.20 9.80
N LYS E 30 -39.92 33.02 9.74
CA LYS E 30 -40.37 32.36 8.51
C LYS E 30 -39.27 31.65 7.75
N LEU E 31 -38.06 31.56 8.32
CA LEU E 31 -36.99 30.80 7.69
C LEU E 31 -37.26 29.30 7.63
N ILE E 32 -38.27 28.81 8.34
CA ILE E 32 -38.66 27.42 8.29
C ILE E 32 -40.18 27.34 8.12
N MET F 1 -17.24 2.64 36.58
CA MET F 1 -16.03 3.42 36.96
C MET F 1 -14.80 2.80 36.30
N THR F 2 -14.46 1.57 36.71
CA THR F 2 -13.30 0.90 36.15
C THR F 2 -13.59 0.46 34.71
N ALA F 3 -12.51 0.27 33.95
CA ALA F 3 -12.67 -0.18 32.57
C ALA F 3 -13.40 -1.52 32.49
N GLU F 4 -13.12 -2.42 33.42
CA GLU F 4 -13.74 -3.74 33.37
C GLU F 4 -15.25 -3.63 33.47
N SER F 5 -15.74 -2.71 34.30
CA SER F 5 -17.18 -2.63 34.54
C SER F 5 -17.89 -2.09 33.32
N MET F 6 -17.17 -1.43 32.42
CA MET F 6 -17.80 -0.90 31.23
C MET F 6 -18.21 -2.01 30.30
N LEU F 7 -17.89 -3.27 30.63
CA LEU F 7 -18.49 -4.37 29.91
C LEU F 7 -19.98 -4.47 30.25
N ALA F 8 -20.31 -4.53 31.53
CA ALA F 8 -21.71 -4.67 31.91
C ALA F 8 -22.44 -3.34 31.83
N ASN F 9 -21.96 -2.34 32.55
CA ASN F 9 -22.69 -1.08 32.59
C ASN F 9 -22.73 -0.44 31.22
N GLY F 10 -21.63 -0.55 30.47
CA GLY F 10 -21.61 0.04 29.16
C GLY F 10 -22.63 -0.60 28.25
N ALA F 11 -22.88 -1.90 28.44
CA ALA F 11 -23.90 -2.55 27.63
C ALA F 11 -25.28 -2.07 28.01
N PHE F 12 -25.56 -1.94 29.30
CA PHE F 12 -26.89 -1.52 29.70
C PHE F 12 -27.12 -0.06 29.36
N ILE F 13 -26.08 0.75 29.50
CA ILE F 13 -26.23 2.15 29.12
C ILE F 13 -26.54 2.23 27.65
N MET F 14 -25.95 1.32 26.85
CA MET F 14 -26.25 1.35 25.43
C MET F 14 -27.72 1.05 25.24
N ILE F 15 -28.19 -0.06 25.82
CA ILE F 15 -29.59 -0.40 25.69
C ILE F 15 -30.41 0.77 26.20
N GLY F 16 -29.99 1.35 27.31
CA GLY F 16 -30.76 2.44 27.89
C GLY F 16 -30.78 3.67 26.99
N LEU F 17 -29.63 4.01 26.42
CA LEU F 17 -29.53 5.26 25.67
C LEU F 17 -29.94 5.14 24.22
N THR F 18 -30.04 3.93 23.68
CA THR F 18 -30.64 3.81 22.36
C THR F 18 -32.12 4.11 22.42
N LEU F 19 -32.82 3.56 23.41
CA LEU F 19 -34.25 3.79 23.48
C LEU F 19 -34.55 5.20 23.92
N LEU F 20 -33.73 5.73 24.81
CA LEU F 20 -33.88 7.12 25.21
C LEU F 20 -33.57 8.02 24.03
N GLY F 21 -32.66 7.59 23.16
CA GLY F 21 -32.51 8.27 21.91
C GLY F 21 -33.82 8.24 21.17
N LEU F 22 -34.24 7.04 20.78
CA LEU F 22 -35.50 6.87 20.06
C LEU F 22 -36.62 7.70 20.65
N ALA F 23 -36.81 7.57 21.95
CA ALA F 23 -37.99 8.17 22.56
C ALA F 23 -37.89 9.67 22.46
N TRP F 24 -36.70 10.21 22.71
CA TRP F 24 -36.61 11.65 22.75
C TRP F 24 -36.84 12.24 21.38
N GLY F 25 -36.46 11.53 20.31
CA GLY F 25 -36.76 12.06 18.99
C GLY F 25 -38.25 12.15 18.78
N PHE F 26 -39.00 11.16 19.25
CA PHE F 26 -40.44 11.25 19.17
C PHE F 26 -40.94 12.41 20.01
N VAL F 27 -40.30 12.63 21.16
CA VAL F 27 -40.72 13.75 22.00
C VAL F 27 -40.55 15.04 21.21
N ILE F 28 -39.44 15.18 20.49
CA ILE F 28 -39.26 16.40 19.72
C ILE F 28 -40.33 16.48 18.66
N ILE F 29 -40.64 15.36 18.02
CA ILE F 29 -41.67 15.39 16.99
C ILE F 29 -42.98 15.83 17.61
N LYS F 30 -43.32 15.25 18.76
CA LYS F 30 -44.57 15.65 19.39
C LYS F 30 -44.50 17.10 19.83
N LEU F 31 -43.37 17.50 20.41
CA LEU F 31 -43.30 18.85 20.93
C LEU F 31 -43.44 19.89 19.83
N GLN F 32 -42.77 19.68 18.69
CA GLN F 32 -42.81 20.68 17.63
C GLN F 32 -44.24 20.94 17.19
N GLY F 33 -45.04 19.88 17.08
CA GLY F 33 -46.46 19.98 16.80
C GLY F 33 -46.85 20.79 15.58
N SER F 34 -46.16 20.56 14.47
CA SER F 34 -46.48 21.25 13.22
C SER F 34 -46.36 20.29 12.05
N MET G 1 -5.96 -9.39 23.67
CA MET G 1 -6.52 -9.01 24.98
C MET G 1 -8.01 -8.69 24.87
N ILE G 2 -8.70 -8.67 26.01
CA ILE G 2 -10.11 -8.34 26.05
C ILE G 2 -10.28 -6.84 26.27
N GLU G 3 -11.02 -6.19 25.38
CA GLU G 3 -11.37 -4.79 25.54
C GLU G 3 -12.76 -4.69 26.16
N PRO G 4 -12.87 -4.47 27.48
CA PRO G 4 -14.21 -4.54 28.10
C PRO G 4 -15.18 -3.51 27.57
N LEU G 5 -14.73 -2.27 27.37
CA LEU G 5 -15.63 -1.24 26.86
C LEU G 5 -16.19 -1.63 25.50
N LEU G 6 -15.34 -2.15 24.62
CA LEU G 6 -15.79 -2.46 23.27
C LEU G 6 -16.79 -3.60 23.29
N LEU G 7 -16.60 -4.57 24.19
CA LEU G 7 -17.58 -5.64 24.29
C LEU G 7 -18.83 -5.20 25.04
N GLY G 8 -18.77 -4.08 25.75
CA GLY G 8 -19.97 -3.55 26.36
C GLY G 8 -20.79 -2.89 25.27
N ILE G 9 -20.12 -2.11 24.42
CA ILE G 9 -20.82 -1.50 23.29
C ILE G 9 -21.40 -2.58 22.39
N VAL G 10 -20.70 -3.72 22.26
CA VAL G 10 -21.16 -4.75 21.34
C VAL G 10 -22.36 -5.49 21.91
N LEU G 11 -22.27 -5.92 23.17
CA LEU G 11 -23.37 -6.66 23.78
C LEU G 11 -24.54 -5.75 24.10
N GLY G 12 -24.34 -4.44 24.10
CA GLY G 12 -25.43 -3.52 24.26
C GLY G 12 -26.16 -3.29 22.96
N LEU G 13 -25.39 -2.99 21.89
CA LEU G 13 -26.02 -2.67 20.63
C LEU G 13 -26.67 -3.89 19.96
N ILE G 14 -26.02 -5.05 20.02
CA ILE G 14 -26.59 -6.23 19.33
C ILE G 14 -28.00 -6.56 19.80
N PRO G 15 -28.28 -6.68 21.09
CA PRO G 15 -29.65 -7.04 21.50
C PRO G 15 -30.65 -5.91 21.39
N VAL G 16 -30.20 -4.66 21.49
CA VAL G 16 -31.16 -3.58 21.33
C VAL G 16 -31.52 -3.42 19.87
N THR G 17 -30.57 -3.67 18.97
CA THR G 17 -30.86 -3.61 17.54
C THR G 17 -31.75 -4.77 17.14
N LEU G 18 -31.50 -5.96 17.69
CA LEU G 18 -32.38 -7.09 17.38
C LEU G 18 -33.78 -6.85 17.92
N ALA G 19 -33.90 -6.35 19.15
CA ALA G 19 -35.21 -6.04 19.69
C ALA G 19 -35.93 -5.00 18.84
N GLY G 20 -35.18 -4.02 18.31
CA GLY G 20 -35.83 -2.95 17.58
C GLY G 20 -36.21 -3.38 16.19
N LEU G 21 -35.47 -4.32 15.60
CA LEU G 21 -35.85 -4.83 14.30
C LEU G 21 -37.03 -5.78 14.43
N PHE G 22 -37.15 -6.47 15.57
CA PHE G 22 -38.31 -7.32 15.77
C PHE G 22 -39.54 -6.48 16.12
N VAL G 23 -39.33 -5.31 16.72
CA VAL G 23 -40.46 -4.44 17.01
C VAL G 23 -40.96 -3.77 15.74
N ALA G 24 -40.03 -3.26 14.91
CA ALA G 24 -40.45 -2.71 13.63
C ALA G 24 -41.15 -3.78 12.78
N ALA G 25 -40.66 -5.02 12.86
CA ALA G 25 -41.30 -6.10 12.13
C ALA G 25 -42.70 -6.36 12.66
N TYR G 26 -42.85 -6.41 13.98
CA TYR G 26 -44.17 -6.69 14.53
C TYR G 26 -45.15 -5.60 14.14
N LEU G 27 -44.69 -4.34 14.17
CA LEU G 27 -45.59 -3.23 13.89
C LEU G 27 -45.98 -3.18 12.43
N GLN G 28 -45.08 -3.57 11.53
CA GLN G 28 -45.46 -3.68 10.13
C GLN G 28 -46.41 -4.85 9.92
N TYR G 29 -46.16 -5.96 10.64
CA TYR G 29 -46.98 -7.16 10.53
C TYR G 29 -48.38 -6.95 11.12
N LYS G 30 -48.51 -6.07 12.11
CA LYS G 30 -49.82 -5.77 12.67
C LYS G 30 -50.79 -5.27 11.61
N ARG G 31 -52.07 -5.52 11.84
CA ARG G 31 -53.17 -5.06 11.00
C ARG G 31 -54.02 -4.10 11.83
N GLY G 32 -54.03 -2.83 11.43
CA GLY G 32 -54.76 -1.81 12.17
C GLY G 32 -56.26 -1.99 12.08
N MET H 1 -16.65 19.93 38.38
CA MET H 1 -17.12 18.84 37.47
C MET H 1 -15.94 18.06 36.91
N ASP H 2 -15.96 16.75 37.12
CA ASP H 2 -14.91 15.88 36.58
C ASP H 2 -14.91 15.96 35.06
N ILE H 3 -13.74 16.27 34.49
CA ILE H 3 -13.63 16.32 33.04
C ILE H 3 -13.73 14.93 32.41
N LEU H 4 -13.39 13.88 33.15
CA LEU H 4 -13.56 12.53 32.59
C LEU H 4 -15.03 12.18 32.48
N THR H 5 -15.80 12.57 33.49
CA THR H 5 -17.24 12.36 33.43
C THR H 5 -17.83 13.16 32.29
N LEU H 6 -17.40 14.41 32.13
CA LEU H 6 -17.95 15.24 31.07
C LEU H 6 -17.60 14.70 29.70
N GLY H 7 -16.45 14.04 29.55
CA GLY H 7 -16.11 13.45 28.27
C GLY H 7 -16.96 12.23 27.97
N TRP H 8 -17.17 11.38 28.98
CA TRP H 8 -18.00 10.22 28.75
C TRP H 8 -19.43 10.63 28.50
N VAL H 9 -19.89 11.68 29.17
CA VAL H 9 -21.28 12.08 29.02
C VAL H 9 -21.45 12.80 27.71
N SER H 10 -20.39 13.43 27.19
CA SER H 10 -20.50 14.06 25.88
C SER H 10 -20.62 12.99 24.80
N VAL H 11 -19.87 11.90 24.94
CA VAL H 11 -19.97 10.86 23.92
C VAL H 11 -21.31 10.13 24.02
N LEU H 12 -21.77 9.87 25.23
CA LEU H 12 -23.07 9.23 25.41
C LEU H 12 -24.18 10.12 24.89
N VAL H 13 -24.06 11.43 25.13
CA VAL H 13 -25.08 12.37 24.70
C VAL H 13 -25.06 12.50 23.20
N LEU H 14 -23.90 12.38 22.56
CA LEU H 14 -23.89 12.48 21.11
C LEU H 14 -24.47 11.23 20.47
N PHE H 15 -24.38 10.08 21.16
CA PHE H 15 -25.02 8.89 20.61
C PHE H 15 -26.53 9.01 20.74
N THR H 16 -27.01 9.36 21.93
CA THR H 16 -28.44 9.60 22.11
C THR H 16 -28.94 10.64 21.13
N TRP H 17 -28.21 11.75 20.98
CA TRP H 17 -28.68 12.86 20.18
C TRP H 17 -28.67 12.52 18.70
N SER H 18 -27.71 11.73 18.24
CA SER H 18 -27.74 11.34 16.83
C SER H 18 -28.92 10.42 16.55
N ILE H 19 -29.23 9.53 17.49
CA ILE H 19 -30.41 8.70 17.29
C ILE H 19 -31.67 9.56 17.28
N SER H 20 -31.73 10.55 18.17
CA SER H 20 -32.93 11.39 18.26
C SER H 20 -33.04 12.31 17.05
N MET H 21 -31.92 12.76 16.50
CA MET H 21 -31.98 13.63 15.33
C MET H 21 -32.32 12.84 14.09
N VAL H 22 -31.99 11.54 14.07
CA VAL H 22 -32.34 10.73 12.92
C VAL H 22 -33.80 10.35 12.96
N VAL H 23 -34.35 10.10 14.15
CA VAL H 23 -35.78 9.81 14.21
C VAL H 23 -36.60 11.09 14.08
N TRP H 24 -36.05 12.24 14.48
CA TRP H 24 -36.75 13.51 14.30
C TRP H 24 -36.79 13.90 12.83
N GLY H 25 -35.63 13.89 12.16
CA GLY H 25 -35.60 14.26 10.76
C GLY H 25 -36.47 13.36 9.91
N ARG H 26 -36.33 12.05 10.10
CA ARG H 26 -37.07 11.07 9.31
C ARG H 26 -38.52 10.94 9.77
N ASN H 27 -38.87 11.47 10.94
CA ASN H 27 -40.25 11.49 11.43
C ASN H 27 -40.72 10.14 11.95
N GLY H 28 -39.82 9.22 12.24
CA GLY H 28 -40.25 7.96 12.82
C GLY H 28 -39.12 6.96 12.87
N PHE H 29 -39.47 5.76 13.32
CA PHE H 29 -38.52 4.67 13.41
C PHE H 29 -39.18 3.34 13.02
N MET I 1 -23.70 -8.30 -27.01
CA MET I 1 -22.56 -8.72 -26.14
C MET I 1 -22.74 -10.14 -25.64
N PHE I 2 -23.98 -10.61 -25.62
CA PHE I 2 -24.29 -12.00 -25.31
C PHE I 2 -24.84 -12.68 -26.55
N SER I 3 -24.24 -13.80 -26.92
CA SER I 3 -24.70 -14.54 -28.08
C SER I 3 -26.12 -15.05 -27.85
N LYS I 4 -26.70 -15.58 -28.92
CA LYS I 4 -28.01 -16.22 -28.79
C LYS I 4 -27.95 -17.35 -27.78
N GLU I 5 -26.80 -18.00 -27.65
CA GLU I 5 -26.69 -19.14 -26.74
C GLU I 5 -26.67 -18.68 -25.29
N VAL I 6 -25.83 -17.69 -24.96
CA VAL I 6 -25.76 -17.22 -23.59
C VAL I 6 -27.11 -16.67 -23.19
N THR I 7 -27.71 -15.87 -24.06
CA THR I 7 -29.07 -15.43 -23.84
C THR I 7 -29.92 -16.67 -24.01
N GLU I 8 -30.99 -16.77 -23.22
CA GLU I 8 -32.01 -17.81 -23.15
C GLU I 8 -31.54 -18.99 -22.30
N SER I 9 -30.28 -19.05 -21.90
CA SER I 9 -29.85 -20.07 -20.97
C SER I 9 -30.40 -19.72 -19.59
N LYS I 10 -30.76 -20.74 -18.81
CA LYS I 10 -31.42 -20.43 -17.54
C LYS I 10 -30.52 -19.59 -16.66
N VAL I 11 -29.20 -19.67 -16.84
CA VAL I 11 -28.29 -18.95 -15.96
C VAL I 11 -28.30 -17.48 -16.32
N PHE I 12 -28.16 -17.18 -17.60
CA PHE I 12 -28.25 -15.78 -18.01
C PHE I 12 -29.64 -15.26 -17.75
N GLN I 13 -30.66 -16.12 -17.90
CA GLN I 13 -32.02 -15.69 -17.62
C GLN I 13 -32.20 -15.37 -16.14
N TRP I 14 -31.45 -16.06 -15.28
CA TRP I 14 -31.45 -15.77 -13.85
C TRP I 14 -30.80 -14.41 -13.58
N PHE I 15 -29.60 -14.21 -14.12
CA PHE I 15 -28.89 -12.97 -13.88
C PHE I 15 -29.64 -11.80 -14.49
N ASN I 16 -30.43 -12.04 -15.53
CA ASN I 16 -31.13 -10.98 -16.22
C ASN I 16 -32.47 -10.69 -15.56
N ASP I 17 -33.09 -11.72 -14.96
CA ASP I 17 -34.26 -11.46 -14.14
C ASP I 17 -33.90 -10.57 -12.99
N ARG I 18 -32.76 -10.85 -12.34
CA ARG I 18 -32.42 -10.10 -11.13
C ARG I 18 -31.80 -8.75 -11.48
N LEU I 19 -30.65 -8.74 -12.14
CA LEU I 19 -29.85 -7.53 -12.29
C LEU I 19 -30.04 -6.85 -13.65
N GLU I 20 -30.86 -7.42 -14.53
CA GLU I 20 -31.03 -6.92 -15.89
C GLU I 20 -29.68 -6.67 -16.56
N VAL I 21 -28.88 -7.74 -16.63
CA VAL I 21 -27.58 -7.66 -17.27
C VAL I 21 -27.70 -7.41 -18.77
N GLN I 22 -28.86 -7.73 -19.35
CA GLN I 22 -29.06 -7.48 -20.78
C GLN I 22 -28.89 -6.01 -21.13
N ALA I 23 -29.23 -5.10 -20.22
CA ALA I 23 -29.07 -3.68 -20.51
C ALA I 23 -27.61 -3.33 -20.72
N ILE I 24 -26.71 -3.96 -19.97
CA ILE I 24 -25.29 -3.75 -20.18
C ILE I 24 -24.88 -4.19 -21.57
N SER I 25 -25.37 -5.37 -21.99
CA SER I 25 -25.06 -5.84 -23.34
C SER I 25 -25.58 -4.85 -24.37
N ASP I 26 -26.80 -4.36 -24.20
CA ASP I 26 -27.36 -3.43 -25.17
C ASP I 26 -26.52 -2.17 -25.25
N ASP I 27 -26.04 -1.68 -24.11
CA ASP I 27 -25.24 -0.46 -24.11
C ASP I 27 -23.88 -0.69 -24.74
N ILE I 28 -23.26 -1.85 -24.49
CA ILE I 28 -21.98 -2.14 -25.10
C ILE I 28 -22.12 -2.32 -26.61
N ALA I 29 -23.24 -2.91 -27.05
CA ALA I 29 -23.42 -3.20 -28.46
C ALA I 29 -23.93 -2.00 -29.25
N SER I 30 -24.51 -1.02 -28.57
CA SER I 30 -25.04 0.15 -29.28
C SER I 30 -23.92 1.01 -29.85
N LYS I 31 -22.75 0.97 -29.24
CA LYS I 31 -21.65 1.83 -29.67
C LYS I 31 -21.07 1.33 -30.99
N TYR I 32 -20.47 2.26 -31.74
CA TYR I 32 -19.82 1.94 -33.00
C TYR I 32 -18.52 2.72 -33.09
N VAL I 33 -17.51 2.11 -33.71
CA VAL I 33 -16.22 2.75 -33.92
C VAL I 33 -16.28 3.46 -35.28
N PRO I 34 -16.20 4.78 -35.33
CA PRO I 34 -16.33 5.49 -36.61
C PRO I 34 -15.18 5.14 -37.54
N PRO I 35 -15.33 5.37 -38.84
CA PRO I 35 -14.26 5.02 -39.78
C PRO I 35 -12.95 5.75 -39.53
N HIS I 36 -13.00 7.00 -39.07
CA HIS I 36 -11.79 7.79 -38.93
C HIS I 36 -10.85 7.22 -37.88
N VAL I 37 -11.37 6.50 -36.89
CA VAL I 37 -10.51 5.88 -35.89
C VAL I 37 -9.53 4.95 -36.59
N ASN I 38 -8.28 4.97 -36.13
CA ASN I 38 -7.22 4.19 -36.76
C ASN I 38 -6.37 3.56 -35.68
N ILE I 39 -5.18 3.07 -36.06
CA ILE I 39 -4.31 2.38 -35.13
C ILE I 39 -3.86 3.30 -34.01
N PHE I 40 -3.84 4.61 -34.23
CA PHE I 40 -3.26 5.50 -33.24
C PHE I 40 -4.20 5.72 -32.08
N TYR I 41 -5.50 5.51 -32.30
CA TYR I 41 -6.44 5.59 -31.21
C TYR I 41 -6.25 4.43 -30.25
N CYS I 42 -5.38 3.49 -30.60
CA CYS I 42 -5.04 2.42 -29.68
C CYS I 42 -4.17 2.91 -28.55
N LEU I 43 -3.46 4.02 -28.75
CA LEU I 43 -2.34 4.35 -27.87
C LEU I 43 -2.82 4.61 -26.45
N GLY I 44 -3.95 5.29 -26.31
CA GLY I 44 -4.45 5.54 -24.96
C GLY I 44 -4.85 4.25 -24.28
N GLY I 45 -5.48 3.35 -25.03
CA GLY I 45 -5.80 2.06 -24.45
C GLY I 45 -4.55 1.32 -24.04
N LEU I 46 -3.48 1.47 -24.81
CA LEU I 46 -2.25 0.79 -24.45
C LEU I 46 -1.62 1.45 -23.23
N THR I 47 -1.88 2.75 -23.04
CA THR I 47 -1.45 3.38 -21.80
C THR I 47 -2.12 2.72 -20.62
N LEU I 48 -3.37 2.29 -20.78
CA LEU I 48 -4.02 1.57 -19.70
C LEU I 48 -3.45 0.17 -19.56
N THR I 49 -3.12 -0.47 -20.68
CA THR I 49 -2.52 -1.80 -20.59
C THR I 49 -1.25 -1.73 -19.78
N CYS I 50 -0.39 -0.75 -20.07
CA CYS I 50 0.86 -0.64 -19.35
C CYS I 50 0.60 -0.33 -17.89
N PHE I 51 -0.47 0.41 -17.61
CA PHE I 51 -0.81 0.66 -16.21
C PHE I 51 -1.27 -0.61 -15.52
N LEU I 52 -2.06 -1.43 -16.23
CA LEU I 52 -2.57 -2.62 -15.57
C LEU I 52 -1.46 -3.61 -15.28
N ILE I 53 -0.47 -3.69 -16.18
CA ILE I 53 0.70 -4.48 -15.87
C ILE I 53 1.39 -3.89 -14.65
N GLN I 54 1.47 -2.57 -14.60
CA GLN I 54 2.13 -1.92 -13.48
C GLN I 54 1.31 -2.15 -12.22
N PHE I 55 0.00 -2.31 -12.36
CA PHE I 55 -0.81 -2.60 -11.19
C PHE I 55 -0.57 -4.03 -10.73
N ALA I 56 -0.43 -4.97 -11.67
CA ALA I 56 -0.27 -6.36 -11.28
C ALA I 56 1.13 -6.63 -10.76
N THR I 57 2.15 -6.20 -11.50
CA THR I 57 3.52 -6.50 -11.07
C THR I 57 3.88 -5.69 -9.84
N GLY I 58 3.29 -4.51 -9.69
CA GLY I 58 3.48 -3.77 -8.45
C GLY I 58 2.87 -4.53 -7.29
N PHE I 59 1.66 -5.08 -7.49
CA PHE I 59 1.10 -5.94 -6.47
C PHE I 59 2.04 -7.10 -6.16
N ALA I 60 2.74 -7.57 -7.19
CA ALA I 60 3.67 -8.67 -6.97
C ALA I 60 4.82 -8.21 -6.08
N MET I 61 5.36 -7.02 -6.33
CA MET I 61 6.55 -6.59 -5.63
C MET I 61 6.25 -6.06 -4.23
N THR I 62 4.98 -5.87 -3.88
CA THR I 62 4.64 -5.48 -2.52
C THR I 62 4.80 -6.64 -1.54
N PHE I 63 4.72 -7.88 -2.04
CA PHE I 63 4.78 -9.04 -1.16
C PHE I 63 6.19 -9.29 -0.65
N TYR I 64 7.20 -8.79 -1.34
CA TYR I 64 8.60 -9.03 -0.99
C TYR I 64 9.36 -7.75 -0.66
N TYR I 65 8.99 -6.62 -1.26
CA TYR I 65 9.75 -5.39 -1.04
C TYR I 65 9.49 -4.84 0.36
N LYS I 66 10.56 -4.43 1.03
CA LYS I 66 10.51 -3.93 2.40
C LYS I 66 10.87 -2.46 2.41
N PRO I 67 9.92 -1.54 2.59
CA PRO I 67 10.23 -0.10 2.46
C PRO I 67 10.94 0.47 3.68
N THR I 68 12.15 -0.04 3.93
CA THR I 68 13.01 0.44 4.99
C THR I 68 14.39 0.74 4.42
N VAL I 69 15.09 1.69 5.05
CA VAL I 69 16.36 2.13 4.48
C VAL I 69 17.43 1.07 4.64
N THR I 70 17.29 0.18 5.62
CA THR I 70 18.26 -0.88 5.82
C THR I 70 17.92 -2.12 4.99
N GLU I 71 16.67 -2.27 4.56
CA GLU I 71 16.19 -3.50 3.95
C GLU I 71 15.60 -3.30 2.56
N ALA I 72 15.53 -2.07 2.04
CA ALA I 72 14.87 -1.86 0.76
C ALA I 72 15.75 -2.34 -0.39
N PHE I 73 17.05 -2.07 -0.31
CA PHE I 73 17.95 -2.52 -1.37
C PHE I 73 18.17 -4.01 -1.26
N ALA I 74 18.23 -4.52 -0.02
CA ALA I 74 18.39 -5.95 0.16
C ALA I 74 17.16 -6.68 -0.32
N SER I 75 15.98 -6.08 -0.13
CA SER I 75 14.75 -6.72 -0.55
C SER I 75 14.56 -6.63 -2.05
N VAL I 76 15.12 -5.60 -2.70
CA VAL I 76 15.02 -5.53 -4.15
C VAL I 76 15.98 -6.51 -4.79
N GLN I 77 17.15 -6.70 -4.20
CA GLN I 77 18.05 -7.73 -4.73
C GLN I 77 17.62 -9.13 -4.32
N TYR I 78 16.77 -9.25 -3.30
CA TYR I 78 16.16 -10.53 -2.97
C TYR I 78 15.07 -10.86 -3.96
N ILE I 79 14.25 -9.87 -4.33
CA ILE I 79 13.28 -10.07 -5.38
C ILE I 79 13.98 -10.53 -6.64
N MET I 80 15.01 -9.79 -7.06
CA MET I 80 15.74 -10.15 -8.27
C MET I 80 16.30 -11.57 -8.18
N ASN I 81 17.21 -11.80 -7.23
CA ASN I 81 17.90 -13.08 -7.16
C ASN I 81 17.05 -14.22 -6.63
N GLU I 82 16.65 -14.15 -5.36
CA GLU I 82 16.08 -15.31 -4.69
C GLU I 82 14.66 -15.60 -5.14
N VAL I 83 13.79 -14.59 -5.14
CA VAL I 83 12.38 -14.83 -5.42
C VAL I 83 12.24 -15.47 -6.80
N ASN I 84 11.25 -16.35 -6.93
CA ASN I 84 11.01 -17.03 -8.19
C ASN I 84 10.44 -16.05 -9.19
N PHE I 85 11.12 -15.89 -10.32
CA PHE I 85 10.68 -14.99 -11.38
C PHE I 85 10.56 -13.55 -10.87
N GLY I 86 11.26 -13.22 -9.79
CA GLY I 86 11.23 -11.85 -9.31
C GLY I 86 12.07 -10.95 -10.16
N TRP I 87 13.09 -11.51 -10.82
CA TRP I 87 13.79 -10.76 -11.85
C TRP I 87 12.82 -10.38 -12.96
N LEU I 88 11.97 -11.32 -13.37
CA LEU I 88 11.05 -11.07 -14.47
C LEU I 88 10.01 -10.05 -14.05
N ILE I 89 9.49 -10.17 -12.82
CA ILE I 89 8.42 -9.28 -12.39
C ILE I 89 8.95 -7.87 -12.22
N ARG I 90 10.14 -7.73 -11.64
CA ARG I 90 10.69 -6.39 -11.43
C ARG I 90 11.12 -5.78 -12.76
N SER I 91 11.74 -6.55 -13.64
CA SER I 91 12.14 -6.02 -14.94
C SER I 91 10.92 -5.62 -15.75
N ILE I 92 9.86 -6.44 -15.72
CA ILE I 92 8.63 -6.08 -16.41
C ILE I 92 8.04 -4.81 -15.83
N HIS I 93 8.16 -4.63 -14.52
CA HIS I 93 7.56 -3.46 -13.91
C HIS I 93 8.33 -2.20 -14.28
N ARG I 94 9.66 -2.27 -14.19
CA ARG I 94 10.50 -1.16 -14.61
C ARG I 94 10.27 -0.82 -16.06
N TRP I 95 10.10 -1.83 -16.91
CA TRP I 95 9.94 -1.58 -18.34
C TRP I 95 8.54 -1.03 -18.63
N SER I 96 7.54 -1.47 -17.87
CA SER I 96 6.19 -0.99 -18.12
C SER I 96 5.96 0.38 -17.55
N ALA I 97 6.85 0.87 -16.68
CA ALA I 97 6.74 2.28 -16.28
C ALA I 97 7.17 3.17 -17.44
N SER I 98 8.30 2.83 -18.06
CA SER I 98 8.77 3.59 -19.20
C SER I 98 7.79 3.47 -20.36
N MET I 99 7.24 2.28 -20.58
CA MET I 99 6.32 2.10 -21.69
C MET I 99 4.96 2.72 -21.40
N MET I 100 4.57 2.84 -20.13
CA MET I 100 3.35 3.57 -19.82
C MET I 100 3.53 5.04 -20.13
N VAL I 101 4.68 5.61 -19.77
CA VAL I 101 4.88 7.03 -20.02
C VAL I 101 5.04 7.28 -21.50
N LEU I 102 5.69 6.37 -22.22
CA LEU I 102 5.86 6.53 -23.66
C LEU I 102 4.52 6.40 -24.37
N MET I 103 3.72 5.39 -24.03
CA MET I 103 2.40 5.26 -24.61
C MET I 103 1.55 6.48 -24.29
N MET I 104 1.80 7.11 -23.14
CA MET I 104 1.01 8.28 -22.78
C MET I 104 1.44 9.49 -23.58
N ILE I 105 2.73 9.60 -23.88
CA ILE I 105 3.19 10.70 -24.72
C ILE I 105 2.70 10.51 -26.14
N LEU I 106 2.71 9.27 -26.64
CA LEU I 106 2.20 9.01 -27.98
C LEU I 106 0.70 9.21 -28.04
N HIS I 107 0.01 9.00 -26.91
CA HIS I 107 -1.43 9.23 -26.88
C HIS I 107 -1.75 10.71 -26.78
N VAL I 108 -0.89 11.48 -26.12
CA VAL I 108 -1.06 12.93 -26.14
C VAL I 108 -0.81 13.44 -27.55
N PHE I 109 0.11 12.82 -28.27
CA PHE I 109 0.35 13.25 -29.64
C PHE I 109 -0.85 12.93 -30.52
N ARG I 110 -1.40 11.74 -30.39
CA ARG I 110 -2.61 11.40 -31.13
C ARG I 110 -3.72 12.39 -30.81
N VAL I 111 -4.12 12.44 -29.54
CA VAL I 111 -5.22 13.32 -29.13
C VAL I 111 -5.00 14.73 -29.66
N TYR I 112 -3.84 15.33 -29.39
CA TYR I 112 -3.63 16.71 -29.77
C TYR I 112 -3.66 16.87 -31.28
N LEU I 113 -3.18 15.88 -32.03
CA LEU I 113 -3.11 15.98 -33.48
C LEU I 113 -4.38 15.53 -34.15
N THR I 114 -5.34 15.01 -33.39
CA THR I 114 -6.66 14.67 -33.89
C THR I 114 -7.71 15.68 -33.43
N GLY I 115 -7.30 16.69 -32.66
CA GLY I 115 -8.24 17.65 -32.11
C GLY I 115 -9.21 17.04 -31.13
N GLY I 116 -8.82 15.95 -30.48
CA GLY I 116 -9.72 15.29 -29.54
C GLY I 116 -10.08 16.18 -28.37
N PHE I 117 -9.16 17.05 -27.97
CA PHE I 117 -9.34 17.87 -26.78
C PHE I 117 -10.33 19.00 -26.99
N LYS I 118 -10.56 19.42 -28.23
CA LYS I 118 -11.39 20.59 -28.49
C LYS I 118 -12.80 20.35 -27.99
N LYS I 119 -13.48 21.45 -27.66
CA LYS I 119 -14.87 21.43 -27.21
C LYS I 119 -15.66 20.38 -27.97
N PRO I 120 -16.36 19.48 -27.29
CA PRO I 120 -16.73 19.48 -25.87
C PRO I 120 -15.82 18.68 -24.95
N ARG I 121 -14.69 18.15 -25.45
CA ARG I 121 -13.85 17.26 -24.67
C ARG I 121 -12.71 17.98 -23.96
N GLU I 122 -12.95 19.21 -23.51
CA GLU I 122 -11.92 19.96 -22.79
C GLU I 122 -11.59 19.29 -21.46
N LEU I 123 -12.62 18.79 -20.76
CA LEU I 123 -12.39 18.25 -19.43
C LEU I 123 -11.72 16.89 -19.51
N THR I 124 -11.93 16.16 -20.60
CA THR I 124 -11.22 14.90 -20.77
C THR I 124 -9.73 15.17 -20.93
N TRP I 125 -9.37 16.22 -21.68
CA TRP I 125 -7.96 16.58 -21.80
C TRP I 125 -7.40 17.05 -20.46
N VAL I 126 -8.18 17.79 -19.68
CA VAL I 126 -7.65 18.29 -18.42
C VAL I 126 -7.44 17.14 -17.43
N VAL I 127 -8.38 16.20 -17.36
CA VAL I 127 -8.17 15.01 -16.56
C VAL I 127 -7.02 14.19 -17.13
N GLY I 128 -6.82 14.26 -18.45
CA GLY I 128 -5.63 13.66 -19.04
C GLY I 128 -4.36 14.22 -18.45
N VAL I 129 -4.23 15.54 -18.44
CA VAL I 129 -3.03 16.17 -17.89
C VAL I 129 -2.85 15.79 -16.43
N MET I 130 -3.96 15.70 -15.69
CA MET I 130 -3.88 15.23 -14.32
C MET I 130 -3.33 13.81 -14.25
N LEU I 131 -3.85 12.92 -15.11
CA LEU I 131 -3.33 11.56 -15.20
C LEU I 131 -1.84 11.57 -15.47
N ALA I 132 -1.40 12.40 -16.42
CA ALA I 132 0.01 12.46 -16.78
C ALA I 132 0.85 12.84 -15.57
N VAL I 133 0.42 13.87 -14.83
CA VAL I 133 1.14 14.28 -13.64
C VAL I 133 1.20 13.14 -12.64
N THR I 134 0.07 12.47 -12.43
CA THR I 134 0.03 11.35 -11.49
C THR I 134 0.98 10.24 -11.93
N THR I 135 1.09 10.00 -13.24
CA THR I 135 1.96 8.94 -13.72
C THR I 135 3.42 9.31 -13.53
N VAL I 136 3.78 10.58 -13.74
CA VAL I 136 5.16 10.97 -13.50
C VAL I 136 5.45 10.95 -12.00
N THR I 137 4.43 11.20 -11.19
CA THR I 137 4.60 11.07 -9.75
C THR I 137 4.82 9.61 -9.37
N PHE I 138 4.11 8.70 -10.03
CA PHE I 138 4.38 7.28 -9.84
C PHE I 138 5.82 6.95 -10.20
N GLY I 139 6.30 7.56 -11.28
CA GLY I 139 7.66 7.30 -11.71
C GLY I 139 8.69 7.80 -10.71
N VAL I 140 8.45 8.99 -10.16
CA VAL I 140 9.41 9.58 -9.23
C VAL I 140 9.40 8.82 -7.90
N THR I 141 8.21 8.57 -7.36
CA THR I 141 8.14 7.82 -6.10
C THR I 141 8.72 6.41 -6.27
N GLY I 142 8.52 5.80 -7.43
CA GLY I 142 9.05 4.45 -7.63
C GLY I 142 10.55 4.45 -7.81
N TYR I 143 11.08 5.45 -8.52
CA TYR I 143 12.52 5.49 -8.80
C TYR I 143 13.33 5.41 -7.51
N SER I 144 12.79 5.91 -6.41
CA SER I 144 13.52 6.00 -5.16
C SER I 144 13.31 4.79 -4.26
N LEU I 145 12.34 3.94 -4.56
CA LEU I 145 12.04 2.82 -3.67
C LEU I 145 13.21 1.86 -3.50
N PRO I 146 13.93 1.48 -4.56
CA PRO I 146 15.08 0.57 -4.34
C PRO I 146 16.09 1.12 -3.36
N TRP I 147 16.04 2.41 -3.05
CA TRP I 147 17.01 3.05 -2.17
C TRP I 147 18.44 2.73 -2.61
N ASP I 148 18.64 2.66 -3.92
CA ASP I 148 19.97 2.57 -4.47
C ASP I 148 20.55 3.97 -4.62
N GLN I 149 21.75 4.06 -5.18
CA GLN I 149 22.40 5.36 -5.28
C GLN I 149 21.64 6.30 -6.21
N VAL I 150 21.38 5.86 -7.44
CA VAL I 150 20.65 6.70 -8.38
C VAL I 150 19.28 7.09 -7.81
N GLY I 151 18.63 6.14 -7.13
CA GLY I 151 17.32 6.43 -6.58
C GLY I 151 17.40 7.42 -5.43
N TYR I 152 18.28 7.16 -4.48
CA TYR I 152 18.38 8.02 -3.30
C TYR I 152 18.74 9.43 -3.71
N TRP I 153 19.64 9.59 -4.68
CA TRP I 153 20.05 10.93 -5.06
C TRP I 153 19.03 11.60 -5.96
N ALA I 154 18.29 10.84 -6.76
CA ALA I 154 17.21 11.44 -7.52
C ALA I 154 16.12 11.98 -6.60
N VAL I 155 15.81 11.26 -5.53
CA VAL I 155 14.84 11.78 -4.57
C VAL I 155 15.43 12.95 -3.79
N LYS I 156 16.73 12.89 -3.49
CA LYS I 156 17.37 14.02 -2.85
C LYS I 156 17.19 15.28 -3.68
N ILE I 157 17.51 15.21 -4.96
CA ILE I 157 17.42 16.38 -5.83
C ILE I 157 15.97 16.85 -5.93
N VAL I 158 15.07 15.96 -6.36
CA VAL I 158 13.72 16.40 -6.69
C VAL I 158 13.00 16.91 -5.45
N SER I 159 13.23 16.27 -4.30
CA SER I 159 12.50 16.63 -3.10
C SER I 159 13.03 17.90 -2.43
N GLY I 160 14.24 18.31 -2.77
CA GLY I 160 14.79 19.56 -2.27
C GLY I 160 14.52 20.76 -3.16
N VAL I 161 13.89 20.53 -4.32
CA VAL I 161 13.58 21.59 -5.26
C VAL I 161 12.58 22.58 -4.68
N PRO I 162 11.51 22.13 -4.01
CA PRO I 162 10.55 23.10 -3.45
C PRO I 162 11.19 24.11 -2.52
N ALA I 163 12.44 23.90 -2.12
CA ALA I 163 13.09 24.83 -1.21
C ALA I 163 13.20 26.21 -1.84
N ALA I 164 13.24 26.25 -3.18
CA ALA I 164 13.49 27.52 -3.85
C ALA I 164 12.31 28.48 -3.75
N ILE I 165 11.12 27.97 -3.44
CA ILE I 165 9.99 28.86 -3.16
C ILE I 165 10.37 29.80 -2.02
N PRO I 166 10.14 31.11 -2.15
CA PRO I 166 10.72 32.04 -1.16
C PRO I 166 10.23 31.85 0.26
N VAL I 167 8.93 31.67 0.49
CA VAL I 167 8.33 31.76 1.81
C VAL I 167 7.94 30.38 2.35
N VAL I 168 7.28 29.58 1.53
CA VAL I 168 6.72 28.30 1.98
C VAL I 168 7.50 27.11 1.42
N GLY I 169 8.65 27.36 0.78
CA GLY I 169 9.38 26.27 0.16
C GLY I 169 9.88 25.25 1.17
N ASP I 170 10.42 25.72 2.29
CA ASP I 170 11.05 24.81 3.24
C ASP I 170 10.05 23.85 3.84
N GLN I 171 8.84 24.32 4.13
CA GLN I 171 7.84 23.42 4.68
C GLN I 171 7.35 22.43 3.64
N LEU I 172 7.27 22.82 2.36
CA LEU I 172 6.93 21.83 1.34
C LEU I 172 8.02 20.78 1.21
N VAL I 173 9.28 21.17 1.41
CA VAL I 173 10.34 20.18 1.31
C VAL I 173 10.28 19.24 2.51
N THR I 174 10.03 19.80 3.70
CA THR I 174 9.91 18.96 4.89
C THR I 174 8.70 18.05 4.78
N LEU I 175 7.66 18.50 4.07
CA LEU I 175 6.44 17.71 3.94
C LEU I 175 6.65 16.54 2.99
N MET I 176 7.17 16.83 1.79
CA MET I 176 7.34 15.76 0.82
C MET I 176 8.46 14.82 1.21
N ARG I 177 9.51 15.31 1.88
CA ARG I 177 10.53 14.43 2.42
C ARG I 177 10.09 13.75 3.70
N GLY I 178 9.12 14.31 4.41
CA GLY I 178 8.71 13.77 5.69
C GLY I 178 9.76 13.88 6.77
N SER I 179 10.80 14.67 6.55
CA SER I 179 11.86 14.88 7.52
C SER I 179 12.71 16.04 7.02
N GLU I 180 13.57 16.56 7.91
CA GLU I 180 14.47 17.62 7.50
C GLU I 180 15.34 17.17 6.32
N SER I 181 15.68 15.89 6.27
CA SER I 181 16.57 15.34 5.27
C SER I 181 15.95 14.08 4.69
N VAL I 182 16.30 13.79 3.43
CA VAL I 182 15.89 12.52 2.84
C VAL I 182 16.40 11.39 3.70
N GLY I 183 15.49 10.54 4.18
CA GLY I 183 15.84 9.45 5.06
C GLY I 183 14.76 8.40 5.12
N GLN I 184 14.55 7.82 6.30
CA GLN I 184 13.54 6.78 6.42
C GLN I 184 12.14 7.34 6.32
N ALA I 185 11.92 8.57 6.78
CA ALA I 185 10.60 9.16 6.65
C ALA I 185 10.28 9.42 5.18
N THR I 186 11.29 9.78 4.40
CA THR I 186 11.05 10.04 2.99
C THR I 186 10.76 8.73 2.26
N LEU I 187 11.31 7.62 2.74
CA LEU I 187 11.07 6.36 2.05
C LEU I 187 9.73 5.79 2.45
N THR I 188 9.31 5.99 3.70
CA THR I 188 7.99 5.54 4.10
C THR I 188 6.93 6.36 3.39
N ARG I 189 7.17 7.65 3.18
CA ARG I 189 6.17 8.49 2.56
C ARG I 189 6.12 8.26 1.07
N PHE I 190 7.29 8.15 0.42
CA PHE I 190 7.30 7.85 -1.01
C PHE I 190 6.68 6.48 -1.28
N TYR I 191 6.85 5.52 -0.38
CA TYR I 191 6.25 4.21 -0.60
C TYR I 191 4.75 4.24 -0.37
N SER I 192 4.28 4.94 0.67
CA SER I 192 2.85 5.10 0.86
C SER I 192 2.22 5.81 -0.33
N LEU I 193 2.89 6.85 -0.85
CA LEU I 193 2.37 7.54 -2.02
C LEU I 193 2.36 6.62 -3.24
N HIS I 194 3.38 5.77 -3.35
CA HIS I 194 3.56 4.99 -4.56
C HIS I 194 2.58 3.84 -4.63
N THR I 195 2.47 3.06 -3.55
CA THR I 195 1.68 1.85 -3.60
C THR I 195 0.24 2.03 -3.14
N PHE I 196 -0.10 3.15 -2.49
CA PHE I 196 -1.47 3.34 -2.01
C PHE I 196 -2.10 4.61 -2.54
N VAL I 197 -1.54 5.78 -2.20
CA VAL I 197 -2.19 7.04 -2.55
C VAL I 197 -2.28 7.20 -4.06
N LEU I 198 -1.20 6.92 -4.77
CA LEU I 198 -1.16 7.22 -6.19
C LEU I 198 -1.96 6.24 -7.02
N PRO I 199 -1.98 4.95 -6.68
CA PRO I 199 -2.94 4.06 -7.37
C PRO I 199 -4.38 4.48 -7.19
N TRP I 200 -4.77 4.99 -6.03
CA TRP I 200 -6.15 5.43 -5.86
C TRP I 200 -6.41 6.73 -6.59
N ALA I 201 -5.41 7.62 -6.64
CA ALA I 201 -5.61 8.88 -7.34
C ALA I 201 -5.69 8.64 -8.84
N ILE I 202 -4.84 7.76 -9.36
CA ILE I 202 -4.85 7.50 -10.78
C ILE I 202 -6.01 6.62 -11.16
N ALA I 203 -6.61 5.89 -10.21
CA ALA I 203 -7.77 5.09 -10.55
C ALA I 203 -9.02 5.95 -10.54
N VAL I 204 -9.08 6.96 -9.66
CA VAL I 204 -10.19 7.90 -9.72
C VAL I 204 -10.07 8.75 -10.97
N LEU I 205 -8.86 9.10 -11.36
CA LEU I 205 -8.69 9.93 -12.55
C LEU I 205 -8.89 9.11 -13.82
N LEU I 206 -8.59 7.81 -13.77
CA LEU I 206 -8.83 6.95 -14.92
C LEU I 206 -10.32 6.71 -15.08
N LEU I 207 -11.03 6.57 -13.95
CA LEU I 207 -12.46 6.34 -14.05
C LEU I 207 -13.17 7.60 -14.53
N LEU I 208 -12.76 8.77 -14.02
CA LEU I 208 -13.32 10.01 -14.54
C LEU I 208 -13.05 10.15 -16.04
N HIS I 209 -11.80 9.88 -16.44
CA HIS I 209 -11.40 10.04 -17.83
C HIS I 209 -12.22 9.13 -18.74
N PHE I 210 -12.36 7.87 -18.34
CA PHE I 210 -13.07 6.91 -19.17
C PHE I 210 -14.57 7.18 -19.16
N LEU I 211 -15.10 7.72 -18.07
CA LEU I 211 -16.51 8.08 -18.06
C LEU I 211 -16.78 9.24 -19.00
N MET I 212 -15.84 10.18 -19.06
CA MET I 212 -16.06 11.32 -19.96
C MET I 212 -15.87 10.89 -21.40
N ILE I 213 -14.96 9.96 -21.67
CA ILE I 213 -14.82 9.41 -23.00
C ILE I 213 -16.09 8.68 -23.41
N ARG I 214 -16.66 7.89 -22.50
CA ARG I 214 -17.85 7.11 -22.83
C ARG I 214 -19.04 8.02 -23.08
N LYS I 215 -19.27 8.97 -22.17
CA LYS I 215 -20.38 9.90 -22.36
C LYS I 215 -20.23 10.63 -23.68
N GLN I 216 -19.10 11.29 -23.89
CA GLN I 216 -18.91 12.11 -25.08
C GLN I 216 -18.60 11.28 -26.32
N GLY I 217 -18.11 10.06 -26.17
CA GLY I 217 -17.65 9.29 -27.29
C GLY I 217 -16.29 9.77 -27.79
N ILE I 218 -15.94 9.33 -28.99
CA ILE I 218 -14.67 9.68 -29.60
C ILE I 218 -14.82 10.99 -30.36
N SER I 219 -13.69 11.64 -30.63
CA SER I 219 -13.68 12.88 -31.39
C SER I 219 -14.15 12.63 -32.83
N GLY I 220 -14.42 13.73 -33.53
CA GLY I 220 -14.91 13.67 -34.88
C GLY I 220 -13.82 13.33 -35.87
N PRO I 221 -14.23 13.08 -37.11
CA PRO I 221 -13.25 12.90 -38.20
C PRO I 221 -12.39 14.13 -38.39
N LEU I 222 -11.12 13.89 -38.72
CA LEU I 222 -10.22 14.97 -39.10
C LEU I 222 -10.51 15.42 -40.53
N SER J 2 -15.34 -5.26 -42.33
CA SER J 2 -16.63 -5.31 -41.64
C SER J 2 -17.65 -4.42 -42.32
N ILE J 3 -18.91 -4.85 -42.31
CA ILE J 3 -19.99 -4.01 -42.81
C ILE J 3 -20.19 -2.86 -41.84
N ILE J 4 -20.09 -1.63 -42.36
CA ILE J 4 -20.05 -0.42 -41.54
C ILE J 4 -21.43 0.22 -41.56
N LYS J 5 -21.97 0.50 -40.37
CA LYS J 5 -23.16 1.31 -40.28
C LYS J 5 -22.90 2.71 -40.84
N LYS J 6 -23.91 3.26 -41.51
CA LYS J 6 -23.85 4.64 -41.95
C LYS J 6 -24.58 5.57 -40.98
N PRO J 7 -24.07 6.77 -40.75
CA PRO J 7 -24.74 7.68 -39.80
C PRO J 7 -26.15 7.98 -40.28
N ASP J 8 -27.13 7.71 -39.41
CA ASP J 8 -28.53 7.99 -39.71
C ASP J 8 -28.80 9.47 -39.45
N LEU J 9 -28.50 10.28 -40.46
CA LEU J 9 -28.61 11.73 -40.28
C LEU J 9 -30.06 12.19 -40.23
N SER J 10 -30.99 11.38 -40.70
CA SER J 10 -32.41 11.69 -40.52
C SER J 10 -32.74 11.86 -39.04
N ASP J 11 -32.14 11.04 -38.18
CA ASP J 11 -32.41 11.10 -36.75
C ASP J 11 -32.05 12.48 -36.22
N PRO J 12 -33.00 13.23 -35.66
CA PRO J 12 -32.64 14.54 -35.11
C PRO J 12 -31.75 14.47 -33.88
N ASP J 13 -31.79 13.36 -33.13
CA ASP J 13 -30.93 13.23 -31.97
C ASP J 13 -29.47 13.10 -32.38
N LEU J 14 -29.21 12.31 -33.41
CA LEU J 14 -27.83 12.18 -33.89
C LEU J 14 -27.35 13.48 -34.51
N ARG J 15 -28.26 14.24 -35.14
CA ARG J 15 -27.87 15.51 -35.72
C ARG J 15 -27.54 16.51 -34.63
N ALA J 16 -28.31 16.49 -33.54
CA ALA J 16 -28.05 17.40 -32.44
C ALA J 16 -26.74 17.03 -31.75
N LYS J 17 -26.48 15.73 -31.58
CA LYS J 17 -25.24 15.32 -30.95
C LYS J 17 -24.05 15.69 -31.82
N LEU J 18 -24.16 15.50 -33.14
CA LEU J 18 -23.08 15.87 -34.03
C LEU J 18 -22.88 17.38 -34.06
N ALA J 19 -23.93 18.15 -33.81
CA ALA J 19 -23.76 19.59 -33.73
C ALA J 19 -22.86 19.95 -32.56
N LYS J 20 -23.02 19.28 -31.43
CA LYS J 20 -22.25 19.54 -30.23
C LYS J 20 -20.87 18.88 -30.27
N GLY J 21 -20.56 18.14 -31.33
CA GLY J 21 -19.27 17.49 -31.48
C GLY J 21 -19.24 16.03 -31.08
N MET J 22 -20.26 15.56 -30.38
CA MET J 22 -20.32 14.17 -29.95
C MET J 22 -21.05 13.33 -31.00
N GLY J 23 -21.39 12.10 -30.64
CA GLY J 23 -22.22 11.26 -31.49
C GLY J 23 -21.46 10.54 -32.59
N HIS J 24 -20.14 10.46 -32.51
CA HIS J 24 -19.36 9.71 -33.47
C HIS J 24 -19.24 8.24 -33.12
N ASN J 25 -19.73 7.84 -31.96
CA ASN J 25 -19.80 6.43 -31.59
C ASN J 25 -21.13 5.80 -31.96
N TYR J 26 -21.83 6.38 -32.95
CA TYR J 26 -23.13 5.92 -33.39
C TYR J 26 -23.11 5.37 -34.81
N TYR J 27 -21.96 5.38 -35.48
CA TYR J 27 -21.85 4.89 -36.83
C TYR J 27 -20.46 4.28 -37.01
N GLY J 28 -20.31 3.53 -38.09
CA GLY J 28 -19.10 2.76 -38.34
C GLY J 28 -19.31 1.29 -38.02
N GLU J 29 -18.20 0.58 -37.87
CA GLU J 29 -18.29 -0.83 -37.58
C GLU J 29 -18.68 -1.03 -36.11
N PRO J 30 -19.27 -2.18 -35.78
CA PRO J 30 -19.69 -2.40 -34.39
C PRO J 30 -18.51 -2.38 -33.43
N ALA J 31 -18.73 -1.78 -32.27
CA ALA J 31 -17.67 -1.72 -31.26
C ALA J 31 -17.39 -3.09 -30.69
N TRP J 32 -18.42 -3.78 -30.21
CA TRP J 32 -18.34 -5.14 -29.73
C TRP J 32 -19.02 -6.09 -30.71
N PRO J 33 -18.42 -7.25 -30.99
CA PRO J 33 -17.10 -7.74 -30.56
C PRO J 33 -15.96 -7.39 -31.51
N ASN J 34 -16.25 -6.69 -32.61
CA ASN J 34 -15.24 -6.43 -33.63
C ASN J 34 -13.95 -5.90 -33.03
N ASP J 35 -14.03 -4.76 -32.34
CA ASP J 35 -12.83 -4.09 -31.84
C ASP J 35 -12.53 -4.43 -30.39
N ILE J 36 -13.54 -4.37 -29.52
CA ILE J 36 -13.29 -4.57 -28.10
C ILE J 36 -12.86 -6.01 -27.83
N LEU J 37 -13.64 -6.97 -28.33
CA LEU J 37 -13.37 -8.36 -27.98
C LEU J 37 -12.13 -8.88 -28.71
N TYR J 38 -11.99 -8.57 -29.99
CA TYR J 38 -10.93 -9.16 -30.81
C TYR J 38 -9.68 -8.29 -30.89
N MET J 39 -9.82 -7.00 -31.22
CA MET J 39 -8.63 -6.19 -31.47
C MET J 39 -7.98 -5.72 -30.18
N PHE J 40 -8.77 -5.42 -29.15
CA PHE J 40 -8.17 -4.97 -27.91
C PHE J 40 -7.24 -6.02 -27.34
N PRO J 41 -7.64 -7.30 -27.22
CA PRO J 41 -6.66 -8.30 -26.78
C PRO J 41 -5.52 -8.49 -27.74
N ILE J 42 -5.66 -8.13 -29.02
CA ILE J 42 -4.49 -8.16 -29.90
C ILE J 42 -3.46 -7.14 -29.43
N CYS J 43 -3.92 -5.96 -29.02
CA CYS J 43 -2.96 -4.96 -28.57
C CYS J 43 -2.49 -5.25 -27.16
N ILE J 44 -3.36 -5.83 -26.33
CA ILE J 44 -2.97 -6.17 -24.97
C ILE J 44 -1.91 -7.25 -24.99
N LEU J 45 -2.06 -8.26 -25.85
CA LEU J 45 -1.07 -9.32 -25.90
C LEU J 45 0.18 -8.87 -26.62
N GLY J 46 0.06 -7.96 -27.58
CA GLY J 46 1.26 -7.37 -28.17
C GLY J 46 2.08 -6.66 -27.13
N ALA J 47 1.43 -5.83 -26.32
CA ALA J 47 2.16 -5.05 -25.32
C ALA J 47 2.70 -5.95 -24.21
N LEU J 48 1.91 -6.91 -23.75
CA LEU J 48 2.39 -7.81 -22.70
C LEU J 48 3.58 -8.63 -23.20
N GLY J 49 3.56 -9.04 -24.47
CA GLY J 49 4.65 -9.85 -24.98
C GLY J 49 5.88 -9.00 -25.23
N LEU J 50 5.69 -7.74 -25.59
CA LEU J 50 6.84 -6.91 -25.89
C LEU J 50 7.47 -6.41 -24.59
N ILE J 51 6.66 -6.21 -23.56
CA ILE J 51 7.19 -5.80 -22.27
C ILE J 51 7.88 -6.98 -21.60
N ALA J 52 7.35 -8.19 -21.78
CA ALA J 52 8.03 -9.35 -21.22
C ALA J 52 9.34 -9.62 -21.96
N GLY J 53 9.37 -9.38 -23.27
CA GLY J 53 10.60 -9.61 -24.01
C GLY J 53 11.65 -8.56 -23.71
N LEU J 54 11.22 -7.31 -23.51
CA LEU J 54 12.17 -6.28 -23.11
C LEU J 54 12.67 -6.50 -21.70
N ALA J 55 11.81 -7.03 -20.81
CA ALA J 55 12.25 -7.33 -19.46
C ALA J 55 13.26 -8.46 -19.45
N ILE J 56 12.99 -9.52 -20.23
CA ILE J 56 13.89 -10.66 -20.26
C ILE J 56 15.21 -10.28 -20.90
N LEU J 57 15.16 -9.64 -22.07
CA LEU J 57 16.38 -9.34 -22.81
C LEU J 57 17.21 -8.26 -22.12
N ASP J 58 16.55 -7.23 -21.58
CA ASP J 58 17.20 -6.13 -20.87
C ASP J 58 16.63 -6.05 -19.46
N PRO J 59 17.02 -6.95 -18.56
CA PRO J 59 16.47 -6.93 -17.21
C PRO J 59 16.89 -5.68 -16.44
N ALA J 60 16.18 -5.45 -15.34
CA ALA J 60 16.50 -4.35 -14.44
C ALA J 60 17.84 -4.58 -13.74
N MET J 61 18.53 -3.50 -13.44
CA MET J 61 19.84 -3.53 -12.81
C MET J 61 19.73 -3.19 -11.33
N ILE J 62 20.16 -4.11 -10.48
CA ILE J 62 20.38 -3.77 -9.08
C ILE J 62 21.56 -2.82 -9.03
N GLY J 63 21.31 -1.57 -8.62
CA GLY J 63 22.39 -0.62 -8.52
C GLY J 63 23.29 -0.91 -7.32
N GLU J 64 24.12 0.07 -7.01
CA GLU J 64 24.85 0.03 -5.76
C GLU J 64 24.00 0.61 -4.63
N PRO J 65 24.26 0.21 -3.38
CA PRO J 65 23.48 0.76 -2.27
C PRO J 65 23.70 2.26 -2.10
N ALA J 66 22.64 2.95 -1.70
CA ALA J 66 22.69 4.40 -1.60
C ALA J 66 23.72 4.82 -0.56
N ASP J 67 24.62 5.71 -0.97
CA ASP J 67 25.55 6.35 -0.05
C ASP J 67 25.13 7.81 0.14
N PRO J 68 24.67 8.22 1.33
CA PRO J 68 24.33 9.63 1.53
C PRO J 68 25.53 10.56 1.48
N PHE J 69 26.75 10.03 1.57
CA PHE J 69 27.95 10.84 1.63
C PHE J 69 28.62 11.01 0.27
N ALA J 70 28.24 10.23 -0.73
CA ALA J 70 28.92 10.21 -2.03
C ALA J 70 27.89 10.40 -3.13
N THR J 71 27.95 11.55 -3.79
CA THR J 71 27.01 11.85 -4.87
C THR J 71 27.52 11.24 -6.18
N PRO J 72 26.71 10.46 -6.89
CA PRO J 72 27.16 9.93 -8.19
C PRO J 72 27.61 11.06 -9.10
N LEU J 73 28.72 10.82 -9.81
CA LEU J 73 29.27 11.84 -10.70
C LEU J 73 28.19 12.46 -11.56
N GLU J 74 27.36 11.63 -12.20
CA GLU J 74 26.28 12.09 -13.08
C GLU J 74 24.98 11.39 -12.67
N ILE J 75 24.22 12.08 -11.83
CA ILE J 75 22.88 11.62 -11.43
C ILE J 75 21.89 12.07 -12.49
N LEU J 76 21.02 11.16 -12.91
CA LEU J 76 19.97 11.48 -13.87
C LEU J 76 18.64 10.93 -13.40
N PRO J 77 17.53 11.59 -13.74
CA PRO J 77 16.21 11.02 -13.43
C PRO J 77 15.77 10.01 -14.49
N GLU J 78 14.49 9.69 -14.53
CA GLU J 78 13.98 8.87 -15.63
C GLU J 78 14.01 9.68 -16.92
N TRP J 79 13.84 8.96 -18.04
CA TRP J 79 13.93 9.63 -19.33
C TRP J 79 12.81 10.64 -19.54
N TYR J 80 11.66 10.41 -18.93
CA TYR J 80 10.53 11.32 -19.17
C TYR J 80 10.72 12.64 -18.45
N LEU J 81 11.60 12.66 -17.44
CA LEU J 81 11.96 13.89 -16.76
C LEU J 81 13.32 14.39 -17.21
N TYR J 82 13.77 13.96 -18.40
CA TYR J 82 15.01 14.53 -18.94
C TYR J 82 14.82 15.97 -19.37
N PRO J 83 13.77 16.33 -20.10
CA PRO J 83 13.61 17.74 -20.47
C PRO J 83 13.36 18.62 -19.25
N THR J 84 12.65 18.10 -18.25
CA THR J 84 12.41 18.88 -17.04
C THR J 84 13.69 19.08 -16.26
N PHE J 85 14.52 18.04 -16.17
CA PHE J 85 15.72 18.13 -15.36
C PHE J 85 16.68 19.15 -15.97
N GLN J 86 16.80 19.15 -17.28
CA GLN J 86 17.66 20.13 -17.93
C GLN J 86 17.16 21.54 -17.63
N ILE J 87 15.85 21.75 -17.66
CA ILE J 87 15.31 23.06 -17.32
C ILE J 87 15.91 23.52 -16.00
N LEU J 88 15.90 22.64 -15.00
CA LEU J 88 16.42 23.03 -13.69
C LEU J 88 17.87 23.50 -13.80
N ARG J 89 18.74 22.69 -14.39
CA ARG J 89 20.17 23.00 -14.33
C ARG J 89 20.55 24.19 -15.21
N ILE J 90 19.96 24.32 -16.39
CA ILE J 90 20.40 25.39 -17.30
C ILE J 90 19.97 26.75 -16.77
N LEU J 91 18.75 26.85 -16.24
CA LEU J 91 18.26 28.14 -15.78
C LEU J 91 19.05 28.61 -14.57
N PRO J 92 19.60 29.82 -14.58
CA PRO J 92 20.45 30.22 -13.44
C PRO J 92 19.68 30.32 -12.13
N ASN J 93 18.47 30.88 -12.17
CA ASN J 93 17.65 31.04 -10.99
C ASN J 93 16.82 29.78 -10.77
N LYS J 94 16.93 29.19 -9.58
CA LYS J 94 16.20 27.96 -9.30
C LYS J 94 14.70 28.18 -9.37
N LEU J 95 14.23 29.30 -8.83
CA LEU J 95 12.79 29.54 -8.80
C LEU J 95 12.23 29.63 -10.21
N LEU J 96 12.99 30.21 -11.14
CA LEU J 96 12.55 30.24 -12.53
C LEU J 96 12.42 28.82 -13.08
N GLY J 97 13.38 27.96 -12.75
CA GLY J 97 13.27 26.57 -13.16
C GLY J 97 12.02 25.91 -12.62
N ILE J 98 11.71 26.18 -11.36
CA ILE J 98 10.52 25.58 -10.75
C ILE J 98 9.28 26.07 -11.48
N ALA J 99 9.26 27.38 -11.79
CA ALA J 99 8.11 27.94 -12.49
C ALA J 99 7.94 27.29 -13.86
N GLY J 100 9.05 26.99 -14.55
CA GLY J 100 8.96 26.29 -15.81
C GLY J 100 8.43 24.87 -15.65
N MET J 101 8.90 24.18 -14.62
CA MET J 101 8.44 22.82 -14.39
C MET J 101 6.94 22.82 -14.16
N ALA J 102 6.45 23.75 -13.35
CA ALA J 102 5.02 23.79 -13.09
C ALA J 102 4.26 24.35 -14.29
N ALA J 103 4.92 25.12 -15.16
CA ALA J 103 4.25 25.63 -16.34
C ALA J 103 4.07 24.57 -17.40
N ILE J 104 4.80 23.46 -17.30
CA ILE J 104 4.59 22.39 -18.27
C ILE J 104 3.19 21.81 -18.09
N PRO J 105 2.81 21.28 -16.93
CA PRO J 105 1.45 20.72 -16.80
C PRO J 105 0.35 21.78 -16.85
N LEU J 106 0.56 22.94 -16.23
CA LEU J 106 -0.51 23.95 -16.27
C LEU J 106 -0.62 24.53 -17.66
N GLY J 107 0.51 24.70 -18.35
CA GLY J 107 0.45 25.14 -19.73
C GLY J 107 -0.28 24.13 -20.60
N LEU J 108 -0.10 22.85 -20.32
CA LEU J 108 -0.85 21.83 -21.05
C LEU J 108 -2.34 21.93 -20.76
N MET J 109 -2.70 22.17 -19.49
CA MET J 109 -4.11 22.20 -19.13
C MET J 109 -4.87 23.30 -19.86
N LEU J 110 -4.19 24.33 -20.33
CA LEU J 110 -4.87 25.41 -21.04
C LEU J 110 -4.97 25.16 -22.54
N VAL J 111 -4.26 24.16 -23.05
CA VAL J 111 -4.27 23.90 -24.49
C VAL J 111 -5.69 23.89 -25.05
N PRO J 112 -6.66 23.16 -24.47
CA PRO J 112 -7.98 23.11 -25.09
C PRO J 112 -8.68 24.45 -25.12
N PHE J 113 -8.58 25.24 -24.05
CA PHE J 113 -9.31 26.49 -24.00
C PHE J 113 -8.79 27.47 -25.02
N ILE J 114 -7.46 27.57 -25.16
CA ILE J 114 -6.90 28.44 -26.18
C ILE J 114 -7.24 27.94 -27.57
N GLU J 115 -7.09 26.62 -27.78
CA GLU J 115 -7.18 26.06 -29.11
C GLU J 115 -8.61 25.98 -29.63
N SER J 116 -9.61 25.93 -28.76
CA SER J 116 -10.97 25.74 -29.19
C SER J 116 -11.52 26.91 -29.99
N VAL J 117 -10.77 28.01 -30.10
CA VAL J 117 -11.19 29.11 -30.95
C VAL J 117 -11.43 28.59 -32.36
N ASN J 118 -10.56 27.71 -32.83
CA ASN J 118 -10.72 27.08 -34.13
C ASN J 118 -11.41 25.73 -33.96
N LYS J 119 -12.52 25.53 -34.67
CA LYS J 119 -13.28 24.31 -34.52
C LYS J 119 -12.68 23.13 -35.27
N PHE J 120 -11.84 23.38 -36.27
CA PHE J 120 -11.32 22.31 -37.11
C PHE J 120 -10.30 21.46 -36.35
N GLN J 121 -10.45 20.15 -36.47
CA GLN J 121 -9.62 19.21 -35.74
C GLN J 121 -8.39 18.79 -36.54
N ASN J 122 -8.41 18.93 -37.85
CA ASN J 122 -7.28 18.51 -38.67
C ASN J 122 -6.07 19.39 -38.41
N PRO J 123 -4.89 18.81 -38.20
CA PRO J 123 -3.68 19.62 -38.07
C PRO J 123 -3.44 20.59 -39.23
N PHE J 124 -3.77 20.17 -40.45
CA PHE J 124 -3.54 21.04 -41.61
C PHE J 124 -4.50 22.21 -41.66
N ARG J 125 -5.54 22.23 -40.82
CA ARG J 125 -6.45 23.35 -40.76
C ARG J 125 -6.18 24.26 -39.57
N ARG J 126 -5.19 23.94 -38.75
CA ARG J 126 -4.77 24.79 -37.63
C ARG J 126 -3.25 24.96 -37.76
N PRO J 127 -2.79 25.80 -38.68
CA PRO J 127 -1.34 25.94 -38.88
C PRO J 127 -0.61 26.41 -37.64
N ILE J 128 -1.15 27.42 -36.96
CA ILE J 128 -0.43 27.99 -35.82
C ILE J 128 -0.31 26.96 -34.70
N ALA J 129 -1.32 26.11 -34.54
CA ALA J 129 -1.25 25.14 -33.45
C ALA J 129 -0.24 24.05 -33.76
N MET J 130 -0.09 23.69 -35.03
CA MET J 130 0.92 22.71 -35.39
C MET J 130 2.31 23.31 -35.37
N THR J 131 2.43 24.63 -35.56
CA THR J 131 3.73 25.27 -35.46
C THR J 131 4.16 25.31 -34.00
N VAL J 132 3.24 25.70 -33.11
CA VAL J 132 3.60 25.78 -31.71
C VAL J 132 3.86 24.38 -31.18
N PHE J 133 3.12 23.38 -31.68
CA PHE J 133 3.28 22.03 -31.18
C PHE J 133 4.59 21.42 -31.66
N LEU J 134 4.94 21.62 -32.94
CA LEU J 134 6.18 21.05 -33.43
C LEU J 134 7.38 21.77 -32.85
N PHE J 135 7.26 23.07 -32.60
CA PHE J 135 8.35 23.77 -31.93
C PHE J 135 8.49 23.27 -30.50
N GLY J 136 7.38 22.99 -29.82
CA GLY J 136 7.47 22.56 -28.44
C GLY J 136 7.93 21.12 -28.31
N THR J 137 7.60 20.28 -29.29
CA THR J 137 8.09 18.91 -29.26
C THR J 137 9.57 18.87 -29.59
N ALA J 138 10.02 19.73 -30.52
CA ALA J 138 11.43 19.77 -30.81
C ALA J 138 12.21 20.38 -29.66
N ALA J 139 11.59 21.31 -28.93
CA ALA J 139 12.27 21.91 -27.78
C ALA J 139 12.32 20.95 -26.60
N ALA J 140 11.30 20.11 -26.45
CA ALA J 140 11.33 19.14 -25.36
C ALA J 140 12.28 18.00 -25.67
N LEU J 141 12.42 17.64 -26.96
CA LEU J 141 13.39 16.62 -27.31
C LEU J 141 14.80 17.17 -27.23
N TRP J 142 14.96 18.49 -27.47
CA TRP J 142 16.27 19.10 -27.39
C TRP J 142 16.70 19.24 -25.94
N LEU J 143 15.76 19.63 -25.08
CA LEU J 143 16.07 19.70 -23.65
C LEU J 143 16.38 18.31 -23.10
N GLY J 144 15.59 17.31 -23.48
CA GLY J 144 15.86 15.96 -23.04
C GLY J 144 17.22 15.46 -23.48
N ALA J 145 17.60 15.72 -24.74
CA ALA J 145 18.93 15.35 -25.19
C ALA J 145 20.01 16.15 -24.47
N GLY J 146 19.73 17.40 -24.11
CA GLY J 146 20.71 18.20 -23.40
C GLY J 146 20.90 17.71 -21.98
N ALA J 147 19.87 17.08 -21.41
CA ALA J 147 19.97 16.60 -20.05
C ALA J 147 21.04 15.53 -19.91
N THR J 148 21.33 14.81 -21.00
CA THR J 148 22.24 13.68 -20.98
C THR J 148 23.65 14.06 -21.37
N PHE J 149 23.96 15.35 -21.42
CA PHE J 149 25.29 15.86 -21.67
C PHE J 149 25.83 16.58 -20.45
N PRO J 150 27.12 16.90 -20.42
CA PRO J 150 27.62 17.84 -19.42
C PRO J 150 26.92 19.17 -19.53
N ILE J 151 26.83 19.88 -18.41
CA ILE J 151 26.14 21.17 -18.41
C ILE J 151 26.87 22.17 -19.30
N ASP J 152 28.16 21.95 -19.56
CA ASP J 152 28.88 22.84 -20.46
C ASP J 152 28.42 22.66 -21.90
N LYS J 153 28.22 21.41 -22.33
CA LYS J 153 27.84 21.10 -23.70
C LYS J 153 26.39 20.63 -23.79
N SER J 154 25.58 20.95 -22.79
CA SER J 154 24.20 20.49 -22.76
C SER J 154 23.35 21.25 -23.76
N LEU J 155 23.57 22.56 -23.91
CA LEU J 155 22.71 23.37 -24.76
C LEU J 155 23.01 23.18 -26.23
N THR J 156 24.19 22.67 -26.57
CA THR J 156 24.59 22.47 -27.96
C THR J 156 24.65 20.99 -28.33
N LEU J 157 24.45 20.09 -27.37
CA LEU J 157 24.66 18.66 -27.58
C LEU J 157 26.05 18.38 -28.13
N GLY J 158 27.02 19.22 -27.75
CA GLY J 158 28.38 19.07 -28.22
C GLY J 158 28.53 19.28 -29.72
N LEU J 159 27.45 19.68 -30.39
CA LEU J 159 27.53 19.91 -31.83
C LEU J 159 28.27 21.21 -32.15
N PHE J 160 28.21 22.19 -31.25
CA PHE J 160 28.84 23.47 -31.48
C PHE J 160 29.62 23.90 -30.24
N TYR K 45 51.04 5.14 -12.95
CA TYR K 45 50.68 3.92 -13.72
C TYR K 45 49.50 3.21 -13.04
N PRO K 46 49.05 2.09 -13.62
CA PRO K 46 47.94 1.36 -12.97
C PRO K 46 48.30 0.80 -11.61
N PHE K 47 49.58 0.47 -11.37
CA PHE K 47 49.96 -0.09 -10.08
C PHE K 47 50.04 0.97 -8.99
N TRP K 48 50.19 2.23 -9.36
CA TRP K 48 50.10 3.29 -8.35
C TRP K 48 48.66 3.46 -7.88
N ALA K 49 47.70 2.99 -8.68
CA ALA K 49 46.33 2.95 -8.21
C ALA K 49 46.13 1.77 -7.27
N GLN K 50 46.75 0.63 -7.60
CA GLN K 50 46.71 -0.51 -6.68
C GLN K 50 47.28 -0.11 -5.32
N GLU K 51 48.35 0.67 -5.32
CA GLU K 51 48.98 1.04 -4.05
C GLU K 51 48.16 2.11 -3.34
N THR K 52 47.79 3.18 -4.07
CA THR K 52 47.09 4.29 -3.43
C THR K 52 45.75 3.87 -2.84
N ALA K 53 44.96 3.13 -3.63
CA ALA K 53 43.61 2.72 -3.24
C ALA K 53 43.44 1.22 -3.49
N PRO K 54 44.12 0.38 -2.73
CA PRO K 54 44.12 -1.06 -3.03
C PRO K 54 42.73 -1.69 -3.00
N LEU K 55 41.84 -1.20 -2.14
CA LEU K 55 40.54 -1.85 -1.99
C LEU K 55 39.77 -1.87 -3.30
N THR K 56 39.69 -0.72 -3.99
CA THR K 56 38.88 -0.64 -5.19
C THR K 56 39.31 0.59 -5.98
N PRO K 57 39.39 0.50 -7.31
CA PRO K 57 39.68 1.73 -8.08
C PRO K 57 38.52 2.72 -8.02
N ARG K 58 37.29 2.23 -8.03
CA ARG K 58 36.13 3.10 -8.03
C ARG K 58 35.81 3.56 -6.61
N GLU K 59 35.59 4.86 -6.46
CA GLU K 59 35.11 5.42 -5.20
C GLU K 59 33.60 5.17 -5.08
N ALA K 60 33.02 5.66 -3.98
CA ALA K 60 31.58 5.54 -3.81
C ALA K 60 30.84 6.45 -4.78
N THR K 61 31.43 7.59 -5.12
CA THR K 61 30.85 8.50 -6.09
C THR K 61 30.90 7.94 -7.50
N GLY K 62 31.67 6.88 -7.73
CA GLY K 62 31.86 6.34 -9.05
C GLY K 62 33.01 6.97 -9.80
N ARG K 63 33.85 7.74 -9.13
CA ARG K 63 35.03 8.35 -9.72
C ARG K 63 36.21 7.41 -9.54
N ILE K 64 36.72 6.87 -10.65
CA ILE K 64 37.90 6.02 -10.59
C ILE K 64 39.08 6.81 -10.06
N VAL K 65 39.93 6.15 -9.28
CA VAL K 65 41.05 6.82 -8.62
C VAL K 65 41.98 7.49 -9.62
N CYS K 66 42.09 6.94 -10.84
CA CYS K 66 42.87 7.58 -11.89
C CYS K 66 42.76 9.09 -11.87
N ALA K 67 41.53 9.61 -11.87
CA ALA K 67 41.31 11.05 -11.99
C ALA K 67 42.03 11.84 -10.90
N ASN K 68 42.18 11.27 -9.71
CA ASN K 68 42.81 11.99 -8.60
C ASN K 68 44.19 12.53 -8.94
N CYS K 69 44.84 11.98 -9.98
CA CYS K 69 46.19 12.42 -10.34
C CYS K 69 46.29 12.70 -11.83
N HIS K 70 45.53 11.95 -12.65
CA HIS K 70 45.37 12.26 -14.07
C HIS K 70 44.24 13.27 -14.16
N LEU K 71 44.58 14.56 -14.08
CA LEU K 71 43.57 15.58 -13.86
C LEU K 71 42.75 15.87 -15.10
N ALA K 72 43.35 15.77 -16.28
CA ALA K 72 42.65 16.07 -17.52
C ALA K 72 41.54 15.05 -17.77
N GLN K 73 40.70 15.35 -18.76
CA GLN K 73 39.54 14.53 -19.09
C GLN K 73 39.44 14.42 -20.61
N LYS K 74 39.69 13.24 -21.13
CA LYS K 74 39.47 12.90 -22.53
C LYS K 74 38.52 11.71 -22.62
N ALA K 75 38.11 11.39 -23.84
CA ALA K 75 37.07 10.39 -24.04
C ALA K 75 37.62 8.98 -23.88
N ALA K 76 36.79 8.09 -23.36
CA ALA K 76 37.09 6.68 -23.21
C ALA K 76 35.85 5.87 -23.56
N GLU K 77 36.04 4.72 -24.19
CA GLU K 77 34.90 3.93 -24.66
C GLU K 77 35.14 2.45 -24.40
N VAL K 78 34.03 1.71 -24.29
CA VAL K 78 34.07 0.26 -24.15
C VAL K 78 33.05 -0.33 -25.12
N GLU K 79 33.50 -1.22 -25.99
CA GLU K 79 32.60 -1.91 -26.91
C GLU K 79 32.28 -3.30 -26.35
N ILE K 80 31.45 -3.29 -25.31
CA ILE K 80 31.03 -4.53 -24.65
C ILE K 80 29.69 -4.98 -25.23
N PRO K 81 29.48 -6.27 -25.46
CA PRO K 81 28.17 -6.72 -25.94
C PRO K 81 27.06 -6.37 -24.96
N GLN K 82 25.87 -6.13 -25.51
CA GLN K 82 24.72 -5.83 -24.67
C GLN K 82 24.36 -7.01 -23.77
N ALA K 83 24.71 -8.22 -24.18
CA ALA K 83 24.43 -9.41 -23.40
C ALA K 83 25.47 -10.46 -23.78
N VAL K 84 25.79 -11.33 -22.81
CA VAL K 84 26.78 -12.38 -23.02
C VAL K 84 26.29 -13.64 -22.32
N LEU K 85 26.20 -14.74 -23.06
CA LEU K 85 25.75 -15.99 -22.48
C LEU K 85 26.77 -16.45 -21.43
N PRO K 86 26.36 -17.35 -20.54
CA PRO K 86 27.29 -17.75 -19.48
C PRO K 86 28.38 -18.67 -20.00
N ASP K 87 29.56 -18.55 -19.39
CA ASP K 87 30.71 -19.38 -19.74
C ASP K 87 31.06 -19.25 -21.21
N THR K 88 31.17 -18.01 -21.67
CA THR K 88 31.51 -17.72 -23.06
C THR K 88 32.55 -16.63 -23.10
N VAL K 89 33.66 -16.89 -23.79
CA VAL K 89 34.67 -15.86 -24.00
C VAL K 89 34.11 -14.83 -24.98
N PHE K 90 34.08 -13.57 -24.55
CA PHE K 90 33.74 -12.46 -25.43
C PHE K 90 34.86 -11.42 -25.35
N GLU K 91 34.67 -10.31 -26.06
CA GLU K 91 35.69 -9.27 -26.17
C GLU K 91 35.11 -7.94 -25.72
N ALA K 92 35.92 -7.17 -25.00
CA ALA K 92 35.57 -5.81 -24.57
C ALA K 92 36.64 -4.86 -25.12
N VAL K 93 36.35 -4.24 -26.26
CA VAL K 93 37.32 -3.39 -26.94
C VAL K 93 37.31 -2.03 -26.25
N VAL K 94 38.30 -1.79 -25.38
CA VAL K 94 38.42 -0.53 -24.66
C VAL K 94 39.14 0.45 -25.58
N LYS K 95 38.38 1.37 -26.17
CA LYS K 95 38.95 2.42 -27.00
C LYS K 95 39.47 3.56 -26.12
N ILE K 96 40.72 3.95 -26.35
CA ILE K 96 41.37 5.05 -25.64
C ILE K 96 41.88 6.03 -26.69
N PRO K 97 41.00 6.75 -27.39
CA PRO K 97 41.42 7.55 -28.54
C PRO K 97 42.11 8.84 -28.13
N TYR K 98 43.35 9.00 -28.58
CA TYR K 98 44.08 10.25 -28.46
C TYR K 98 44.78 10.50 -29.78
N ASP K 99 44.95 11.78 -30.13
CA ASP K 99 45.64 12.13 -31.37
C ASP K 99 47.03 11.52 -31.36
N LEU K 100 47.31 10.69 -32.36
CA LEU K 100 48.55 9.89 -32.33
C LEU K 100 49.78 10.75 -32.55
N ASP K 101 49.67 11.80 -33.36
CA ASP K 101 50.82 12.68 -33.59
C ASP K 101 51.10 13.57 -32.39
N SER K 102 50.11 13.78 -31.51
CA SER K 102 50.33 14.59 -30.33
C SER K 102 51.50 14.04 -29.52
N GLN K 103 52.33 14.95 -29.00
CA GLN K 103 53.50 14.59 -28.23
C GLN K 103 53.40 15.20 -26.84
N GLN K 104 53.56 14.36 -25.82
CA GLN K 104 53.59 14.80 -24.44
C GLN K 104 55.03 15.12 -24.03
N VAL K 105 55.16 15.90 -22.96
CA VAL K 105 56.45 16.09 -22.32
C VAL K 105 56.73 14.90 -21.42
N LEU K 106 57.96 14.39 -21.49
CA LEU K 106 58.35 13.20 -20.74
C LEU K 106 58.98 13.61 -19.41
N GLY K 107 59.19 12.62 -18.55
CA GLY K 107 59.78 12.89 -17.26
C GLY K 107 61.02 13.77 -17.35
N ASP K 108 61.80 13.59 -18.42
CA ASP K 108 63.04 14.32 -18.62
C ASP K 108 62.85 15.53 -19.52
N GLY K 109 61.67 16.14 -19.50
CA GLY K 109 61.43 17.35 -20.27
C GLY K 109 61.77 17.21 -21.74
N SER K 110 61.36 16.10 -22.36
CA SER K 110 61.61 15.86 -23.77
C SER K 110 60.34 15.32 -24.42
N LYS K 111 59.90 15.98 -25.50
CA LYS K 111 58.66 15.59 -26.15
C LYS K 111 58.75 14.15 -26.61
N GLY K 112 57.62 13.43 -26.54
CA GLY K 112 57.62 12.05 -26.92
C GLY K 112 56.21 11.49 -27.02
N GLY K 113 56.15 10.17 -27.19
CA GLY K 113 54.89 9.50 -27.38
C GLY K 113 54.15 9.23 -26.09
N LEU K 114 52.82 9.25 -26.17
CA LEU K 114 51.98 8.91 -25.03
C LEU K 114 51.88 7.40 -24.87
N ASN K 115 51.44 6.98 -23.69
CA ASN K 115 51.10 5.58 -23.42
C ASN K 115 49.64 5.51 -22.97
N VAL K 116 49.09 4.30 -22.99
CA VAL K 116 47.66 4.10 -22.73
C VAL K 116 47.49 2.91 -21.79
N GLY K 117 46.78 3.14 -20.68
CA GLY K 117 46.40 2.07 -19.76
C GLY K 117 44.92 2.17 -19.48
N ALA K 118 44.44 1.25 -18.63
CA ALA K 118 43.02 1.25 -18.34
C ALA K 118 42.71 0.32 -17.16
N VAL K 119 41.57 0.58 -16.53
CA VAL K 119 41.04 -0.24 -15.45
C VAL K 119 39.61 -0.63 -15.83
N LEU K 120 39.46 -1.78 -16.47
CA LEU K 120 38.16 -2.32 -16.86
C LEU K 120 37.54 -3.06 -15.67
N MET K 121 36.57 -2.43 -15.01
CA MET K 121 35.91 -3.02 -13.85
C MET K 121 34.71 -3.82 -14.34
N LEU K 122 34.94 -5.12 -14.57
CA LEU K 122 33.90 -6.02 -15.02
C LEU K 122 32.97 -6.34 -13.86
N PRO K 123 31.80 -6.92 -14.12
CA PRO K 123 30.91 -7.31 -13.02
C PRO K 123 31.50 -8.46 -12.22
N GLU K 124 30.79 -8.79 -11.13
CA GLU K 124 31.20 -9.91 -10.28
C GLU K 124 31.09 -11.22 -11.05
N GLY K 125 32.12 -12.06 -10.92
CA GLY K 125 32.17 -13.35 -11.56
C GLY K 125 32.96 -13.34 -12.86
N PHE K 126 32.93 -12.23 -13.58
CA PHE K 126 33.69 -12.10 -14.81
C PHE K 126 35.18 -12.05 -14.50
N LYS K 127 35.98 -12.34 -15.52
CA LYS K 127 37.42 -12.40 -15.39
C LYS K 127 38.02 -12.20 -16.77
N ILE K 128 39.34 -12.35 -16.88
CA ILE K 128 40.01 -12.40 -18.17
C ILE K 128 40.12 -13.86 -18.58
N ALA K 129 39.58 -14.19 -19.74
CA ALA K 129 39.64 -15.55 -20.24
C ALA K 129 41.09 -16.04 -20.25
N PRO K 130 41.37 -17.25 -19.76
CA PRO K 130 42.73 -17.78 -19.86
C PRO K 130 43.08 -18.09 -21.30
N PRO K 131 44.37 -18.21 -21.62
CA PRO K 131 44.75 -18.42 -23.03
C PRO K 131 44.13 -19.66 -23.64
N ASP K 132 43.89 -20.71 -22.85
CA ASP K 132 43.30 -21.92 -23.41
C ASP K 132 41.89 -21.64 -23.93
N ARG K 133 41.11 -20.84 -23.20
CA ARG K 133 39.72 -20.61 -23.58
C ARG K 133 39.61 -19.71 -24.81
N LEU K 134 40.66 -18.94 -25.10
CA LEU K 134 40.60 -18.01 -26.22
C LEU K 134 40.53 -18.75 -27.54
N SER K 135 39.77 -18.17 -28.48
CA SER K 135 39.78 -18.66 -29.85
C SER K 135 41.00 -18.13 -30.58
N GLU K 136 41.30 -18.76 -31.72
CA GLU K 136 42.45 -18.32 -32.50
C GLU K 136 42.29 -16.87 -32.94
N GLY K 137 41.08 -16.48 -33.35
CA GLY K 137 40.85 -15.10 -33.73
C GLY K 137 41.13 -14.16 -32.58
N LEU K 138 40.73 -14.54 -31.36
CA LEU K 138 40.96 -13.69 -30.21
C LEU K 138 42.34 -13.91 -29.63
N LYS K 139 42.92 -15.09 -29.88
CA LYS K 139 44.29 -15.35 -29.45
C LYS K 139 45.22 -14.39 -30.17
N GLU K 140 44.98 -14.19 -31.47
CA GLU K 140 45.83 -13.29 -32.24
C GLU K 140 45.42 -11.83 -32.01
N LYS K 141 44.11 -11.57 -31.93
CA LYS K 141 43.66 -10.19 -31.73
C LYS K 141 44.23 -9.61 -30.45
N VAL K 142 44.13 -10.36 -29.34
CA VAL K 142 44.64 -9.86 -28.08
C VAL K 142 46.15 -9.75 -28.12
N GLY K 143 46.82 -10.75 -28.70
CA GLY K 143 48.26 -10.72 -28.78
C GLY K 143 48.90 -10.97 -27.42
N GLY K 144 49.99 -10.25 -27.15
CA GLY K 144 50.73 -10.43 -25.92
C GLY K 144 50.43 -9.36 -24.87
N THR K 145 49.25 -8.77 -24.93
CA THR K 145 48.83 -7.87 -23.87
C THR K 145 48.73 -8.63 -22.55
N TYR K 146 49.39 -8.10 -21.53
CA TYR K 146 49.36 -8.73 -20.21
C TYR K 146 48.27 -8.05 -19.39
N PHE K 147 47.28 -8.83 -18.97
CA PHE K 147 46.20 -8.35 -18.12
C PHE K 147 46.36 -8.95 -16.73
N GLN K 148 46.31 -8.10 -15.72
CA GLN K 148 46.47 -8.52 -14.33
C GLN K 148 45.27 -8.06 -13.52
N PRO K 149 44.85 -8.83 -12.53
CA PRO K 149 43.76 -8.36 -11.65
C PRO K 149 44.24 -7.21 -10.78
N TYR K 150 43.33 -6.26 -10.54
CA TYR K 150 43.67 -5.12 -9.71
C TYR K 150 44.17 -5.57 -8.34
N ARG K 151 43.69 -6.71 -7.87
CA ARG K 151 44.11 -7.30 -6.61
C ARG K 151 43.59 -8.73 -6.60
N GLU K 152 44.25 -9.58 -5.82
CA GLU K 152 43.71 -10.92 -5.63
C GLU K 152 42.34 -10.84 -4.97
N ASP K 153 41.47 -11.79 -5.32
CA ASP K 153 40.07 -11.82 -4.93
C ASP K 153 39.25 -10.77 -5.67
N MET K 154 39.86 -10.11 -6.67
CA MET K 154 39.19 -9.10 -7.48
C MET K 154 39.55 -9.34 -8.95
N GLU K 155 39.31 -10.56 -9.42
CA GLU K 155 39.61 -10.89 -10.81
C GLU K 155 38.69 -10.13 -11.77
N ASN K 156 37.48 -9.78 -11.32
CA ASN K 156 36.58 -9.01 -12.18
C ASN K 156 37.24 -7.73 -12.65
N VAL K 157 37.77 -6.93 -11.72
CA VAL K 157 38.46 -5.71 -12.11
C VAL K 157 39.82 -6.08 -12.69
N VAL K 158 40.13 -5.53 -13.86
CA VAL K 158 41.38 -5.83 -14.56
C VAL K 158 42.06 -4.51 -14.91
N ILE K 159 43.36 -4.43 -14.67
CA ILE K 159 44.16 -3.27 -15.06
C ILE K 159 45.11 -3.68 -16.18
N VAL K 160 45.15 -2.86 -17.23
CA VAL K 160 46.15 -2.96 -18.29
C VAL K 160 46.93 -1.66 -18.31
N GLY K 161 48.07 -1.68 -18.99
CA GLY K 161 48.89 -0.51 -19.11
C GLY K 161 50.11 -0.56 -18.21
N PRO K 162 51.09 0.32 -18.46
CA PRO K 162 51.17 1.24 -19.61
C PRO K 162 51.57 0.53 -20.90
N LEU K 163 50.88 0.86 -21.99
CA LEU K 163 51.10 0.28 -23.29
C LEU K 163 51.39 1.37 -24.31
N PRO K 164 52.31 1.15 -25.25
CA PRO K 164 52.54 2.16 -26.30
C PRO K 164 51.25 2.47 -27.05
N GLY K 165 50.90 3.76 -27.05
CA GLY K 165 49.64 4.17 -27.65
C GLY K 165 49.61 3.98 -29.16
N GLU K 166 50.77 4.02 -29.80
CA GLU K 166 50.84 3.86 -31.24
C GLU K 166 50.11 2.61 -31.71
N GLN K 167 50.19 1.54 -30.94
CA GLN K 167 49.67 0.24 -31.36
C GLN K 167 48.51 -0.22 -30.47
N TYR K 168 48.11 0.59 -29.50
CA TYR K 168 47.09 0.19 -28.53
C TYR K 168 46.01 1.26 -28.41
N GLN K 169 45.65 1.89 -29.53
CA GLN K 169 44.52 2.81 -29.53
C GLN K 169 43.23 2.10 -29.13
N GLU K 170 43.20 0.78 -29.24
CA GLU K 170 42.06 -0.04 -28.81
C GLU K 170 42.63 -1.30 -28.19
N ILE K 171 42.32 -1.52 -26.91
CA ILE K 171 42.81 -2.68 -26.18
C ILE K 171 41.66 -3.67 -26.04
N VAL K 172 41.76 -4.81 -26.73
CA VAL K 172 40.75 -5.84 -26.65
C VAL K 172 40.96 -6.63 -25.36
N PHE K 173 40.01 -6.52 -24.43
CA PHE K 173 40.06 -7.26 -23.19
C PHE K 173 39.29 -8.56 -23.38
N PRO K 174 39.95 -9.71 -23.44
CA PRO K 174 39.20 -10.97 -23.61
C PRO K 174 38.55 -11.38 -22.30
N VAL K 175 37.25 -11.16 -22.19
CA VAL K 175 36.52 -11.47 -20.97
C VAL K 175 35.98 -12.89 -21.07
N LEU K 176 35.73 -13.50 -19.91
CA LEU K 176 35.05 -14.79 -19.82
C LEU K 176 33.89 -14.63 -18.86
N SER K 177 32.67 -14.76 -19.39
CA SER K 177 31.49 -14.59 -18.57
C SER K 177 31.37 -15.75 -17.58
N PRO K 178 30.82 -15.49 -16.40
CA PRO K 178 30.64 -16.55 -15.42
C PRO K 178 29.38 -17.35 -15.69
N ASP K 179 29.33 -18.54 -15.08
CA ASP K 179 28.13 -19.37 -15.17
C ASP K 179 27.39 -19.31 -13.83
N PRO K 180 26.25 -18.63 -13.75
CA PRO K 180 25.46 -18.68 -12.51
C PRO K 180 25.06 -20.09 -12.12
N ALA K 181 24.89 -20.97 -13.10
CA ALA K 181 24.54 -22.35 -12.82
C ALA K 181 25.62 -23.03 -11.99
N LYS K 182 26.89 -22.81 -12.36
CA LYS K 182 27.97 -23.46 -11.62
C LYS K 182 28.29 -22.69 -10.34
N ASP K 183 28.16 -21.36 -10.38
CA ASP K 183 28.48 -20.46 -9.28
C ASP K 183 27.19 -19.94 -8.68
N LYS K 184 26.88 -20.38 -7.46
CA LYS K 184 25.65 -19.94 -6.79
C LYS K 184 25.69 -18.44 -6.53
N SER K 185 26.86 -17.90 -6.18
CA SER K 185 26.97 -16.48 -5.89
C SER K 185 26.56 -15.63 -7.09
N ILE K 186 26.93 -16.05 -8.29
CA ILE K 186 26.68 -15.27 -9.50
C ILE K 186 25.27 -15.57 -9.99
N ASN K 187 24.62 -14.56 -10.56
CA ASN K 187 23.26 -14.69 -11.08
C ASN K 187 23.17 -14.03 -12.45
N TYR K 188 22.15 -14.43 -13.21
CA TYR K 188 21.87 -13.83 -14.50
C TYR K 188 21.22 -12.47 -14.30
N GLY K 189 21.72 -11.46 -14.99
CA GLY K 189 21.08 -10.15 -14.92
C GLY K 189 21.93 -9.09 -15.58
N LYS K 190 21.35 -7.90 -15.64
CA LYS K 190 22.07 -6.73 -16.13
C LYS K 190 23.05 -6.25 -15.08
N PHE K 191 24.32 -6.06 -15.46
CA PHE K 191 25.36 -5.64 -14.55
C PHE K 191 26.12 -4.47 -15.16
N ALA K 192 26.80 -3.72 -14.30
CA ALA K 192 27.50 -2.51 -14.70
C ALA K 192 28.97 -2.83 -14.93
N VAL K 193 29.52 -2.33 -16.04
CA VAL K 193 30.92 -2.50 -16.39
C VAL K 193 31.54 -1.11 -16.43
N HIS K 194 32.26 -0.74 -15.37
CA HIS K 194 32.92 0.55 -15.35
C HIS K 194 34.24 0.49 -16.12
N LEU K 195 34.73 1.66 -16.55
CA LEU K 195 36.02 1.74 -17.20
C LEU K 195 36.77 2.99 -16.77
N GLY K 196 38.07 2.84 -16.59
CA GLY K 196 39.00 3.96 -16.57
C GLY K 196 39.96 3.80 -17.73
N ALA K 197 40.31 4.91 -18.37
CA ALA K 197 41.23 4.87 -19.50
C ALA K 197 42.03 6.18 -19.54
N ASN K 198 43.17 6.19 -18.86
CA ASN K 198 44.13 7.26 -19.01
C ASN K 198 44.87 7.08 -20.33
N ARG K 199 45.18 8.19 -21.01
CA ARG K 199 45.91 8.13 -22.27
C ARG K 199 47.24 8.89 -22.23
N GLY K 200 47.65 9.39 -21.07
CA GLY K 200 48.84 10.21 -21.00
C GLY K 200 49.40 10.24 -19.60
N ARG K 201 50.55 10.90 -19.47
CA ARG K 201 51.22 10.98 -18.17
C ARG K 201 50.40 11.79 -17.17
N GLY K 202 50.55 11.44 -15.91
CA GLY K 202 49.85 12.11 -14.84
C GLY K 202 50.43 13.48 -14.56
N GLN K 203 49.97 14.07 -13.46
CA GLN K 203 50.42 15.38 -13.03
C GLN K 203 50.94 15.42 -11.60
N ILE K 204 50.65 14.42 -10.78
CA ILE K 204 51.01 14.42 -9.36
C ILE K 204 51.38 12.99 -9.01
N TYR K 205 52.54 12.82 -8.38
CA TYR K 205 53.02 11.50 -8.02
C TYR K 205 52.27 10.98 -6.80
N PRO K 206 52.40 9.69 -6.49
CA PRO K 206 51.84 9.18 -5.23
C PRO K 206 52.47 9.84 -4.02
N THR K 207 53.69 10.37 -4.18
CA THR K 207 54.34 11.11 -3.10
C THR K 207 53.62 12.40 -2.80
N GLY K 208 52.78 12.88 -3.71
CA GLY K 208 52.10 14.16 -3.58
C GLY K 208 52.81 15.33 -4.24
N LEU K 209 54.00 15.13 -4.80
CA LEU K 209 54.65 16.18 -5.56
C LEU K 209 53.91 16.34 -6.89
N LEU K 210 54.35 17.31 -7.71
CA LEU K 210 53.74 17.58 -9.00
C LEU K 210 54.72 17.23 -10.11
N SER K 211 54.21 16.55 -11.14
CA SER K 211 55.04 16.12 -12.25
C SER K 211 55.31 17.29 -13.21
N ASN K 212 56.34 17.12 -14.03
CA ASN K 212 56.70 18.17 -14.99
C ASN K 212 55.62 18.38 -16.04
N ASN K 213 54.79 17.38 -16.31
CA ASN K 213 53.66 17.55 -17.22
C ASN K 213 52.51 18.16 -16.41
N ASN K 214 52.60 19.47 -16.19
CA ASN K 214 51.59 20.18 -15.43
C ASN K 214 51.76 21.68 -15.65
N ALA K 215 50.65 22.40 -15.60
CA ALA K 215 50.66 23.86 -15.58
C ALA K 215 50.94 24.35 -14.16
N PHE K 216 52.22 24.62 -13.87
CA PHE K 216 52.61 25.16 -12.59
C PHE K 216 52.04 26.56 -12.41
N LYS K 217 51.75 26.91 -11.15
CA LYS K 217 51.05 28.16 -10.85
C LYS K 217 51.73 28.83 -9.65
N ALA K 218 51.38 30.10 -9.46
CA ALA K 218 52.06 30.92 -8.46
C ALA K 218 51.69 30.47 -7.06
N PRO K 219 52.68 30.29 -6.16
CA PRO K 219 52.34 30.05 -4.75
C PRO K 219 51.88 31.32 -4.07
N ASN K 220 52.56 32.43 -4.36
CA ASN K 220 52.27 33.70 -3.71
C ASN K 220 52.51 34.81 -4.72
N ALA K 221 51.90 35.97 -4.45
CA ALA K 221 52.10 37.14 -5.30
C ALA K 221 53.51 37.67 -5.15
N GLY K 222 54.24 37.75 -6.25
CA GLY K 222 55.58 38.32 -6.27
C GLY K 222 55.86 38.97 -7.60
N THR K 223 57.12 38.90 -8.03
CA THR K 223 57.53 39.37 -9.34
C THR K 223 58.79 38.63 -9.77
N ILE K 224 58.80 38.18 -11.02
CA ILE K 224 59.88 37.32 -11.48
C ILE K 224 61.20 38.08 -11.45
N SER K 225 62.24 37.40 -10.98
CA SER K 225 63.56 38.03 -10.83
C SER K 225 64.63 36.96 -10.98
N GLU K 226 65.77 37.37 -11.54
CA GLU K 226 66.92 36.48 -11.71
C GLU K 226 66.50 35.17 -12.38
N VAL K 227 65.56 35.26 -13.32
CA VAL K 227 65.09 34.06 -14.01
C VAL K 227 66.25 33.42 -14.76
N ASN K 228 66.39 32.11 -14.60
CA ASN K 228 67.49 31.38 -15.21
C ASN K 228 67.05 29.93 -15.41
N ALA K 229 67.86 29.19 -16.17
CA ALA K 229 67.67 27.75 -16.32
C ALA K 229 68.34 27.06 -15.14
N LEU K 230 67.59 26.92 -14.05
CA LEU K 230 68.12 26.27 -12.85
C LEU K 230 68.58 24.86 -13.15
N GLU K 231 67.69 24.04 -13.71
CA GLU K 231 68.04 22.69 -14.13
C GLU K 231 68.44 22.71 -15.60
N ALA K 232 68.48 21.53 -16.23
CA ALA K 232 68.79 21.47 -17.66
C ALA K 232 67.76 22.26 -18.45
N GLY K 233 66.47 22.04 -18.15
CA GLY K 233 65.42 22.84 -18.74
C GLY K 233 64.53 23.47 -17.69
N GLY K 234 64.71 23.09 -16.43
CA GLY K 234 63.93 23.70 -15.37
C GLY K 234 64.27 25.16 -15.20
N TYR K 235 63.37 25.90 -14.55
CA TYR K 235 63.52 27.33 -14.36
C TYR K 235 63.43 27.65 -12.88
N GLN K 236 63.88 28.87 -12.51
CA GLN K 236 63.79 29.38 -11.14
C GLN K 236 63.17 30.78 -11.11
N LEU K 237 61.85 30.85 -11.15
CA LEU K 237 61.17 32.13 -11.06
C LEU K 237 61.35 32.73 -9.67
N ILE K 238 61.22 34.05 -9.58
CA ILE K 238 61.29 34.74 -8.30
C ILE K 238 60.18 35.79 -8.24
N GLY K 244 56.73 40.04 -2.97
CA GLY K 244 57.16 38.94 -2.13
C GLY K 244 58.48 38.34 -2.57
N THR K 245 58.71 38.34 -3.89
CA THR K 245 59.95 37.80 -4.47
C THR K 245 60.20 36.39 -3.95
N GLU K 246 59.15 35.57 -3.91
CA GLU K 246 59.28 34.19 -3.47
C GLU K 246 59.96 33.36 -4.56
N THR K 247 61.12 32.80 -4.24
CA THR K 247 61.81 31.91 -5.17
C THR K 247 61.02 30.61 -5.34
N VAL K 248 60.54 30.38 -6.56
CA VAL K 248 59.84 29.15 -6.92
C VAL K 248 60.59 28.50 -8.07
N ASP K 249 60.55 27.17 -8.12
CA ASP K 249 61.23 26.41 -9.16
C ASP K 249 60.19 25.65 -9.96
N ILE K 250 60.41 25.55 -11.27
CA ILE K 250 59.56 24.73 -12.13
C ILE K 250 60.43 23.74 -12.91
N PRO K 251 59.91 22.58 -13.29
CA PRO K 251 60.68 21.63 -14.10
C PRO K 251 60.77 22.07 -15.56
N ALA K 252 61.50 21.27 -16.34
CA ALA K 252 61.78 21.60 -17.73
C ALA K 252 60.56 21.43 -18.62
N GLY K 253 59.62 20.56 -18.26
CA GLY K 253 58.45 20.29 -19.07
C GLY K 253 57.76 21.55 -19.56
N PRO K 254 57.15 22.30 -18.67
CA PRO K 254 56.34 23.45 -19.08
C PRO K 254 57.19 24.59 -19.62
N GLU K 255 56.55 25.43 -20.45
CA GLU K 255 57.18 26.60 -21.04
C GLU K 255 56.51 27.84 -20.46
N LEU K 256 57.33 28.81 -20.04
CA LEU K 256 56.81 29.96 -19.32
C LEU K 256 55.89 30.81 -20.19
N ILE K 257 54.75 31.19 -19.61
CA ILE K 257 53.88 32.19 -20.22
C ILE K 257 54.05 33.55 -19.55
N VAL K 258 54.83 33.61 -18.48
CA VAL K 258 55.00 34.78 -17.62
C VAL K 258 56.48 35.15 -17.50
N SER K 259 57.31 34.69 -18.44
CA SER K 259 58.74 34.95 -18.40
C SER K 259 59.04 36.45 -18.37
N ALA K 260 58.15 37.27 -18.92
CA ALA K 260 58.36 38.70 -18.89
C ALA K 260 58.32 39.22 -17.45
N GLY K 261 58.82 40.44 -17.27
CA GLY K 261 58.97 40.99 -15.94
C GLY K 261 57.67 41.51 -15.34
N GLN K 262 56.55 41.08 -15.90
CA GLN K 262 55.25 41.40 -15.32
C GLN K 262 55.18 40.90 -13.87
N THR K 263 54.51 41.68 -13.03
CA THR K 263 54.28 41.26 -11.66
C THR K 263 53.44 39.99 -11.61
N VAL K 264 53.62 39.23 -10.54
CA VAL K 264 52.94 37.95 -10.36
C VAL K 264 51.97 38.09 -9.20
N GLU K 265 50.87 37.35 -9.29
CA GLU K 265 49.89 37.25 -8.21
C GLU K 265 49.72 35.80 -7.81
N ALA K 266 49.31 35.59 -6.56
CA ALA K 266 49.16 34.24 -6.03
C ALA K 266 48.11 33.47 -6.84
N GLY K 267 48.44 32.23 -7.19
CA GLY K 267 47.50 31.38 -7.89
C GLY K 267 47.36 31.67 -9.36
N GLU K 268 48.33 32.35 -9.97
CA GLU K 268 48.29 32.67 -11.39
C GLU K 268 49.18 31.69 -12.14
N PHE K 269 48.60 31.02 -13.13
CA PHE K 269 49.32 30.00 -13.89
C PHE K 269 50.58 30.59 -14.52
N LEU K 270 51.75 30.07 -14.10
CA LEU K 270 53.02 30.66 -14.52
C LEU K 270 53.44 30.16 -15.91
N THR K 271 53.00 28.96 -16.29
CA THR K 271 53.45 28.32 -17.52
C THR K 271 52.25 27.79 -18.29
N ASN K 272 52.51 27.41 -19.54
CA ASN K 272 51.51 26.71 -20.33
C ASN K 272 51.30 25.31 -19.79
N ASN K 273 50.11 24.76 -20.06
CA ASN K 273 49.80 23.40 -19.66
C ASN K 273 50.29 22.44 -20.74
N PRO K 274 51.36 21.68 -20.51
CA PRO K 274 51.83 20.73 -21.53
C PRO K 274 51.06 19.42 -21.55
N ASN K 275 50.03 19.29 -20.73
CA ASN K 275 49.26 18.05 -20.65
C ASN K 275 48.43 17.89 -21.91
N VAL K 276 48.86 16.98 -22.79
CA VAL K 276 48.12 16.70 -24.02
C VAL K 276 47.19 15.50 -23.87
N GLY K 277 47.35 14.72 -22.81
CA GLY K 277 46.53 13.56 -22.58
C GLY K 277 45.46 13.82 -21.53
N GLY K 278 44.78 12.76 -21.14
CA GLY K 278 43.79 12.85 -20.09
C GLY K 278 43.22 11.49 -19.78
N PHE K 279 42.48 11.44 -18.67
CA PHE K 279 41.81 10.23 -18.23
C PHE K 279 40.31 10.35 -18.50
N GLY K 280 39.70 9.23 -18.90
CA GLY K 280 38.27 9.20 -19.11
C GLY K 280 37.67 7.94 -18.53
N GLN K 281 36.37 8.01 -18.23
CA GLN K 281 35.70 6.83 -17.70
C GLN K 281 34.33 6.69 -18.35
N LYS K 282 33.97 5.45 -18.67
CA LYS K 282 32.72 5.12 -19.34
C LYS K 282 32.10 3.94 -18.62
N ASP K 283 30.94 4.16 -18.00
CA ASP K 283 30.18 3.09 -17.38
C ASP K 283 29.16 2.55 -18.38
N THR K 284 29.22 1.25 -18.65
CA THR K 284 28.29 0.59 -19.55
C THR K 284 27.58 -0.54 -18.81
N GLU K 285 26.90 -1.40 -19.56
CA GLU K 285 26.17 -2.51 -18.97
C GLU K 285 26.27 -3.74 -19.86
N VAL K 286 26.31 -4.90 -19.21
CA VAL K 286 26.32 -6.20 -19.87
C VAL K 286 25.31 -7.10 -19.18
N VAL K 287 24.40 -7.68 -19.96
CA VAL K 287 23.38 -8.57 -19.42
C VAL K 287 23.91 -10.01 -19.50
N LEU K 288 24.24 -10.58 -18.35
CA LEU K 288 24.51 -12.02 -18.28
C LEU K 288 23.18 -12.75 -18.44
N GLN K 289 22.92 -13.23 -19.65
CA GLN K 289 21.62 -13.75 -20.04
C GLN K 289 21.57 -15.27 -19.94
N ASN K 290 20.50 -15.76 -19.31
CA ASN K 290 20.23 -17.20 -19.31
C ASN K 290 19.66 -17.61 -20.67
N PRO K 291 20.30 -18.54 -21.39
CA PRO K 291 19.71 -18.97 -22.67
C PRO K 291 18.31 -19.53 -22.54
N THR K 292 18.00 -20.21 -21.44
CA THR K 292 16.66 -20.76 -21.28
C THR K 292 15.62 -19.66 -21.21
N ARG K 293 15.98 -18.52 -20.61
CA ARG K 293 15.07 -17.39 -20.58
C ARG K 293 14.66 -17.00 -21.98
N ILE K 294 15.60 -17.04 -22.92
CA ILE K 294 15.27 -16.61 -24.28
C ILE K 294 14.59 -17.73 -25.04
N LYS K 295 14.86 -18.99 -24.71
CA LYS K 295 14.11 -20.06 -25.35
C LYS K 295 12.63 -19.95 -25.00
N PHE K 296 12.33 -19.76 -23.71
CA PHE K 296 10.95 -19.68 -23.31
C PHE K 296 10.33 -18.35 -23.73
N LEU K 297 11.15 -17.30 -23.88
CA LEU K 297 10.63 -16.04 -24.40
C LEU K 297 10.22 -16.20 -25.86
N VAL K 298 11.06 -16.84 -26.67
CA VAL K 298 10.74 -17.02 -28.07
C VAL K 298 9.50 -17.89 -28.21
N LEU K 299 9.35 -18.88 -27.33
CA LEU K 299 8.18 -19.74 -27.43
C LEU K 299 6.92 -18.98 -27.01
N PHE K 300 7.02 -18.15 -25.98
CA PHE K 300 5.87 -17.40 -25.50
C PHE K 300 5.45 -16.35 -26.52
N LEU K 301 6.41 -15.69 -27.14
CA LEU K 301 6.07 -14.65 -28.12
C LEU K 301 5.53 -15.28 -29.40
N ALA K 302 5.96 -16.50 -29.75
CA ALA K 302 5.34 -17.16 -30.89
C ALA K 302 3.92 -17.58 -30.55
N GLY K 303 3.70 -18.01 -29.30
CA GLY K 303 2.33 -18.26 -28.87
C GLY K 303 1.45 -17.04 -29.02
N ILE K 304 1.97 -15.89 -28.59
CA ILE K 304 1.19 -14.66 -28.66
C ILE K 304 0.90 -14.30 -30.11
N MET K 305 1.90 -14.45 -30.97
CA MET K 305 1.73 -14.12 -32.39
C MET K 305 0.65 -15.00 -33.01
N LEU K 306 0.67 -16.29 -32.68
CA LEU K 306 -0.32 -17.20 -33.26
C LEU K 306 -1.71 -16.87 -32.72
N SER K 307 -1.80 -16.55 -31.42
CA SER K 307 -3.09 -16.20 -30.87
C SER K 307 -3.62 -14.90 -31.47
N GLN K 308 -2.74 -13.99 -31.88
CA GLN K 308 -3.19 -12.77 -32.53
C GLN K 308 -3.71 -13.07 -33.92
N ILE K 309 -3.06 -14.01 -34.62
CA ILE K 309 -3.59 -14.45 -35.90
C ILE K 309 -4.99 -15.00 -35.71
N LEU K 310 -5.16 -15.88 -34.72
CA LEU K 310 -6.45 -16.50 -34.52
C LEU K 310 -7.51 -15.51 -34.07
N LEU K 311 -7.09 -14.41 -33.44
CA LEU K 311 -8.04 -13.38 -33.06
C LEU K 311 -8.52 -12.62 -34.29
N VAL K 312 -7.61 -12.36 -35.22
CA VAL K 312 -8.05 -11.70 -36.45
C VAL K 312 -8.95 -12.64 -37.24
N LEU K 313 -8.69 -13.95 -37.18
CA LEU K 313 -9.51 -14.88 -37.95
C LEU K 313 -10.90 -15.02 -37.35
N LYS K 314 -11.00 -14.95 -36.02
CA LYS K 314 -12.32 -14.97 -35.40
C LYS K 314 -13.06 -13.67 -35.64
N LYS K 315 -12.35 -12.55 -35.74
CA LYS K 315 -13.01 -11.31 -36.15
C LYS K 315 -13.53 -11.45 -37.57
N LYS K 316 -12.77 -12.10 -38.45
CA LYS K 316 -13.25 -12.30 -39.81
C LYS K 316 -14.51 -13.16 -39.81
N GLN K 317 -14.55 -14.18 -38.96
CA GLN K 317 -15.72 -15.05 -38.92
C GLN K 317 -16.94 -14.29 -38.43
N ILE K 318 -16.77 -13.48 -37.38
CA ILE K 318 -17.91 -12.74 -36.86
C ILE K 318 -18.33 -11.65 -37.83
N GLU K 319 -17.38 -11.07 -38.58
CA GLU K 319 -17.76 -10.11 -39.61
C GLU K 319 -18.60 -10.79 -40.67
N LYS K 320 -18.29 -12.05 -40.98
CA LYS K 320 -19.10 -12.77 -41.97
C LYS K 320 -20.49 -13.05 -41.42
N VAL K 321 -20.56 -13.46 -40.15
CA VAL K 321 -21.85 -13.75 -39.54
C VAL K 321 -22.69 -12.48 -39.51
N GLN K 322 -22.09 -11.36 -39.11
CA GLN K 322 -22.84 -10.11 -39.01
C GLN K 322 -23.31 -9.65 -40.38
N ALA K 323 -22.45 -9.78 -41.39
CA ALA K 323 -22.82 -9.32 -42.72
C ALA K 323 -23.96 -10.16 -43.28
N ALA K 324 -23.98 -11.46 -42.98
CA ALA K 324 -25.09 -12.27 -43.45
C ALA K 324 -26.34 -12.07 -42.60
N GLU K 325 -26.16 -11.69 -41.32
CA GLU K 325 -27.30 -11.43 -40.46
C GLU K 325 -28.05 -10.17 -40.90
N LEU K 326 -27.30 -9.12 -41.27
CA LEU K 326 -27.96 -7.93 -41.77
C LEU K 326 -28.78 -8.23 -43.03
N ASN K 327 -28.26 -9.06 -43.92
CA ASN K 327 -28.99 -9.43 -45.11
C ASN K 327 -30.20 -10.29 -44.74
N PHE K 328 -31.32 -10.03 -45.40
CA PHE K 328 -32.54 -10.79 -45.18
C PHE K 328 -33.12 -11.29 -46.49
N ASP L 21 -22.79 -20.43 -47.01
CA ASP L 21 -22.79 -21.16 -45.77
C ASP L 21 -22.30 -20.28 -44.62
N VAL L 22 -23.23 -19.55 -44.02
CA VAL L 22 -22.88 -18.65 -42.91
C VAL L 22 -22.50 -19.50 -41.69
N PRO L 23 -21.36 -19.22 -41.03
CA PRO L 23 -20.96 -20.06 -39.90
C PRO L 23 -22.08 -20.22 -38.88
N ASP L 24 -22.46 -21.47 -38.59
CA ASP L 24 -23.52 -21.74 -37.64
C ASP L 24 -22.96 -21.77 -36.22
N LEU L 25 -23.83 -22.07 -35.26
CA LEU L 25 -23.40 -22.07 -33.86
C LEU L 25 -22.22 -22.98 -33.64
N GLY L 26 -22.24 -24.17 -34.22
CA GLY L 26 -21.18 -25.14 -33.97
C GLY L 26 -19.83 -24.64 -34.46
N ARG L 27 -19.81 -24.09 -35.68
CA ARG L 27 -18.55 -23.61 -36.24
C ARG L 27 -18.07 -22.37 -35.52
N ARG L 28 -19.00 -21.48 -35.14
CA ARG L 28 -18.63 -20.31 -34.37
C ARG L 28 -18.04 -20.71 -33.03
N GLN L 29 -18.60 -21.73 -32.40
CA GLN L 29 -18.10 -22.15 -31.09
C GLN L 29 -16.78 -22.88 -31.23
N PHE L 30 -16.54 -23.53 -32.37
CA PHE L 30 -15.25 -24.15 -32.59
C PHE L 30 -14.18 -23.09 -32.81
N MET L 31 -14.51 -22.02 -33.53
CA MET L 31 -13.53 -20.95 -33.70
C MET L 31 -13.31 -20.19 -32.40
N ASN L 32 -14.33 -20.15 -31.53
CA ASN L 32 -14.12 -19.57 -30.21
C ASN L 32 -13.24 -20.46 -29.37
N LEU L 33 -13.36 -21.77 -29.55
CA LEU L 33 -12.49 -22.68 -28.82
C LEU L 33 -11.05 -22.52 -29.30
N LEU L 34 -10.86 -22.36 -30.60
CA LEU L 34 -9.51 -22.20 -31.12
C LEU L 34 -8.89 -20.93 -30.55
N THR L 35 -9.56 -19.80 -30.77
CA THR L 35 -8.96 -18.52 -30.43
C THR L 35 -8.77 -18.40 -28.93
N PHE L 36 -9.84 -18.54 -28.17
CA PHE L 36 -9.73 -18.30 -26.75
C PHE L 36 -8.99 -19.42 -26.03
N GLY L 37 -8.94 -20.64 -26.59
CA GLY L 37 -8.07 -21.65 -26.02
C GLY L 37 -6.61 -21.29 -26.18
N THR L 38 -6.24 -20.74 -27.34
CA THR L 38 -4.85 -20.33 -27.49
C THR L 38 -4.54 -19.13 -26.61
N ILE L 39 -5.50 -18.21 -26.47
CA ILE L 39 -5.27 -17.09 -25.58
C ILE L 39 -5.25 -17.54 -24.13
N THR L 40 -5.94 -18.64 -23.81
CA THR L 40 -5.88 -19.17 -22.45
C THR L 40 -4.57 -19.91 -22.20
N GLY L 41 -3.97 -20.48 -23.25
CA GLY L 41 -2.67 -21.08 -23.09
C GLY L 41 -1.60 -20.01 -22.90
N VAL L 42 -1.73 -18.90 -23.63
CA VAL L 42 -0.79 -17.80 -23.46
C VAL L 42 -1.00 -17.15 -22.09
N ALA L 43 -2.26 -17.01 -21.67
CA ALA L 43 -2.55 -16.44 -20.36
C ALA L 43 -2.01 -17.33 -19.25
N ALA L 44 -2.13 -18.65 -19.39
CA ALA L 44 -1.56 -19.54 -18.39
C ALA L 44 -0.05 -19.48 -18.40
N GLY L 45 0.56 -19.28 -19.57
CA GLY L 45 1.99 -19.11 -19.63
C GLY L 45 2.43 -17.85 -18.91
N ALA L 46 1.64 -16.78 -19.02
CA ALA L 46 1.97 -15.54 -18.34
C ALA L 46 1.66 -15.61 -16.85
N LEU L 47 0.64 -16.38 -16.47
CA LEU L 47 0.24 -16.49 -15.08
C LEU L 47 1.14 -17.41 -14.29
N TYR L 48 1.75 -18.39 -14.94
CA TYR L 48 2.56 -19.36 -14.20
C TYR L 48 3.75 -18.69 -13.53
N PRO L 49 4.54 -17.85 -14.21
CA PRO L 49 5.59 -17.14 -13.49
C PRO L 49 5.07 -16.30 -12.34
N ALA L 50 3.87 -15.74 -12.47
CA ALA L 50 3.33 -14.90 -11.39
C ALA L 50 2.95 -15.76 -10.19
N VAL L 51 2.36 -16.92 -10.44
CA VAL L 51 1.96 -17.79 -9.34
C VAL L 51 3.19 -18.36 -8.65
N LYS L 52 4.16 -18.83 -9.44
CA LYS L 52 5.40 -19.31 -8.85
C LYS L 52 6.07 -18.20 -8.05
N TYR L 53 5.99 -16.97 -8.55
CA TYR L 53 6.56 -15.83 -7.84
C TYR L 53 5.92 -15.68 -6.46
N LEU L 54 4.59 -15.71 -6.42
CA LEU L 54 3.91 -15.49 -5.15
C LEU L 54 4.22 -16.60 -4.16
N ILE L 55 4.46 -17.82 -4.63
CA ILE L 55 4.91 -18.91 -3.78
C ILE L 55 6.27 -18.55 -3.21
N PRO L 56 6.44 -18.52 -1.90
CA PRO L 56 7.72 -18.10 -1.35
C PRO L 56 8.84 -18.97 -1.87
N PRO L 57 10.03 -18.42 -2.05
CA PRO L 57 11.16 -19.24 -2.48
C PRO L 57 11.49 -20.30 -1.43
N SER L 58 11.75 -21.52 -1.90
CA SER L 58 12.13 -22.61 -1.02
C SER L 58 13.60 -22.43 -0.66
N SER L 59 13.85 -21.48 0.24
CA SER L 59 15.19 -21.16 0.71
C SER L 59 15.20 -21.08 2.23
N GLY L 60 14.52 -22.02 2.89
CA GLY L 60 14.60 -22.12 4.33
C GLY L 60 16.02 -22.39 4.83
N GLY L 61 16.85 -22.98 3.99
CA GLY L 61 18.19 -23.39 4.37
C GLY L 61 18.50 -24.74 3.79
N SER L 62 19.43 -25.45 4.44
CA SER L 62 19.84 -26.75 3.94
C SER L 62 18.72 -27.77 4.04
N GLY L 63 17.78 -27.56 4.96
CA GLY L 63 16.75 -28.54 5.24
C GLY L 63 17.19 -29.69 6.11
N GLY L 64 18.45 -29.68 6.55
CA GLY L 64 18.98 -30.72 7.42
C GLY L 64 19.42 -30.11 8.73
N GLY L 65 20.73 -29.96 8.90
CA GLY L 65 21.26 -29.34 10.10
C GLY L 65 21.29 -27.83 9.99
N VAL L 66 20.29 -27.17 10.57
CA VAL L 66 20.24 -25.71 10.64
C VAL L 66 20.77 -25.32 12.01
N THR L 67 21.96 -24.70 12.03
CA THR L 67 22.56 -24.27 13.28
C THR L 67 21.56 -23.54 14.15
N ALA L 68 21.38 -24.04 15.37
CA ALA L 68 20.47 -23.40 16.32
C ALA L 68 20.98 -22.01 16.66
N LYS L 69 20.11 -21.01 16.49
CA LYS L 69 20.49 -19.63 16.74
C LYS L 69 19.92 -19.17 18.08
N ASP L 70 20.55 -18.15 18.64
CA ASP L 70 20.14 -17.62 19.94
C ASP L 70 18.84 -16.82 19.77
N ALA L 71 18.23 -16.44 20.89
CA ALA L 71 17.07 -15.56 20.78
C ALA L 71 17.45 -14.29 20.06
N LEU L 72 18.64 -13.76 20.35
CA LEU L 72 19.15 -12.63 19.61
C LEU L 72 19.66 -13.14 18.26
N GLY L 73 19.93 -12.21 17.34
CA GLY L 73 20.31 -12.63 16.00
C GLY L 73 21.53 -13.53 15.98
N ASN L 74 22.50 -13.25 16.84
CA ASN L 74 23.73 -14.04 16.87
C ASN L 74 23.43 -15.53 16.98
N ASP L 75 24.23 -16.34 16.30
CA ASP L 75 24.14 -17.79 16.41
C ASP L 75 24.81 -18.27 17.70
N VAL L 76 24.07 -19.00 18.52
CA VAL L 76 24.55 -19.35 19.85
C VAL L 76 25.70 -20.35 19.74
N LYS L 77 26.81 -20.06 20.43
CA LYS L 77 27.92 -20.98 20.53
C LYS L 77 27.56 -22.07 21.55
N VAL L 78 27.87 -23.32 21.20
CA VAL L 78 27.53 -24.44 22.09
C VAL L 78 28.19 -24.26 23.44
N THR L 79 29.48 -23.91 23.45
CA THR L 79 30.22 -23.83 24.71
C THR L 79 29.74 -22.64 25.55
N GLU L 80 29.52 -21.49 24.92
CA GLU L 80 29.00 -20.34 25.65
C GLU L 80 27.68 -20.68 26.34
N PHE L 81 26.79 -21.38 25.63
CA PHE L 81 25.58 -21.89 26.28
C PHE L 81 25.99 -22.80 27.44
N LEU L 82 26.93 -23.72 27.20
CA LEU L 82 27.37 -24.66 28.22
C LEU L 82 28.00 -23.96 29.41
N ALA L 83 28.14 -22.63 29.35
CA ALA L 83 28.68 -21.86 30.45
C ALA L 83 27.70 -20.78 30.93
N SER L 84 26.44 -20.86 30.51
CA SER L 84 25.43 -19.88 30.85
C SER L 84 24.24 -20.45 31.58
N HIS L 85 23.74 -21.62 31.15
CA HIS L 85 22.49 -22.15 31.69
C HIS L 85 22.58 -22.38 33.19
N ASN L 86 23.67 -23.00 33.65
CA ASN L 86 23.91 -23.42 35.03
C ASN L 86 22.96 -24.51 35.49
N ALA L 87 22.21 -25.12 34.57
CA ALA L 87 21.36 -26.29 34.81
C ALA L 87 20.09 -25.92 35.55
N GLY L 88 19.82 -24.63 35.76
CA GLY L 88 18.62 -24.24 36.47
C GLY L 88 17.35 -24.64 35.72
N ASP L 89 17.30 -24.33 34.44
CA ASP L 89 16.08 -24.50 33.65
C ASP L 89 16.45 -24.78 32.21
N ARG L 90 15.49 -25.38 31.49
CA ARG L 90 15.61 -25.54 30.05
C ARG L 90 15.58 -24.17 29.37
N VAL L 91 16.33 -24.05 28.28
CA VAL L 91 16.35 -22.82 27.49
C VAL L 91 15.87 -23.16 26.09
N LEU L 92 15.43 -22.12 25.38
CA LEU L 92 14.96 -22.21 24.01
C LEU L 92 15.95 -21.55 23.06
N ALA L 93 15.96 -22.01 21.81
CA ALA L 93 16.79 -21.38 20.80
C ALA L 93 16.18 -21.70 19.44
N GLN L 94 16.27 -20.74 18.52
CA GLN L 94 15.63 -20.91 17.21
C GLN L 94 15.98 -22.28 16.64
N GLY L 95 14.96 -22.99 16.17
CA GLY L 95 15.15 -24.34 15.68
C GLY L 95 14.82 -24.57 14.22
N LEU L 96 14.56 -25.83 13.87
CA LEU L 96 14.18 -26.15 12.50
C LEU L 96 12.83 -25.52 12.17
N LYS L 97 12.71 -25.00 10.95
CA LYS L 97 11.48 -24.35 10.50
C LYS L 97 11.23 -23.09 11.33
N GLY L 98 12.26 -22.58 11.97
CA GLY L 98 12.15 -21.39 12.80
C GLY L 98 11.24 -21.49 14.01
N ASP L 99 11.22 -22.66 14.67
CA ASP L 99 10.46 -22.85 15.90
C ASP L 99 11.39 -23.02 17.09
N PRO L 100 11.19 -22.29 18.18
CA PRO L 100 12.15 -22.36 19.28
C PRO L 100 12.17 -23.77 19.83
N THR L 101 13.36 -24.38 19.83
CA THR L 101 13.59 -25.73 20.27
C THR L 101 14.34 -25.69 21.59
N TYR L 102 13.82 -26.39 22.59
CA TYR L 102 14.50 -26.51 23.86
C TYR L 102 15.84 -27.23 23.69
N ILE L 103 16.84 -26.77 24.43
CA ILE L 103 18.14 -27.44 24.51
C ILE L 103 18.35 -27.87 25.96
N VAL L 104 18.22 -29.17 26.20
CA VAL L 104 18.37 -29.72 27.54
C VAL L 104 19.85 -29.83 27.88
N VAL L 105 20.16 -29.74 29.17
CA VAL L 105 21.54 -29.84 29.65
C VAL L 105 21.86 -31.25 30.09
N GLN L 106 21.00 -31.85 30.90
CA GLN L 106 21.12 -33.26 31.28
C GLN L 106 22.51 -33.57 31.83
N GLY L 107 22.98 -32.70 32.73
CA GLY L 107 24.24 -32.91 33.41
C GLY L 107 25.16 -31.71 33.34
N ASP L 108 24.71 -30.66 32.64
CA ASP L 108 25.46 -29.42 32.47
C ASP L 108 26.65 -29.58 31.52
N ASP L 109 27.34 -30.72 31.60
CA ASP L 109 28.61 -30.86 30.87
C ASP L 109 28.39 -30.82 29.37
N THR L 110 27.43 -31.61 28.88
CA THR L 110 27.17 -31.74 27.45
C THR L 110 25.68 -31.71 27.20
N ILE L 111 25.25 -30.80 26.32
CA ILE L 111 23.83 -30.73 25.99
C ILE L 111 23.36 -32.09 25.48
N ALA L 112 22.12 -32.43 25.83
CA ALA L 112 21.51 -33.67 25.35
C ALA L 112 21.55 -33.75 23.82
N ASN L 113 21.63 -34.98 23.32
CA ASN L 113 21.71 -35.21 21.89
C ASN L 113 20.40 -34.90 21.16
N TYR L 114 19.34 -34.62 21.91
CA TYR L 114 18.02 -34.36 21.36
C TYR L 114 17.48 -33.05 21.91
N GLY L 115 16.79 -32.31 21.04
CA GLY L 115 16.14 -31.07 21.41
C GLY L 115 14.66 -31.04 21.09
N ILE L 116 13.83 -30.85 22.11
CA ILE L 116 12.38 -30.95 21.99
C ILE L 116 11.85 -29.66 21.39
N ASN L 117 11.26 -29.74 20.20
CA ASN L 117 10.69 -28.58 19.53
C ASN L 117 9.52 -28.05 20.35
N ALA L 118 9.69 -26.86 20.92
CA ALA L 118 8.73 -26.31 21.89
C ALA L 118 7.63 -25.52 21.20
N VAL L 119 6.87 -26.21 20.34
CA VAL L 119 5.70 -25.64 19.69
C VAL L 119 4.56 -26.62 19.86
N CYS L 120 3.59 -26.25 20.69
CA CYS L 120 2.43 -27.11 20.90
C CYS L 120 1.80 -27.43 19.54
N THR L 121 1.36 -28.67 19.39
CA THR L 121 0.78 -29.11 18.13
C THR L 121 -0.69 -28.72 18.00
N HIS L 122 -1.34 -28.31 19.08
CA HIS L 122 -2.76 -28.00 18.99
C HIS L 122 -2.96 -26.78 18.09
N LEU L 123 -2.23 -25.70 18.35
CA LEU L 123 -2.31 -24.48 17.55
C LEU L 123 -0.96 -23.81 17.32
N GLY L 124 0.03 -24.04 18.18
CA GLY L 124 1.37 -23.54 17.97
C GLY L 124 1.83 -22.60 19.06
N CYS L 125 1.13 -22.59 20.19
CA CYS L 125 1.55 -21.79 21.33
C CYS L 125 2.80 -22.40 21.95
N VAL L 126 3.88 -21.62 22.02
CA VAL L 126 5.15 -22.10 22.53
C VAL L 126 4.99 -22.55 23.97
N VAL L 127 5.26 -23.83 24.23
CA VAL L 127 5.01 -24.44 25.53
C VAL L 127 6.16 -24.10 26.47
N PRO L 128 5.92 -23.49 27.63
CA PRO L 128 6.99 -23.31 28.62
C PRO L 128 7.30 -24.60 29.34
N TRP L 129 8.45 -24.62 30.01
CA TRP L 129 8.94 -25.78 30.74
C TRP L 129 8.85 -25.50 32.24
N ASN L 130 7.99 -26.24 32.93
CA ASN L 130 7.86 -26.15 34.38
C ASN L 130 8.78 -27.18 35.01
N ALA L 131 10.02 -26.77 35.28
CA ALA L 131 10.97 -27.65 35.94
C ALA L 131 10.51 -28.11 37.31
N SER L 132 9.56 -27.38 37.93
CA SER L 132 9.01 -27.84 39.21
C SER L 132 8.26 -29.16 39.03
N GLU L 133 7.40 -29.25 38.03
CA GLU L 133 6.64 -30.46 37.77
C GLU L 133 7.38 -31.46 36.89
N ASN L 134 8.50 -31.07 36.29
CA ASN L 134 9.21 -31.90 35.32
C ASN L 134 8.32 -32.27 34.14
N LYS L 135 7.58 -31.30 33.61
CA LYS L 135 6.72 -31.55 32.48
C LYS L 135 6.39 -30.21 31.83
N PHE L 136 6.40 -30.18 30.50
CA PHE L 136 5.93 -29.00 29.79
C PHE L 136 4.46 -28.78 30.09
N MET L 137 4.06 -27.51 30.19
CA MET L 137 2.70 -27.16 30.61
C MET L 137 2.31 -25.92 29.80
N CYS L 138 1.65 -26.14 28.68
CA CYS L 138 1.27 -25.02 27.83
C CYS L 138 0.16 -24.21 28.49
N PRO L 139 0.30 -22.88 28.61
CA PRO L 139 -0.76 -22.08 29.21
C PRO L 139 -1.86 -21.77 28.22
N CYS L 140 -1.59 -21.95 26.93
CA CYS L 140 -2.51 -21.52 25.89
C CYS L 140 -3.85 -22.23 26.03
N HIS L 141 -3.83 -23.56 26.02
CA HIS L 141 -5.04 -24.36 26.26
C HIS L 141 -4.81 -25.50 27.24
N GLY L 142 -3.61 -25.62 27.81
CA GLY L 142 -3.33 -26.60 28.83
C GLY L 142 -3.06 -28.00 28.30
N SER L 143 -2.17 -28.11 27.32
CA SER L 143 -1.69 -29.39 26.82
C SER L 143 -0.36 -29.70 27.50
N GLN L 144 -0.34 -30.74 28.32
CA GLN L 144 0.86 -31.12 29.03
C GLN L 144 1.73 -32.03 28.18
N TYR L 145 3.04 -31.99 28.44
CA TYR L 145 3.99 -32.93 27.87
C TYR L 145 4.99 -33.30 28.94
N ASN L 146 5.53 -34.50 28.85
CA ASN L 146 6.49 -34.97 29.84
C ASN L 146 7.87 -34.38 29.51
N ALA L 147 8.91 -34.85 30.21
CA ALA L 147 10.25 -34.33 29.95
C ALA L 147 10.67 -34.60 28.51
N GLU L 148 10.28 -35.76 27.98
CA GLU L 148 10.64 -36.13 26.62
C GLU L 148 9.80 -35.40 25.58
N GLY L 149 8.67 -34.82 25.99
CA GLY L 149 7.79 -34.10 25.09
C GLY L 149 6.60 -34.88 24.58
N LYS L 150 6.33 -36.07 25.09
CA LYS L 150 5.12 -36.79 24.72
C LYS L 150 3.92 -36.21 25.45
N VAL L 151 2.76 -36.27 24.80
CA VAL L 151 1.55 -35.65 25.33
C VAL L 151 1.01 -36.58 26.41
N VAL L 152 1.25 -36.23 27.68
CA VAL L 152 0.66 -36.99 28.77
C VAL L 152 -0.85 -36.76 28.81
N ARG L 153 -1.27 -35.52 28.52
CA ARG L 153 -2.67 -35.14 28.56
C ARG L 153 -2.83 -33.87 27.73
N GLY L 154 -4.08 -33.54 27.43
CA GLY L 154 -4.40 -32.30 26.77
C GLY L 154 -4.91 -32.47 25.36
N PRO L 155 -5.37 -31.37 24.78
CA PRO L 155 -5.93 -31.44 23.41
C PRO L 155 -4.92 -31.81 22.34
N ALA L 156 -3.65 -31.47 22.51
CA ALA L 156 -2.66 -31.69 21.47
C ALA L 156 -2.65 -33.15 21.03
N PRO L 157 -2.94 -33.45 19.76
CA PRO L 157 -2.95 -34.85 19.31
C PRO L 157 -1.55 -35.44 19.20
N LEU L 158 -0.65 -34.72 18.56
CA LEU L 158 0.70 -35.21 18.32
C LEU L 158 1.65 -34.78 19.43
N SER L 159 2.85 -35.33 19.39
CA SER L 159 3.88 -34.98 20.36
C SER L 159 4.76 -33.86 19.81
N LEU L 160 5.60 -33.32 20.69
CA LEU L 160 6.53 -32.28 20.28
C LEU L 160 7.63 -32.86 19.40
N ALA L 161 7.93 -32.15 18.32
CA ALA L 161 8.94 -32.63 17.39
C ALA L 161 10.32 -32.61 18.06
N LEU L 162 11.17 -33.53 17.63
CA LEU L 162 12.53 -33.65 18.14
C LEU L 162 13.53 -33.24 17.07
N ALA L 163 14.72 -32.83 17.52
CA ALA L 163 15.79 -32.43 16.62
C ALA L 163 17.11 -32.97 17.16
N HIS L 164 18.09 -33.10 16.28
CA HIS L 164 19.41 -33.52 16.70
C HIS L 164 20.19 -32.32 17.23
N ALA L 165 21.01 -32.58 18.25
CA ALA L 165 21.74 -31.51 18.95
C ALA L 165 23.17 -31.99 19.21
N THR L 166 24.05 -31.75 18.26
CA THR L 166 25.44 -32.17 18.40
C THR L 166 26.23 -31.16 19.21
N VAL L 167 27.26 -31.64 19.89
CA VAL L 167 28.01 -30.79 20.82
C VAL L 167 29.00 -29.90 20.08
N THR L 168 29.41 -30.27 18.88
CA THR L 168 30.30 -29.44 18.06
C THR L 168 29.89 -27.98 18.10
N LYS L 172 29.88 -26.49 15.22
CA LYS L 172 28.73 -25.73 15.70
C LYS L 172 27.51 -26.63 15.85
N LEU L 173 26.58 -26.20 16.69
CA LEU L 173 25.30 -26.90 16.83
C LEU L 173 24.62 -26.98 15.47
N VAL L 174 24.12 -28.16 15.13
CA VAL L 174 23.28 -28.36 13.95
C VAL L 174 22.01 -29.06 14.41
N LEU L 175 20.86 -28.55 13.98
CA LEU L 175 19.58 -29.15 14.29
C LEU L 175 19.05 -29.88 13.07
N SER L 176 18.91 -31.20 13.20
CA SER L 176 18.40 -32.06 12.14
C SER L 176 17.18 -32.80 12.65
N THR L 177 16.15 -32.88 11.81
CA THR L 177 14.93 -33.58 12.19
C THR L 177 15.25 -35.00 12.62
N TRP L 178 14.47 -35.51 13.57
CA TRP L 178 14.71 -36.83 14.14
C TRP L 178 14.32 -37.87 13.09
N THR L 179 15.34 -38.45 12.44
CA THR L 179 15.08 -39.36 11.33
C THR L 179 14.82 -40.78 11.81
N GLU L 180 15.42 -41.18 12.92
CA GLU L 180 15.13 -42.47 13.51
C GLU L 180 13.79 -42.42 14.25
N THR L 181 13.28 -43.61 14.56
CA THR L 181 12.09 -43.70 15.40
C THR L 181 12.33 -42.97 16.72
N ASP L 182 11.38 -42.13 17.11
CA ASP L 182 11.46 -41.47 18.40
C ASP L 182 11.47 -42.51 19.51
N PHE L 183 12.22 -42.22 20.57
CA PHE L 183 12.42 -43.21 21.63
C PHE L 183 11.33 -43.13 22.69
N ARG L 184 10.26 -42.38 22.43
CA ARG L 184 9.20 -42.22 23.41
C ARG L 184 8.00 -43.08 23.04
N THR L 185 7.34 -42.73 21.94
CA THR L 185 6.19 -43.48 21.44
C THR L 185 6.59 -44.69 20.62
N ASP L 186 7.86 -44.79 20.23
CA ASP L 186 8.37 -45.91 19.44
C ASP L 186 7.56 -46.11 18.16
N GLU L 187 7.36 -45.02 17.43
CA GLU L 187 6.68 -45.06 16.14
C GLU L 187 7.45 -44.17 15.18
N ASP L 188 7.13 -44.27 13.90
CA ASP L 188 7.77 -43.39 12.92
C ASP L 188 7.40 -41.93 13.22
N PRO L 189 8.38 -41.03 13.28
CA PRO L 189 8.07 -39.64 13.64
C PRO L 189 7.09 -39.03 12.64
N TRP L 190 6.06 -38.37 13.17
CA TRP L 190 5.13 -37.67 12.29
C TRP L 190 5.84 -36.54 11.57
N TRP L 191 6.69 -35.79 12.29
CA TRP L 191 7.45 -34.71 11.68
C TRP L 191 8.54 -35.24 10.76
N ALA L 192 9.10 -36.39 11.08
CA ALA L 192 10.18 -36.98 10.28
C ALA L 192 11.31 -35.98 10.07
N MET M 1 24.47 -7.48 -38.21
CA MET M 1 23.36 -8.35 -37.76
C MET M 1 22.66 -9.02 -38.94
N ALA M 2 23.47 -9.63 -39.81
CA ALA M 2 22.93 -10.26 -41.00
C ALA M 2 22.11 -11.50 -40.64
N ALA M 3 22.60 -12.28 -39.68
CA ALA M 3 21.86 -13.45 -39.23
C ALA M 3 20.54 -13.03 -38.60
N GLY M 4 20.53 -11.93 -37.84
CA GLY M 4 19.29 -11.43 -37.28
C GLY M 4 18.29 -11.04 -38.36
N VAL M 5 18.79 -10.47 -39.46
CA VAL M 5 17.92 -10.14 -40.59
C VAL M 5 17.39 -11.42 -41.22
N GLY M 6 18.22 -12.46 -41.28
CA GLY M 6 17.75 -13.72 -41.81
C GLY M 6 16.64 -14.30 -40.96
N ILE M 7 16.81 -14.26 -39.63
CA ILE M 7 15.79 -14.77 -38.73
C ILE M 7 14.52 -13.96 -38.86
N PHE M 8 14.66 -12.63 -39.03
CA PHE M 8 13.47 -11.80 -39.17
C PHE M 8 12.70 -12.18 -40.44
N ILE M 9 13.41 -12.30 -41.56
CA ILE M 9 12.77 -12.78 -42.79
C ILE M 9 12.08 -14.10 -42.54
N GLY M 10 12.76 -15.02 -41.86
CA GLY M 10 12.19 -16.33 -41.62
C GLY M 10 10.95 -16.27 -40.76
N TYR M 11 10.93 -15.34 -39.79
CA TYR M 11 9.77 -15.23 -38.91
C TYR M 11 8.59 -14.64 -39.66
N ILE M 12 8.83 -13.66 -40.53
CA ILE M 12 7.72 -13.05 -41.23
C ILE M 12 7.23 -13.98 -42.32
N ALA M 13 8.10 -14.82 -42.87
CA ALA M 13 7.66 -15.75 -43.90
C ALA M 13 6.93 -16.93 -43.29
N VAL M 14 7.44 -17.49 -42.20
CA VAL M 14 6.75 -18.56 -41.51
C VAL M 14 5.37 -18.08 -41.06
N PHE M 15 5.33 -16.97 -40.32
CA PHE M 15 4.05 -16.53 -39.78
C PHE M 15 3.07 -16.11 -40.86
N THR M 16 3.52 -15.38 -41.90
CA THR M 16 2.59 -15.07 -42.97
C THR M 16 2.11 -16.31 -43.69
N GLY M 17 2.96 -17.35 -43.76
CA GLY M 17 2.52 -18.60 -44.33
C GLY M 17 1.47 -19.27 -43.46
N VAL M 18 1.64 -19.17 -42.14
CA VAL M 18 0.66 -19.76 -41.24
C VAL M 18 -0.64 -18.99 -41.31
N THR M 19 -0.56 -17.67 -41.45
CA THR M 19 -1.74 -16.84 -41.47
C THR M 19 -2.55 -17.10 -42.73
N LEU M 20 -1.90 -17.13 -43.89
CA LEU M 20 -2.64 -17.37 -45.12
C LEU M 20 -3.05 -18.82 -45.25
N GLY M 21 -2.24 -19.75 -44.75
CA GLY M 21 -2.67 -21.14 -44.71
C GLY M 21 -3.93 -21.31 -43.88
N LEU M 22 -3.95 -20.71 -42.69
CA LEU M 22 -5.10 -20.87 -41.83
C LEU M 22 -6.31 -20.19 -42.43
N LEU M 23 -6.13 -19.00 -43.00
CA LEU M 23 -7.28 -18.26 -43.51
C LEU M 23 -7.89 -19.00 -44.70
N TYR M 24 -7.08 -19.40 -45.67
CA TYR M 24 -7.62 -20.08 -46.84
C TYR M 24 -8.11 -21.48 -46.50
N GLY M 25 -7.47 -22.16 -45.55
CA GLY M 25 -7.93 -23.48 -45.18
C GLY M 25 -9.27 -23.43 -44.46
N LEU M 26 -9.39 -22.51 -43.51
CA LEU M 26 -10.65 -22.38 -42.78
C LEU M 26 -11.76 -21.94 -43.72
N ARG M 27 -11.46 -21.01 -44.63
CA ARG M 27 -12.48 -20.62 -45.60
C ARG M 27 -12.86 -21.79 -46.48
N PHE M 28 -11.90 -22.69 -46.77
CA PHE M 28 -12.20 -23.84 -47.61
C PHE M 28 -13.13 -24.81 -46.89
N VAL M 29 -12.89 -25.06 -45.60
CA VAL M 29 -13.76 -25.93 -44.82
C VAL M 29 -14.96 -25.14 -44.34
N LYS M 30 -15.10 -23.91 -44.85
CA LYS M 30 -16.24 -23.04 -44.58
C LYS M 30 -16.37 -22.67 -43.12
N LEU M 31 -15.28 -22.73 -42.36
CA LEU M 31 -15.32 -22.30 -40.97
C LEU M 31 -15.44 -20.78 -40.89
N ILE M 32 -14.47 -20.07 -41.44
CA ILE M 32 -14.55 -18.62 -41.52
C ILE M 32 -15.66 -18.24 -42.47
N MET N 1 26.29 -7.00 -30.77
CA MET N 1 26.48 -5.52 -30.74
C MET N 1 26.51 -5.09 -29.28
N THR N 2 26.63 -3.80 -29.02
CA THR N 2 26.78 -3.29 -27.67
C THR N 2 25.51 -2.60 -27.21
N ALA N 3 25.40 -2.48 -25.88
CA ALA N 3 24.22 -1.85 -25.29
C ALA N 3 24.12 -0.39 -25.72
N GLU N 4 25.26 0.30 -25.74
CA GLU N 4 25.26 1.72 -26.07
C GLU N 4 24.92 1.93 -27.54
N SER N 5 25.26 0.97 -28.39
CA SER N 5 24.98 1.09 -29.82
C SER N 5 23.50 1.09 -30.11
N MET N 6 22.67 0.57 -29.19
CA MET N 6 21.24 0.36 -29.39
C MET N 6 20.41 1.63 -29.28
N LEU N 7 21.02 2.78 -29.02
CA LEU N 7 20.25 4.03 -29.03
C LEU N 7 19.87 4.45 -30.44
N ALA N 8 20.85 4.62 -31.32
CA ALA N 8 20.56 5.08 -32.67
C ALA N 8 19.97 3.98 -33.54
N ASN N 9 20.62 2.83 -33.60
CA ASN N 9 20.11 1.76 -34.45
C ASN N 9 18.77 1.28 -33.96
N GLY N 10 18.56 1.28 -32.64
CA GLY N 10 17.26 0.88 -32.12
C GLY N 10 16.17 1.85 -32.52
N ALA N 11 16.49 3.14 -32.62
CA ALA N 11 15.49 4.11 -33.07
C ALA N 11 15.18 3.92 -34.54
N PHE N 12 16.21 3.63 -35.35
CA PHE N 12 15.96 3.40 -36.76
C PHE N 12 15.22 2.09 -36.96
N ILE N 13 15.52 1.08 -36.14
CA ILE N 13 14.78 -0.19 -36.19
C ILE N 13 13.33 0.06 -35.82
N MET N 14 13.08 0.98 -34.90
CA MET N 14 11.70 1.27 -34.51
C MET N 14 10.95 1.90 -35.68
N ILE N 15 11.51 2.94 -36.27
CA ILE N 15 10.85 3.56 -37.42
C ILE N 15 10.66 2.54 -38.53
N GLY N 16 11.70 1.75 -38.80
CA GLY N 16 11.66 0.82 -39.91
C GLY N 16 10.63 -0.26 -39.70
N LEU N 17 10.53 -0.79 -38.49
CA LEU N 17 9.64 -1.91 -38.26
C LEU N 17 8.22 -1.46 -37.99
N THR N 18 8.01 -0.20 -37.61
CA THR N 18 6.66 0.32 -37.58
C THR N 18 6.14 0.48 -38.99
N LEU N 19 6.98 0.99 -39.90
CA LEU N 19 6.51 1.16 -41.27
C LEU N 19 6.42 -0.19 -41.97
N LEU N 20 7.30 -1.13 -41.63
CA LEU N 20 7.23 -2.46 -42.20
C LEU N 20 6.01 -3.21 -41.67
N GLY N 21 5.62 -2.97 -40.42
CA GLY N 21 4.40 -3.58 -39.92
C GLY N 21 3.19 -3.06 -40.67
N LEU N 22 3.08 -1.74 -40.80
CA LEU N 22 2.00 -1.18 -41.60
C LEU N 22 1.98 -1.80 -42.99
N ALA N 23 3.14 -1.85 -43.64
CA ALA N 23 3.19 -2.34 -45.01
C ALA N 23 2.79 -3.80 -45.06
N TRP N 24 3.28 -4.61 -44.12
CA TRP N 24 3.04 -6.04 -44.19
C TRP N 24 1.60 -6.37 -43.83
N GLY N 25 0.93 -5.50 -43.08
CA GLY N 25 -0.47 -5.75 -42.80
C GLY N 25 -1.35 -5.30 -43.93
N PHE N 26 -0.92 -4.29 -44.68
CA PHE N 26 -1.62 -3.98 -45.93
C PHE N 26 -1.38 -5.09 -46.95
N VAL N 27 -0.20 -5.70 -46.91
CA VAL N 27 0.09 -6.84 -47.78
C VAL N 27 -0.82 -8.00 -47.41
N ILE N 28 -1.02 -8.24 -46.12
CA ILE N 28 -1.87 -9.35 -45.70
C ILE N 28 -3.32 -9.05 -46.08
N ILE N 29 -3.73 -7.78 -45.98
CA ILE N 29 -5.07 -7.43 -46.45
C ILE N 29 -5.22 -7.80 -47.92
N LYS N 30 -4.23 -7.47 -48.75
CA LYS N 30 -4.36 -7.77 -50.17
C LYS N 30 -4.27 -9.26 -50.44
N LEU N 31 -3.45 -10.00 -49.68
CA LEU N 31 -3.26 -11.39 -50.02
C LEU N 31 -4.51 -12.21 -49.74
N GLN N 32 -5.43 -11.68 -48.95
CA GLN N 32 -6.69 -12.36 -48.72
C GLN N 32 -7.64 -12.05 -49.87
N GLY N 33 -8.61 -12.93 -50.08
CA GLY N 33 -9.57 -12.77 -51.17
C GLY N 33 -10.86 -12.16 -50.68
N SER N 34 -11.26 -11.06 -51.33
CA SER N 34 -12.49 -10.36 -50.97
C SER N 34 -13.66 -10.86 -51.80
N MET O 1 20.91 6.69 -14.39
CA MET O 1 21.74 6.25 -15.55
C MET O 1 20.91 6.21 -16.82
N ILE O 2 21.61 6.24 -17.95
CA ILE O 2 20.96 6.23 -19.26
C ILE O 2 20.77 4.78 -19.68
N GLU O 3 19.52 4.41 -19.99
CA GLU O 3 19.25 3.14 -20.63
C GLU O 3 19.24 3.35 -22.13
N PRO O 4 20.30 2.99 -22.85
CA PRO O 4 20.37 3.37 -24.26
C PRO O 4 19.30 2.70 -25.11
N LEU O 5 18.92 1.46 -24.77
CA LEU O 5 17.88 0.79 -25.54
C LEU O 5 16.53 1.48 -25.36
N LEU O 6 16.17 1.80 -24.12
CA LEU O 6 14.90 2.47 -23.87
C LEU O 6 14.86 3.82 -24.57
N LEU O 7 15.95 4.59 -24.47
CA LEU O 7 15.99 5.88 -25.17
C LEU O 7 15.90 5.68 -26.67
N GLY O 8 16.48 4.59 -27.18
CA GLY O 8 16.36 4.32 -28.61
C GLY O 8 14.92 4.07 -29.00
N ILE O 9 14.19 3.31 -28.18
CA ILE O 9 12.81 3.00 -28.51
C ILE O 9 11.96 4.26 -28.40
N VAL O 10 12.29 5.13 -27.45
CA VAL O 10 11.54 6.37 -27.28
C VAL O 10 11.75 7.28 -28.49
N LEU O 11 13.00 7.44 -28.91
CA LEU O 11 13.33 8.34 -30.00
C LEU O 11 12.97 7.73 -31.36
N GLY O 12 12.74 6.43 -31.41
CA GLY O 12 12.26 5.80 -32.62
C GLY O 12 10.76 5.96 -32.74
N LEU O 13 10.03 5.70 -31.66
CA LEU O 13 8.58 5.71 -31.74
C LEU O 13 8.03 7.13 -31.81
N ILE O 14 8.54 8.06 -31.00
CA ILE O 14 8.03 9.42 -31.01
C ILE O 14 7.95 9.97 -32.43
N PRO O 15 9.03 9.98 -33.21
CA PRO O 15 8.96 10.59 -34.53
C PRO O 15 8.21 9.76 -35.56
N VAL O 16 8.23 8.42 -35.45
CA VAL O 16 7.47 7.63 -36.41
C VAL O 16 5.98 7.78 -36.12
N THR O 17 5.62 7.90 -34.85
CA THR O 17 4.21 8.10 -34.52
C THR O 17 3.76 9.49 -34.93
N LEU O 18 4.63 10.49 -34.78
CA LEU O 18 4.28 11.84 -35.21
C LEU O 18 4.08 11.88 -36.72
N ALA O 19 5.02 11.30 -37.47
CA ALA O 19 4.89 11.25 -38.91
C ALA O 19 3.63 10.49 -39.32
N GLY O 20 3.31 9.41 -38.62
CA GLY O 20 2.12 8.64 -38.98
C GLY O 20 0.85 9.39 -38.69
N LEU O 21 0.84 10.21 -37.64
CA LEU O 21 -0.36 10.97 -37.32
C LEU O 21 -0.51 12.14 -38.28
N PHE O 22 0.60 12.70 -38.75
CA PHE O 22 0.50 13.77 -39.73
C PHE O 22 0.13 13.21 -41.10
N VAL O 23 0.47 11.95 -41.36
CA VAL O 23 0.07 11.33 -42.61
C VAL O 23 -1.42 10.97 -42.57
N ALA O 24 -1.88 10.41 -41.47
CA ALA O 24 -3.31 10.16 -41.32
C ALA O 24 -4.09 11.45 -41.47
N ALA O 25 -3.61 12.52 -40.84
CA ALA O 25 -4.29 13.80 -40.94
C ALA O 25 -4.29 14.32 -42.36
N TYR O 26 -3.16 14.20 -43.07
CA TYR O 26 -3.14 14.69 -44.44
C TYR O 26 -4.08 13.87 -45.32
N LEU O 27 -4.19 12.57 -45.05
CA LEU O 27 -5.03 11.72 -45.88
C LEU O 27 -6.50 12.02 -45.64
N GLN O 28 -6.86 12.39 -44.41
CA GLN O 28 -8.24 12.80 -44.15
C GLN O 28 -8.50 14.18 -44.73
N TYR O 29 -7.49 15.05 -44.68
CA TYR O 29 -7.63 16.43 -45.13
C TYR O 29 -7.78 16.50 -46.64
N LYS O 30 -6.91 15.82 -47.37
CA LYS O 30 -6.93 15.90 -48.82
C LYS O 30 -8.29 15.42 -49.34
N ARG O 31 -8.73 16.03 -50.43
CA ARG O 31 -9.99 15.70 -51.07
C ARG O 31 -9.74 14.80 -52.27
N GLY O 32 -10.46 13.68 -52.34
CA GLY O 32 -10.30 12.74 -53.42
C GLY O 32 -10.82 13.26 -54.75
N MET P 1 22.86 -21.32 -34.27
CA MET P 1 22.22 -19.98 -34.37
C MET P 1 22.25 -19.30 -33.00
N ASP P 2 22.66 -18.04 -32.98
CA ASP P 2 22.79 -17.31 -31.73
C ASP P 2 21.44 -17.16 -31.05
N ILE P 3 21.34 -17.69 -29.82
CA ILE P 3 20.11 -17.56 -29.04
C ILE P 3 19.83 -16.09 -28.75
N LEU P 4 20.88 -15.30 -28.52
CA LEU P 4 20.70 -13.88 -28.24
C LEU P 4 20.05 -13.17 -29.42
N THR P 5 20.49 -13.52 -30.63
CA THR P 5 19.92 -12.88 -31.81
C THR P 5 18.46 -13.31 -31.98
N LEU P 6 18.16 -14.57 -31.67
CA LEU P 6 16.79 -15.02 -31.77
C LEU P 6 15.91 -14.39 -30.70
N GLY P 7 16.52 -13.95 -29.61
CA GLY P 7 15.77 -13.36 -28.52
C GLY P 7 15.39 -11.96 -28.92
N TRP P 8 16.34 -11.22 -29.50
CA TRP P 8 16.00 -9.87 -29.94
C TRP P 8 15.09 -9.91 -31.17
N VAL P 9 15.25 -10.91 -32.03
CA VAL P 9 14.44 -10.94 -33.24
C VAL P 9 13.03 -11.38 -32.93
N SER P 10 12.82 -12.14 -31.86
CA SER P 10 11.46 -12.51 -31.50
C SER P 10 10.69 -11.29 -31.03
N VAL P 11 11.33 -10.41 -30.27
CA VAL P 11 10.65 -9.22 -29.78
C VAL P 11 10.41 -8.24 -30.92
N LEU P 12 11.40 -8.09 -31.81
CA LEU P 12 11.20 -7.19 -32.94
C LEU P 12 10.10 -7.71 -33.85
N VAL P 13 10.05 -9.03 -34.04
CA VAL P 13 9.04 -9.62 -34.89
C VAL P 13 7.67 -9.52 -34.25
N LEU P 14 7.60 -9.57 -32.91
CA LEU P 14 6.30 -9.45 -32.28
C LEU P 14 5.81 -8.02 -32.33
N PHE P 15 6.71 -7.05 -32.37
CA PHE P 15 6.26 -5.66 -32.53
C PHE P 15 5.74 -5.43 -33.93
N THR P 16 6.53 -5.84 -34.93
CA THR P 16 6.07 -5.75 -36.31
C THR P 16 4.75 -6.48 -36.49
N TRP P 17 4.65 -7.69 -35.97
CA TRP P 17 3.49 -8.54 -36.23
C TRP P 17 2.27 -8.00 -35.52
N SER P 18 2.42 -7.41 -34.33
CA SER P 18 1.26 -6.83 -33.68
C SER P 18 0.76 -5.63 -34.46
N ILE P 19 1.67 -4.82 -35.01
CA ILE P 19 1.21 -3.70 -35.83
C ILE P 19 0.50 -4.23 -37.08
N SER P 20 1.05 -5.28 -37.69
CA SER P 20 0.45 -5.78 -38.92
C SER P 20 -0.87 -6.48 -38.66
N MET P 21 -1.03 -7.09 -37.47
CA MET P 21 -2.29 -7.73 -37.13
C MET P 21 -3.34 -6.71 -36.75
N VAL P 22 -2.93 -5.55 -36.25
CA VAL P 22 -3.90 -4.52 -35.92
C VAL P 22 -4.36 -3.81 -37.17
N VAL P 23 -3.48 -3.62 -38.15
CA VAL P 23 -3.93 -3.01 -39.39
C VAL P 23 -4.64 -4.03 -40.29
N TRP P 24 -4.33 -5.32 -40.15
CA TRP P 24 -5.06 -6.33 -40.91
C TRP P 24 -6.46 -6.52 -40.35
N GLY P 25 -6.57 -6.70 -39.03
CA GLY P 25 -7.87 -6.90 -38.43
C GLY P 25 -8.80 -5.72 -38.68
N ARG P 26 -8.32 -4.52 -38.40
CA ARG P 26 -9.15 -3.33 -38.59
C ARG P 26 -9.32 -3.01 -40.07
N ASN P 27 -8.61 -3.71 -40.95
CA ASN P 27 -8.75 -3.58 -42.39
C ASN P 27 -8.21 -2.24 -42.89
N GLY P 28 -7.20 -1.72 -42.23
CA GLY P 28 -6.61 -0.47 -42.62
C GLY P 28 -5.98 0.23 -41.43
N PHE P 29 -5.31 1.33 -41.73
CA PHE P 29 -4.74 2.18 -40.68
C PHE P 29 -5.32 3.59 -40.77
N ASP Q 21 -45.89 32.00 4.26
CA ASP Q 21 -44.82 32.31 3.31
C ASP Q 21 -43.94 31.08 3.08
N VAL Q 22 -43.45 30.94 1.86
CA VAL Q 22 -42.54 29.86 1.48
C VAL Q 22 -41.13 30.43 1.41
N PRO Q 23 -40.13 29.80 2.04
CA PRO Q 23 -38.76 30.36 2.01
C PRO Q 23 -38.30 30.70 0.60
N ASP Q 24 -37.90 31.95 0.40
CA ASP Q 24 -37.42 32.39 -0.91
C ASP Q 24 -35.96 32.01 -1.08
N LEU Q 25 -35.42 32.29 -2.28
CA LEU Q 25 -34.03 31.94 -2.56
C LEU Q 25 -33.08 32.50 -1.50
N GLY Q 26 -33.27 33.75 -1.11
CA GLY Q 26 -32.39 34.34 -0.12
C GLY Q 26 -32.48 33.63 1.22
N ARG Q 27 -33.70 33.33 1.65
CA ARG Q 27 -33.89 32.63 2.93
C ARG Q 27 -33.34 31.22 2.85
N ARG Q 28 -33.58 30.54 1.73
CA ARG Q 28 -33.06 29.19 1.55
C ARG Q 28 -31.53 29.20 1.60
N GLN Q 29 -30.91 30.18 0.96
CA GLN Q 29 -29.45 30.23 0.93
C GLN Q 29 -28.89 30.65 2.28
N PHE Q 30 -29.64 31.41 3.06
CA PHE Q 30 -29.14 31.75 4.38
C PHE Q 30 -29.21 30.53 5.30
N MET Q 31 -30.27 29.74 5.20
CA MET Q 31 -30.32 28.54 6.02
C MET Q 31 -29.29 27.53 5.54
N ASN Q 32 -28.96 27.56 4.24
CA ASN Q 32 -27.89 26.71 3.73
C ASN Q 32 -26.55 27.18 4.25
N LEU Q 33 -26.40 28.50 4.42
CA LEU Q 33 -25.17 29.03 4.98
C LEU Q 33 -25.04 28.65 6.43
N LEU Q 34 -26.14 28.67 7.18
CA LEU Q 34 -26.08 28.27 8.57
C LEU Q 34 -25.67 26.81 8.69
N THR Q 35 -26.41 25.93 8.02
CA THR Q 35 -26.20 24.50 8.17
C THR Q 35 -24.80 24.12 7.69
N PHE Q 36 -24.49 24.42 6.43
CA PHE Q 36 -23.22 23.96 5.89
C PHE Q 36 -22.04 24.78 6.40
N GLY Q 37 -22.23 25.99 6.90
CA GLY Q 37 -21.16 26.67 7.61
C GLY Q 37 -20.80 25.94 8.87
N THR Q 38 -21.81 25.48 9.62
CA THR Q 38 -21.50 24.75 10.84
C THR Q 38 -20.89 23.39 10.51
N ILE Q 39 -21.35 22.76 9.43
CA ILE Q 39 -20.74 21.49 9.05
C ILE Q 39 -19.34 21.70 8.51
N THR Q 40 -19.04 22.89 7.97
CA THR Q 40 -17.68 23.18 7.55
C THR Q 40 -16.79 23.50 8.74
N GLY Q 41 -17.37 24.04 9.82
CA GLY Q 41 -16.58 24.25 11.01
C GLY Q 41 -16.25 22.94 11.69
N VAL Q 42 -17.22 22.01 11.70
CA VAL Q 42 -16.95 20.69 12.27
C VAL Q 42 -15.97 19.93 11.38
N ALA Q 43 -16.12 20.05 10.06
CA ALA Q 43 -15.20 19.40 9.14
C ALA Q 43 -13.79 19.95 9.31
N ALA Q 44 -13.65 21.26 9.49
CA ALA Q 44 -12.33 21.82 9.72
C ALA Q 44 -11.76 21.40 11.06
N GLY Q 45 -12.61 21.23 12.07
CA GLY Q 45 -12.14 20.72 13.34
C GLY Q 45 -11.63 19.30 13.23
N ALA Q 46 -12.29 18.49 12.41
CA ALA Q 46 -11.84 17.11 12.23
C ALA Q 46 -10.64 17.03 11.30
N LEU Q 47 -10.54 17.95 10.34
CA LEU Q 47 -9.46 17.93 9.36
C LEU Q 47 -8.17 18.50 9.92
N TYR Q 48 -8.25 19.38 10.91
CA TYR Q 48 -7.03 20.00 11.44
C TYR Q 48 -6.10 18.97 12.08
N PRO Q 49 -6.58 18.07 12.92
CA PRO Q 49 -5.67 17.02 13.42
C PRO Q 49 -5.07 16.19 12.31
N ALA Q 50 -5.79 15.96 11.21
CA ALA Q 50 -5.24 15.15 10.13
C ALA Q 50 -4.12 15.89 9.41
N VAL Q 51 -4.30 17.18 9.16
CA VAL Q 51 -3.29 17.95 8.46
C VAL Q 51 -2.06 18.12 9.35
N LYS Q 52 -2.27 18.46 10.62
CA LYS Q 52 -1.14 18.57 11.54
C LYS Q 52 -0.43 17.23 11.65
N TYR Q 53 -1.18 16.14 11.62
CA TYR Q 53 -0.58 14.80 11.67
C TYR Q 53 0.35 14.58 10.48
N LEU Q 54 -0.12 14.92 9.28
CA LEU Q 54 0.69 14.67 8.09
C LEU Q 54 1.96 15.52 8.10
N ILE Q 55 1.91 16.71 8.69
CA ILE Q 55 3.11 17.52 8.87
C ILE Q 55 4.07 16.77 9.78
N PRO Q 56 5.30 16.49 9.36
CA PRO Q 56 6.17 15.67 10.19
C PRO Q 56 6.46 16.35 11.51
N PRO Q 57 6.61 15.59 12.59
CA PRO Q 57 7.04 16.19 13.85
C PRO Q 57 8.45 16.75 13.74
N SER Q 58 8.67 17.90 14.37
CA SER Q 58 10.02 18.44 14.47
C SER Q 58 10.92 17.47 15.22
N SER Q 59 12.08 17.17 14.64
CA SER Q 59 13.01 16.24 15.26
C SER Q 59 13.34 16.67 16.69
N GLY Q 60 13.60 17.96 16.89
CA GLY Q 60 13.79 18.49 18.23
C GLY Q 60 13.36 19.93 18.29
N GLY Q 61 13.15 20.40 19.53
CA GLY Q 61 12.74 21.79 19.72
C GLY Q 61 13.73 22.77 19.13
N SER Q 62 15.02 22.55 19.36
CA SER Q 62 16.08 23.40 18.84
C SER Q 62 17.13 22.54 18.15
N GLY Q 63 17.42 22.86 16.89
CA GLY Q 63 18.45 22.16 16.16
C GLY Q 63 19.84 22.67 16.49
N GLY Q 64 20.25 22.47 17.72
CA GLY Q 64 21.55 22.94 18.18
C GLY Q 64 22.32 21.85 18.88
N GLY Q 65 23.64 21.94 18.80
CA GLY Q 65 24.51 20.92 19.35
C GLY Q 65 24.17 19.54 18.83
N VAL Q 66 24.00 19.42 17.52
CA VAL Q 66 23.61 18.17 16.89
C VAL Q 66 24.84 17.30 16.74
N THR Q 67 25.06 16.41 17.71
CA THR Q 67 26.28 15.60 17.75
C THR Q 67 26.56 14.98 16.39
N ALA Q 68 27.75 15.24 15.86
CA ALA Q 68 28.11 14.76 14.53
C ALA Q 68 28.16 13.24 14.50
N LYS Q 69 27.35 12.66 13.62
CA LYS Q 69 27.28 11.22 13.44
C LYS Q 69 28.01 10.83 12.15
N ASP Q 70 27.69 9.65 11.61
CA ASP Q 70 28.29 9.16 10.37
C ASP Q 70 27.18 8.60 9.49
N ALA Q 71 27.54 8.27 8.25
CA ALA Q 71 26.56 7.70 7.34
C ALA Q 71 26.01 6.40 7.90
N LEU Q 72 26.88 5.59 8.51
CA LEU Q 72 26.42 4.36 9.14
C LEU Q 72 25.50 4.67 10.31
N GLY Q 73 25.67 5.85 10.92
CA GLY Q 73 24.82 6.33 11.99
C GLY Q 73 25.43 6.29 13.37
N ASN Q 74 26.63 5.74 13.52
CA ASN Q 74 27.30 5.77 14.80
C ASN Q 74 27.78 7.20 15.10
N ASP Q 75 27.78 7.56 16.38
CA ASP Q 75 28.27 8.87 16.77
C ASP Q 75 29.76 8.94 16.50
N VAL Q 76 30.22 10.07 15.95
CA VAL Q 76 31.62 10.27 15.59
C VAL Q 76 32.30 11.06 16.70
N LYS Q 77 33.28 10.45 17.35
CA LYS Q 77 34.05 11.10 18.40
C LYS Q 77 35.07 12.05 17.79
N VAL Q 78 35.25 13.21 18.42
CA VAL Q 78 36.25 14.16 17.94
C VAL Q 78 37.64 13.55 17.98
N THR Q 79 37.97 12.86 19.08
CA THR Q 79 39.33 12.31 19.23
C THR Q 79 39.62 11.25 18.19
N GLU Q 80 38.66 10.36 17.93
CA GLU Q 80 38.88 9.32 16.93
C GLU Q 80 39.06 9.95 15.56
N PHE Q 81 38.26 10.97 15.25
CA PHE Q 81 38.39 11.66 13.98
C PHE Q 81 39.77 12.30 13.87
N LEU Q 82 40.24 12.90 14.97
CA LEU Q 82 41.53 13.58 14.96
C LEU Q 82 42.66 12.58 14.71
N ALA Q 83 42.59 11.39 15.30
CA ALA Q 83 43.68 10.43 15.12
C ALA Q 83 43.85 10.07 13.65
N SER Q 84 42.75 9.88 12.95
CA SER Q 84 42.72 9.54 11.54
C SER Q 84 42.69 10.81 10.69
N HIS Q 85 43.02 10.67 9.42
CA HIS Q 85 42.94 11.73 8.39
C HIS Q 85 44.13 12.69 8.44
N ASN Q 86 45.10 12.46 9.32
CA ASN Q 86 46.35 13.25 9.39
C ASN Q 86 46.00 14.74 9.38
N ALA Q 87 46.62 15.55 8.53
CA ALA Q 87 46.38 16.99 8.47
C ALA Q 87 46.02 17.41 7.06
N GLY Q 88 45.33 18.54 6.96
CA GLY Q 88 44.94 19.08 5.67
C GLY Q 88 44.07 18.16 4.85
N ASP Q 89 43.19 17.40 5.49
CA ASP Q 89 42.27 16.50 4.81
C ASP Q 89 40.87 16.76 5.34
N ARG Q 90 39.88 16.42 4.52
CA ARG Q 90 38.47 16.64 4.85
C ARG Q 90 37.73 15.32 4.76
N VAL Q 91 36.95 15.01 5.80
CA VAL Q 91 36.11 13.83 5.82
C VAL Q 91 34.71 14.22 6.29
N LEU Q 92 33.70 13.74 5.58
CA LEU Q 92 32.32 14.09 5.87
C LEU Q 92 31.84 13.36 7.13
N ALA Q 93 31.09 14.08 7.97
CA ALA Q 93 30.46 13.49 9.14
C ALA Q 93 29.06 14.07 9.24
N GLN Q 94 28.06 13.22 9.48
CA GLN Q 94 26.69 13.70 9.45
C GLN Q 94 26.56 14.89 10.38
N GLY Q 95 25.91 15.95 9.91
CA GLY Q 95 25.81 17.18 10.67
C GLY Q 95 24.39 17.67 10.85
N LEU Q 96 24.27 19.00 10.94
CA LEU Q 96 22.98 19.63 11.17
C LEU Q 96 22.05 19.44 9.97
N LYS Q 97 20.77 19.23 10.27
CA LYS Q 97 19.75 19.04 9.24
C LYS Q 97 19.99 17.75 8.45
N GLY Q 98 20.78 16.84 9.02
CA GLY Q 98 21.11 15.58 8.37
C GLY Q 98 21.85 15.73 7.06
N ASP Q 99 22.74 16.72 6.96
CA ASP Q 99 23.59 16.93 5.80
C ASP Q 99 25.03 16.63 6.14
N PRO Q 100 25.75 15.88 5.31
CA PRO Q 100 27.15 15.58 5.63
C PRO Q 100 27.97 16.86 5.66
N THR Q 101 28.62 17.11 6.79
CA THR Q 101 29.43 18.29 7.00
C THR Q 101 30.89 17.86 7.05
N TYR Q 102 31.70 18.40 6.15
CA TYR Q 102 33.13 18.12 6.20
C TYR Q 102 33.71 18.64 7.51
N ILE Q 103 34.63 17.89 8.09
CA ILE Q 103 35.30 18.26 9.34
C ILE Q 103 36.78 18.42 9.02
N VAL Q 104 37.26 19.66 9.03
CA VAL Q 104 38.65 19.95 8.74
C VAL Q 104 39.51 19.63 9.95
N VAL Q 105 40.75 19.21 9.70
CA VAL Q 105 41.72 18.95 10.75
C VAL Q 105 42.72 20.10 10.87
N GLN Q 106 43.29 20.52 9.74
CA GLN Q 106 44.18 21.68 9.69
C GLN Q 106 45.27 21.60 10.76
N GLY Q 107 45.93 20.45 10.82
CA GLY Q 107 47.07 20.28 11.70
C GLY Q 107 47.10 18.96 12.45
N ASP Q 108 46.07 18.13 12.27
CA ASP Q 108 46.02 16.79 12.85
C ASP Q 108 45.99 16.81 14.36
N ASP Q 109 45.84 17.98 14.98
CA ASP Q 109 45.90 18.15 16.42
C ASP Q 109 44.57 18.58 17.02
N THR Q 110 43.98 19.63 16.48
CA THR Q 110 42.65 20.08 16.91
C THR Q 110 41.83 20.34 15.65
N ILE Q 111 40.65 19.72 15.57
CA ILE Q 111 39.76 20.02 14.46
C ILE Q 111 39.45 21.51 14.45
N ALA Q 112 39.35 22.08 13.27
CA ALA Q 112 38.96 23.48 13.14
C ALA Q 112 37.61 23.69 13.83
N ASN Q 113 37.41 24.91 14.35
CA ASN Q 113 36.17 25.20 15.06
C ASN Q 113 34.97 25.32 14.14
N TYR Q 114 35.18 25.22 12.83
CA TYR Q 114 34.12 25.35 11.84
C TYR Q 114 34.13 24.14 10.93
N GLY Q 115 32.94 23.74 10.48
CA GLY Q 115 32.80 22.62 9.58
C GLY Q 115 31.93 22.95 8.38
N ILE Q 116 32.56 23.00 7.19
CA ILE Q 116 31.81 23.33 5.98
C ILE Q 116 30.79 22.25 5.69
N ASN Q 117 29.53 22.65 5.54
CA ASN Q 117 28.48 21.73 5.13
C ASN Q 117 28.61 21.47 3.64
N ALA Q 118 28.98 20.24 3.28
CA ALA Q 118 29.23 19.89 1.88
C ALA Q 118 27.92 19.47 1.21
N VAL Q 119 27.02 20.44 1.09
CA VAL Q 119 25.80 20.31 0.31
C VAL Q 119 25.73 21.49 -0.63
N CYS Q 120 25.75 21.24 -1.93
CA CYS Q 120 25.60 22.31 -2.90
C CYS Q 120 24.35 23.10 -2.58
N THR Q 121 24.47 24.43 -2.57
CA THR Q 121 23.38 25.26 -2.12
C THR Q 121 22.21 25.23 -3.10
N HIS Q 122 22.51 25.29 -4.39
CA HIS Q 122 21.44 25.38 -5.39
C HIS Q 122 20.73 24.05 -5.59
N LEU Q 123 21.46 22.94 -5.53
CA LEU Q 123 20.92 21.59 -5.61
C LEU Q 123 21.10 20.90 -4.27
N GLY Q 124 21.20 19.57 -4.28
CA GLY Q 124 21.45 18.79 -3.09
C GLY Q 124 22.75 18.00 -3.20
N CYS Q 125 23.36 18.01 -4.38
CA CYS Q 125 24.55 17.20 -4.63
C CYS Q 125 25.61 17.50 -3.59
N VAL Q 126 26.06 16.46 -2.88
CA VAL Q 126 27.14 16.64 -1.92
C VAL Q 126 28.42 17.00 -2.67
N VAL Q 127 29.17 17.95 -2.13
CA VAL Q 127 30.37 18.46 -2.78
C VAL Q 127 31.56 17.66 -2.25
N PRO Q 128 32.35 17.02 -3.11
CA PRO Q 128 33.59 16.39 -2.65
C PRO Q 128 34.69 17.42 -2.46
N TRP Q 129 35.74 17.00 -1.76
CA TRP Q 129 36.90 17.84 -1.50
C TRP Q 129 38.09 17.31 -2.28
N ASN Q 130 38.75 18.18 -3.03
CA ASN Q 130 39.99 17.85 -3.72
C ASN Q 130 41.10 18.55 -2.96
N ALA Q 131 41.82 17.78 -2.14
CA ALA Q 131 42.90 18.36 -1.35
C ALA Q 131 44.05 18.84 -2.22
N SER Q 132 44.23 18.24 -3.39
CA SER Q 132 45.31 18.67 -4.28
C SER Q 132 45.09 20.09 -4.77
N GLU Q 133 43.87 20.42 -5.19
CA GLU Q 133 43.57 21.76 -5.66
C GLU Q 133 43.40 22.76 -4.53
N ASN Q 134 43.00 22.28 -3.35
CA ASN Q 134 42.60 23.14 -2.22
C ASN Q 134 41.30 23.87 -2.60
N LYS Q 135 40.37 23.11 -3.17
CA LYS Q 135 39.10 23.71 -3.62
C LYS Q 135 38.05 22.61 -3.75
N PHE Q 136 36.87 22.86 -3.19
CA PHE Q 136 35.73 21.98 -3.43
C PHE Q 136 35.34 22.02 -4.90
N MET Q 137 34.90 20.88 -5.44
CA MET Q 137 34.56 20.75 -6.85
C MET Q 137 33.38 19.81 -6.98
N CYS Q 138 32.17 20.38 -7.05
CA CYS Q 138 30.97 19.55 -7.16
C CYS Q 138 30.91 18.94 -8.56
N PRO Q 139 30.72 17.62 -8.68
CA PRO Q 139 30.72 17.02 -10.03
C PRO Q 139 29.41 17.17 -10.78
N CYS Q 140 28.30 17.49 -10.10
CA CYS Q 140 27.02 17.57 -10.80
C CYS Q 140 27.05 18.63 -11.88
N HIS Q 141 27.33 19.88 -11.51
CA HIS Q 141 27.47 20.96 -12.49
C HIS Q 141 28.77 21.72 -12.35
N GLY Q 142 29.72 21.23 -11.57
CA GLY Q 142 31.01 21.89 -11.48
C GLY Q 142 31.04 23.13 -10.63
N SER Q 143 30.26 23.20 -9.55
CA SER Q 143 30.22 24.37 -8.69
C SER Q 143 31.33 24.25 -7.67
N GLN Q 144 32.34 25.11 -7.80
CA GLN Q 144 33.52 25.05 -6.95
C GLN Q 144 33.39 25.94 -5.73
N TYR Q 145 34.13 25.57 -4.68
CA TYR Q 145 34.23 26.38 -3.47
C TYR Q 145 35.67 26.29 -2.99
N ASN Q 146 36.16 27.37 -2.37
CA ASN Q 146 37.53 27.36 -1.87
C ASN Q 146 37.64 26.51 -0.62
N ALA Q 147 38.84 26.52 -0.03
CA ALA Q 147 39.08 25.72 1.17
C ALA Q 147 38.12 26.13 2.28
N GLU Q 148 37.85 27.43 2.39
CA GLU Q 148 36.98 27.92 3.44
C GLU Q 148 35.52 27.60 3.17
N GLY Q 149 35.17 27.21 1.94
CA GLY Q 149 33.83 26.81 1.58
C GLY Q 149 33.12 27.88 0.79
N LYS Q 150 33.73 29.04 0.65
CA LYS Q 150 33.13 30.16 -0.05
C LYS Q 150 32.92 29.86 -1.54
N VAL Q 151 31.88 30.44 -2.10
CA VAL Q 151 31.63 30.31 -3.52
C VAL Q 151 32.71 31.08 -4.28
N VAL Q 152 33.53 30.35 -5.04
CA VAL Q 152 34.51 30.95 -5.91
C VAL Q 152 34.03 31.00 -7.36
N ARG Q 153 33.30 29.96 -7.77
CA ARG Q 153 32.88 29.81 -9.16
C ARG Q 153 31.71 28.84 -9.19
N GLY Q 154 31.04 28.80 -10.35
CA GLY Q 154 29.98 27.83 -10.58
C GLY Q 154 28.59 28.43 -10.43
N PRO Q 155 27.58 27.62 -10.77
CA PRO Q 155 26.19 28.11 -10.76
C PRO Q 155 25.55 28.26 -9.39
N ALA Q 156 26.25 27.92 -8.31
CA ALA Q 156 25.61 27.98 -7.00
C ALA Q 156 25.68 29.39 -6.43
N PRO Q 157 24.55 30.08 -6.29
CA PRO Q 157 24.63 31.48 -5.82
C PRO Q 157 25.07 31.61 -4.37
N LEU Q 158 24.57 30.76 -3.48
CA LEU Q 158 24.88 30.85 -2.07
C LEU Q 158 26.09 29.97 -1.74
N SER Q 159 26.64 30.18 -0.55
CA SER Q 159 27.81 29.43 -0.11
C SER Q 159 27.41 28.26 0.77
N LEU Q 160 28.40 27.44 1.12
CA LEU Q 160 28.16 26.28 1.96
C LEU Q 160 27.93 26.70 3.40
N ALA Q 161 26.92 26.13 4.03
CA ALA Q 161 26.57 26.48 5.40
C ALA Q 161 27.67 26.06 6.35
N LEU Q 162 27.79 26.80 7.45
CA LEU Q 162 28.84 26.56 8.44
C LEU Q 162 28.23 26.12 9.76
N ALA Q 163 29.06 25.50 10.59
CA ALA Q 163 28.66 25.05 11.92
C ALA Q 163 29.86 25.19 12.83
N HIS Q 164 29.61 25.10 14.14
CA HIS Q 164 30.71 25.05 15.11
C HIS Q 164 31.19 23.62 15.26
N ALA Q 165 32.46 23.48 15.64
CA ALA Q 165 33.04 22.20 15.97
C ALA Q 165 33.81 22.34 17.26
N THR Q 166 33.69 21.34 18.13
CA THR Q 166 34.27 21.36 19.46
C THR Q 166 35.34 20.29 19.55
N VAL Q 167 36.56 20.70 19.91
CA VAL Q 167 37.66 19.75 19.93
C VAL Q 167 37.64 18.90 21.19
N THR Q 168 37.09 19.44 22.27
CA THR Q 168 37.15 18.76 23.57
C THR Q 168 36.27 17.51 23.56
N LYS Q 172 33.93 15.34 22.91
CA LYS Q 172 32.68 15.20 22.18
C LYS Q 172 32.62 16.19 21.03
N LEU Q 173 32.00 15.77 19.92
CA LEU Q 173 31.84 16.61 18.74
C LEU Q 173 30.37 16.98 18.60
N VAL Q 174 30.09 18.29 18.57
CA VAL Q 174 28.73 18.80 18.40
C VAL Q 174 28.76 19.90 17.35
N LEU Q 175 27.73 19.94 16.51
CA LEU Q 175 27.59 20.94 15.46
C LEU Q 175 26.42 21.85 15.78
N SER Q 176 26.70 23.12 16.04
CA SER Q 176 25.68 24.11 16.34
C SER Q 176 25.50 25.05 15.16
N THR Q 177 24.24 25.32 14.82
CA THR Q 177 23.92 26.26 13.74
C THR Q 177 24.74 27.53 13.87
N TRP Q 178 25.58 27.78 12.86
CA TRP Q 178 26.47 28.94 12.87
C TRP Q 178 25.65 30.20 12.62
N THR Q 179 25.37 30.93 13.70
CA THR Q 179 24.50 32.10 13.63
C THR Q 179 25.27 33.40 13.47
N GLU Q 180 26.47 33.48 14.04
CA GLU Q 180 27.26 34.70 13.96
C GLU Q 180 27.61 35.00 12.51
N THR Q 181 27.96 36.25 12.24
CA THR Q 181 28.30 36.64 10.89
C THR Q 181 29.43 35.78 10.36
N ASP Q 182 29.23 35.22 9.17
CA ASP Q 182 30.27 34.40 8.58
C ASP Q 182 31.51 35.26 8.32
N PHE Q 183 32.68 34.65 8.49
CA PHE Q 183 33.93 35.36 8.36
C PHE Q 183 34.51 35.25 6.95
N ARG Q 184 33.67 34.91 5.98
CA ARG Q 184 34.07 34.82 4.58
C ARG Q 184 33.53 36.02 3.82
N THR Q 185 32.21 36.15 3.67
CA THR Q 185 31.60 37.32 3.04
C THR Q 185 31.35 38.45 4.01
N ASP Q 186 31.49 38.19 5.32
CA ASP Q 186 31.26 39.19 6.34
C ASP Q 186 29.87 39.81 6.18
N GLU Q 187 28.88 38.93 6.01
CA GLU Q 187 27.49 39.33 5.92
C GLU Q 187 26.67 38.33 6.75
N ASP Q 188 25.38 38.62 6.93
CA ASP Q 188 24.51 37.71 7.69
C ASP Q 188 24.47 36.33 7.05
N PRO Q 189 24.65 35.26 7.83
CA PRO Q 189 24.48 33.91 7.29
C PRO Q 189 23.14 33.73 6.59
N TRP Q 190 23.19 33.28 5.34
CA TRP Q 190 21.94 32.98 4.63
C TRP Q 190 21.20 31.84 5.31
N TRP Q 191 21.92 30.79 5.71
CA TRP Q 191 21.28 29.63 6.33
C TRP Q 191 20.76 29.97 7.72
N ALA Q 192 21.49 30.79 8.47
CA ALA Q 192 21.08 31.22 9.81
C ALA Q 192 20.49 30.08 10.62
N THR R 2 -54.48 -4.05 -11.10
CA THR R 2 -54.99 -5.40 -10.88
C THR R 2 -56.30 -5.37 -10.10
N ILE R 3 -56.36 -4.50 -9.09
CA ILE R 3 -57.52 -4.37 -8.22
C ILE R 3 -58.09 -2.97 -8.40
N GLU R 4 -59.39 -2.89 -8.61
CA GLU R 4 -60.06 -1.61 -8.80
C GLU R 4 -60.23 -0.88 -7.47
N ILE R 5 -59.93 0.42 -7.48
CA ILE R 5 -60.17 1.23 -6.30
C ILE R 5 -61.66 1.45 -6.13
N GLY R 6 -62.09 1.63 -4.88
CA GLY R 6 -63.49 1.85 -4.61
C GLY R 6 -64.35 0.67 -4.99
N GLN R 7 -63.82 -0.55 -4.83
CA GLN R 7 -64.50 -1.78 -5.20
C GLN R 7 -64.77 -2.62 -3.97
N LYS R 8 -66.04 -2.99 -3.80
CA LYS R 8 -66.43 -3.91 -2.73
C LYS R 8 -65.69 -5.24 -2.88
N VAL R 9 -65.15 -5.73 -1.76
CA VAL R 9 -64.42 -6.99 -1.72
C VAL R 9 -64.87 -7.80 -0.51
N LYS R 10 -64.72 -9.11 -0.61
CA LYS R 10 -65.10 -10.05 0.44
C LYS R 10 -63.88 -10.86 0.83
N VAL R 11 -63.58 -10.92 2.13
CA VAL R 11 -62.35 -11.57 2.58
C VAL R 11 -62.62 -13.07 2.70
N TYR R 12 -62.11 -13.85 1.74
CA TYR R 12 -62.32 -15.29 1.75
C TYR R 12 -61.44 -15.97 2.79
N ARG R 13 -60.17 -15.56 2.88
CA ARG R 13 -59.22 -16.19 3.79
C ARG R 13 -58.39 -15.10 4.46
N LEU R 14 -57.87 -15.41 5.64
CA LEU R 14 -56.93 -14.52 6.33
C LEU R 14 -55.57 -15.19 6.41
N ARG R 15 -54.56 -14.59 5.79
CA ARG R 15 -53.23 -15.20 5.76
C ARG R 15 -52.62 -15.31 7.16
N ASP R 16 -52.69 -14.24 7.93
CA ASP R 16 -52.01 -14.16 9.21
C ASP R 16 -52.99 -14.24 10.38
N ARG R 17 -52.47 -14.68 11.50
CA ARG R 17 -53.23 -14.67 12.75
C ARG R 17 -53.42 -13.23 13.18
N VAL R 18 -54.65 -12.85 13.50
CA VAL R 18 -54.99 -11.47 13.78
C VAL R 18 -55.83 -11.41 15.06
N SER R 19 -56.14 -10.19 15.48
CA SER R 19 -56.98 -9.99 16.65
C SER R 19 -58.40 -10.44 16.33
N PRO R 20 -59.21 -10.73 17.35
CA PRO R 20 -60.56 -11.23 17.05
C PRO R 20 -61.37 -10.26 16.22
N ASP R 21 -61.22 -8.96 16.46
CA ASP R 21 -61.98 -7.97 15.69
C ASP R 21 -61.69 -8.10 14.20
N VAL R 22 -60.42 -8.28 13.82
CA VAL R 22 -60.08 -8.41 12.41
C VAL R 22 -60.70 -9.68 11.84
N VAL R 23 -60.76 -10.75 12.64
CA VAL R 23 -61.36 -11.98 12.17
C VAL R 23 -62.86 -11.77 11.96
N GLY R 24 -63.46 -10.90 12.76
CA GLY R 24 -64.84 -10.53 12.51
C GLY R 24 -65.03 -9.92 11.14
N LYS R 25 -64.03 -9.18 10.65
CA LYS R 25 -64.11 -8.57 9.34
C LYS R 25 -64.18 -9.60 8.23
N LEU R 26 -63.71 -10.82 8.47
CA LEU R 26 -63.72 -11.83 7.42
C LEU R 26 -65.16 -12.09 6.97
N GLY R 27 -65.35 -12.16 5.66
CA GLY R 27 -66.67 -12.36 5.09
C GLY R 27 -67.54 -11.11 5.02
N LYS R 28 -66.97 -9.93 5.26
CA LYS R 28 -67.70 -8.66 5.24
C LYS R 28 -67.31 -7.86 4.00
N VAL R 29 -68.31 -7.27 3.36
CA VAL R 29 -68.08 -6.44 2.18
C VAL R 29 -67.58 -5.06 2.61
N GLY R 30 -66.39 -4.69 2.13
CA GLY R 30 -65.87 -3.36 2.37
C GLY R 30 -65.30 -2.75 1.11
N VAL R 31 -65.63 -1.49 0.85
CA VAL R 31 -65.12 -0.80 -0.34
C VAL R 31 -63.65 -0.47 -0.09
N VAL R 32 -62.76 -0.97 -0.95
CA VAL R 32 -61.35 -0.66 -0.78
C VAL R 32 -61.17 0.84 -0.91
N LYS R 33 -60.41 1.43 0.01
CA LYS R 33 -60.20 2.86 0.06
C LYS R 33 -58.83 3.31 -0.42
N ASP R 34 -57.80 2.47 -0.28
CA ASP R 34 -56.46 2.84 -0.71
C ASP R 34 -55.66 1.55 -0.95
N PHE R 35 -54.51 1.70 -1.59
CA PHE R 35 -53.59 0.59 -1.86
C PHE R 35 -52.37 0.72 -0.96
N LYS R 36 -52.08 -0.31 -0.17
CA LYS R 36 -50.87 -0.37 0.64
C LYS R 36 -49.95 -1.47 0.13
N MET R 37 -48.67 -1.14 0.02
CA MET R 37 -47.68 -2.14 -0.33
C MET R 37 -47.55 -3.15 0.81
N THR R 38 -47.59 -4.44 0.48
CA THR R 38 -47.61 -5.52 1.47
C THR R 38 -46.26 -6.25 1.52
N ASP R 39 -46.22 -7.32 2.30
CA ASP R 39 -44.96 -7.97 2.63
C ASP R 39 -44.29 -8.55 1.39
N GLY R 40 -45.06 -9.23 0.54
CA GLY R 40 -44.54 -9.92 -0.61
C GLY R 40 -44.31 -9.03 -1.79
N SER R 41 -44.39 -7.72 -1.61
CA SER R 41 -44.29 -6.72 -2.66
C SER R 41 -45.54 -6.72 -3.53
N GLY R 42 -46.59 -7.42 -3.10
CA GLY R 42 -47.88 -7.34 -3.74
C GLY R 42 -48.64 -6.08 -3.33
N ILE R 43 -49.67 -5.78 -4.13
CA ILE R 43 -50.47 -4.57 -3.93
C ILE R 43 -51.64 -4.97 -3.02
N GLY R 44 -51.46 -4.84 -1.70
CA GLY R 44 -52.56 -5.07 -0.81
C GLY R 44 -53.51 -3.89 -0.79
N ALA R 45 -54.72 -4.12 -0.32
CA ALA R 45 -55.78 -3.11 -0.37
C ALA R 45 -56.33 -2.86 1.03
N VAL R 46 -56.32 -1.60 1.46
CA VAL R 46 -57.04 -1.22 2.66
C VAL R 46 -58.53 -1.35 2.39
N VAL R 47 -59.25 -1.92 3.34
CA VAL R 47 -60.68 -2.21 3.18
C VAL R 47 -61.43 -1.45 4.25
N SER R 48 -62.32 -0.57 3.81
CA SER R 48 -63.23 0.17 4.69
C SER R 48 -64.54 -0.61 4.76
N PHE R 49 -64.85 -1.18 5.91
CA PHE R 49 -66.06 -1.97 6.06
C PHE R 49 -67.23 -1.06 6.44
N ASP R 50 -68.41 -1.67 6.59
CA ASP R 50 -69.59 -0.89 6.90
C ASP R 50 -69.44 -0.14 8.23
N ASP R 51 -68.85 -0.79 9.22
CA ASP R 51 -68.61 -0.16 10.52
C ASP R 51 -67.47 0.85 10.49
N ARG R 52 -66.73 0.93 9.38
CA ARG R 52 -65.60 1.85 9.15
C ARG R 52 -64.34 1.35 9.80
N THR R 53 -64.28 0.13 10.32
CA THR R 53 -62.96 -0.34 10.76
C THR R 53 -62.15 -0.62 9.51
N ALA R 54 -61.40 0.37 9.05
CA ALA R 54 -60.54 0.23 7.87
C ALA R 54 -59.32 -0.59 8.24
N THR R 55 -59.23 -1.79 7.67
CA THR R 55 -58.10 -2.68 7.90
C THR R 55 -57.51 -3.13 6.58
N TRP R 56 -56.19 -3.11 6.49
CA TRP R 56 -55.54 -3.51 5.25
C TRP R 56 -55.53 -5.03 5.13
N PHE R 57 -55.58 -5.50 3.88
CA PHE R 57 -55.59 -6.93 3.60
C PHE R 57 -54.70 -7.21 2.41
N PHE R 58 -54.13 -8.41 2.38
CA PHE R 58 -53.40 -8.85 1.21
C PHE R 58 -54.38 -8.98 0.03
N GLU R 59 -53.86 -8.82 -1.18
CA GLU R 59 -54.71 -9.02 -2.35
C GLU R 59 -55.14 -10.48 -2.43
N ASP R 60 -54.26 -11.40 -2.06
CA ASP R 60 -54.61 -12.81 -2.05
C ASP R 60 -55.85 -13.04 -1.19
N GLU R 61 -55.89 -12.43 -0.01
CA GLU R 61 -56.97 -12.69 0.93
C GLU R 61 -58.31 -12.29 0.34
N LEU R 62 -58.49 -11.00 0.08
CA LEU R 62 -59.77 -10.49 -0.40
C LEU R 62 -60.05 -10.95 -1.82
N LYS R 63 -61.34 -11.04 -2.15
CA LYS R 63 -61.84 -11.45 -3.45
C LYS R 63 -62.77 -10.36 -3.96
N ALA R 64 -62.52 -9.89 -5.18
CA ALA R 64 -63.29 -8.80 -5.75
C ALA R 64 -64.77 -9.13 -5.78
N ILE R 65 -65.60 -8.15 -5.41
CA ILE R 65 -67.05 -8.32 -5.39
C ILE R 65 -67.68 -7.22 -6.23
CHA HEM S . -3.56 -1.14 11.42
CHB HEM S . -3.72 0.95 7.05
CHC HEM S . -8.36 -0.41 6.64
CHD HEM S . -8.13 -2.66 10.91
C1A HEM S . -3.19 -0.49 10.27
C2A HEM S . -1.86 -0.01 9.95
C3A HEM S . -1.90 0.56 8.75
C4A HEM S . -3.26 0.48 8.25
CMA HEM S . -0.70 1.21 8.01
CAA HEM S . -0.63 -0.16 10.86
CBA HEM S . -0.59 1.00 11.84
CGA HEM S . -0.97 0.53 13.22
O1A HEM S . -1.61 1.32 13.96
O2A HEM S . -0.66 -0.63 13.58
C1B HEM S . -4.99 0.75 6.55
C2B HEM S . -5.46 1.16 5.25
C3B HEM S . -6.75 0.77 5.13
C4B HEM S . -7.12 0.12 6.36
CMB HEM S . -4.57 1.90 4.22
CAB HEM S . -7.74 0.97 3.97
CBB HEM S . -7.43 1.61 2.84
C1C HEM S . -8.69 -1.18 7.73
C2C HEM S . -9.92 -1.89 7.92
C3C HEM S . -9.86 -2.52 9.10
C4C HEM S . -8.58 -2.21 9.69
CMC HEM S . -11.09 -1.92 6.91
CAC HEM S . -10.94 -3.41 9.75
CBC HEM S . -12.23 -3.05 9.72
C1D HEM S . -6.88 -2.42 11.44
C2D HEM S . -6.41 -2.85 12.74
C3D HEM S . -5.15 -2.42 12.87
C4D HEM S . -4.78 -1.72 11.67
CMD HEM S . -7.23 -3.65 13.76
CAD HEM S . -4.23 -2.65 14.08
CBD HEM S . -4.25 -1.39 14.94
CGD HEM S . -3.20 -1.47 16.00
O1D HEM S . -2.24 -0.65 15.96
O2D HEM S . -3.31 -2.34 16.89
NA HEM S . -4.02 -0.17 9.21
NB HEM S . -6.03 0.11 7.20
NC HEM S . -7.89 -1.39 8.84
ND HEM S . -5.87 -1.73 10.81
FE HEM S . -6.01 -0.64 9.09
CHA HEM T . -28.31 3.07 -0.02
CHB HEM T . -31.10 4.16 3.79
CHC HEM T . -27.39 6.52 5.83
CHD HEM T . -24.63 5.49 1.98
C1A HEM T . -29.41 3.23 0.79
C2A HEM T . -30.78 2.90 0.45
C3A HEM T . -31.55 3.20 1.50
C4A HEM T . -30.70 3.74 2.55
CMA HEM T . -33.08 3.01 1.59
CAA HEM T . -31.24 2.30 -0.89
CBA HEM T . -31.53 3.41 -1.89
CGA HEM T . -32.35 2.87 -3.02
O1A HEM T . -33.52 2.47 -2.78
O2A HEM T . -31.83 2.82 -4.16
C1B HEM T . -30.37 4.99 4.61
C2B HEM T . -30.90 5.84 5.66
C3B HEM T . -29.88 6.48 6.22
C4B HEM T . -28.66 6.08 5.55
CMB HEM T . -32.38 5.96 6.06
CAB HEM T . -29.95 7.51 7.38
CBB HEM T . -30.56 8.68 7.19
C1C HEM T . -26.31 6.39 5.00
C2C HEM T . -24.95 6.77 5.31
C3C HEM T . -24.19 6.47 4.25
C4C HEM T . -25.04 5.92 3.22
CMC HEM T . -24.46 7.39 6.64
CAC HEM T . -22.67 6.70 4.12
CBC HEM T . -22.24 7.64 3.28
C1D HEM T . -25.37 4.72 1.12
C2D HEM T . -24.89 4.11 -0.11
C3D HEM T . -25.91 3.45 -0.66
C4D HEM T . -27.07 3.61 0.19
CMD HEM T . -23.46 4.23 -0.66
CAD HEM T . -25.87 2.64 -1.98
CBD HEM T . -26.38 3.52 -3.12
CGD HEM T . -27.79 3.13 -3.48
O1D HEM T . -28.16 1.93 -3.35
O2D HEM T . -28.56 4.03 -3.89
NA HEM T . -29.40 3.73 2.07
NB HEM T . -29.00 5.17 4.57
NC HEM T . -26.33 5.88 3.72
ND HEM T . -26.70 4.39 1.27
FE HEM T . -27.85 4.78 2.91
CHA HEM U . -27.70 -3.12 1.58
CHB HEM U . -23.35 -1.43 2.89
CHC HEM U . -22.02 -5.91 4.18
CHD HEM U . -26.21 -7.63 2.49
C1A HEM U . -26.66 -2.26 1.89
C2A HEM U . -26.71 -0.81 1.84
C3A HEM U . -25.52 -0.36 2.20
C4A HEM U . -24.66 -1.48 2.49
CMA HEM U . -25.11 1.13 2.30
CAA HEM U . -27.94 0.05 1.45
CBA HEM U . -29.14 -0.32 2.31
CGA HEM U . -28.80 -0.14 3.77
O1A HEM U . -29.23 -0.97 4.60
O2A HEM U . -28.07 0.83 4.09
C1B HEM U . -22.59 -2.50 3.33
C2B HEM U . -21.21 -2.45 3.71
C3B HEM U . -20.83 -3.68 4.08
C4B HEM U . -21.98 -4.55 3.92
CMB HEM U . -20.37 -1.15 3.70
CAB HEM U . -19.45 -4.18 4.56
CBB HEM U . -18.32 -3.60 4.16
C1C HEM U . -23.08 -6.74 3.94
C2C HEM U . -23.25 -8.08 4.44
C3C HEM U . -24.42 -8.56 3.98
C4C HEM U . -25.01 -7.53 3.16
CMC HEM U . -22.25 -8.79 5.37
CAC HEM U . -25.07 -9.94 4.20
CBC HEM U . -24.38 -11.00 4.63
C1D HEM U . -26.96 -6.57 2.04
C2D HEM U . -28.22 -6.66 1.33
C3D HEM U . -28.62 -5.41 1.08
C4D HEM U . -27.64 -4.50 1.63
CMD HEM U . -28.94 -7.94 0.92
CAD HEM U . -29.90 -4.99 0.35
CBD HEM U . -31.07 -5.11 1.33
CGD HEM U . -32.27 -4.40 0.78
O1D HEM U . -32.28 -4.12 -0.45
O2D HEM U . -33.21 -4.12 1.55
NA HEM U . -25.40 -2.63 2.28
NB HEM U . -23.04 -3.79 3.46
NC HEM U . -24.17 -6.44 3.15
ND HEM U . -26.64 -5.24 2.22
FE HEM U . -24.84 -4.52 2.89
P PGV V . -2.45 16.58 22.99
C01 PGV V . -6.84 18.00 21.61
C02 PGV V . -5.37 18.37 21.73
C03 PGV V . -4.71 17.92 23.02
C04 PGV V . -1.94 17.25 20.53
C05 PGV V . -0.91 16.74 19.52
C06 PGV V . -0.25 15.49 20.07
O01 PGV V . -5.30 19.80 21.63
O02 PGV V . -3.77 20.06 20.03
O03 PGV V . -7.06 17.19 20.47
O04 PGV V . -8.68 15.90 21.28
O05 PGV V . 0.01 17.73 19.15
O06 PGV V . 0.02 14.61 19.02
O11 PGV V . -3.31 17.98 22.98
O12 PGV V . -1.42 17.10 21.82
O13 PGV V . -3.29 15.45 22.48
O14 PGV V . -1.71 16.39 24.28
C1 PGV V . -4.84 20.35 20.51
C2 PGV V . -5.80 21.37 19.96
C3 PGV V . -6.20 21.10 18.51
C4 PGV V . -7.57 20.43 18.40
C5 PGV V . -8.44 21.08 17.32
C6 PGV V . -9.66 20.25 16.94
C7 PGV V . -10.88 20.57 17.79
C8 PGV V . -11.80 21.59 17.11
C9 PGV V . -13.25 21.16 17.03
C10 PGV V . -14.14 22.29 16.48
C11 PGV V . -15.25 21.79 15.61
C12 PGV V . -16.56 21.92 15.81
C19 PGV V . -8.23 16.57 20.38
C20 PGV V . -8.91 16.83 19.08
C21 PGV V . -10.43 16.94 19.19
C22 PGV V . -11.11 16.86 17.83
C23 PGV V . -11.47 15.46 17.37
C24 PGV V . -11.28 15.29 15.87
C25 PGV V . -11.41 13.85 15.40
C26 PGV V . -11.52 13.72 13.89
C27 PGV V . -10.20 13.38 13.20
C28 PGV V . -10.39 12.62 11.89
C1 ECH W . -27.86 5.73 13.92
C2 ECH W . -27.73 6.91 12.95
C3 ECH W . -27.00 8.09 13.59
C4 ECH W . -25.62 7.68 14.06
C5 ECH W . -25.50 6.27 14.58
C6 ECH W . -26.50 5.37 14.48
C7 ECH W . -26.38 3.99 14.97
C8 ECH W . -27.04 3.44 16.01
C9 ECH W . -26.89 2.06 16.43
C10 ECH W . -27.96 1.37 16.88
C11 ECH W . -29.32 1.80 17.09
C12 ECH W . -30.33 0.91 16.97
C13 ECH W . -31.75 1.14 17.16
C14 ECH W . -32.45 0.25 17.90
C15 ECH W . -33.86 0.25 18.19
C16 ECH W . -34.43 -0.37 19.24
C17 ECH W . -35.84 -0.36 19.47
C18 ECH W . -36.54 -1.10 20.40
C19 ECH W . -37.97 -0.98 20.48
C20 ECH W . -38.68 -0.64 21.59
C21 ECH W . -40.12 -0.60 21.59
C22 ECH W . -40.91 -1.56 22.14
C23 ECH W . -42.35 -1.46 22.09
C24 ECH W . -43.12 -1.67 21.00
C25 ECH W . -44.57 -1.59 20.98
C26 ECH W . -45.29 -0.45 20.95
C27 ECH W . -46.56 -0.46 20.23
O27 ECH W . -46.97 0.56 19.67
C28 ECH W . -47.34 -1.74 20.17
C29 ECH W . -46.79 -2.79 21.12
C30 ECH W . -45.27 -2.95 21.05
C31 ECH W . -28.49 4.53 13.21
C32 ECH W . -28.78 6.19 15.05
C33 ECH W . -24.14 5.98 15.14
C34 ECH W . -25.54 1.44 16.28
C35 ECH W . -32.36 2.35 16.53
C36 ECH W . -35.91 -2.10 21.33
C37 ECH W . -40.37 -2.76 22.84
C38 ECH W . -45.16 0.67 21.94
C39 ECH W . -44.88 -3.76 19.81
C40 ECH W . -44.84 -3.74 22.30
C2 PL9 X . -23.63 9.62 -2.66
C3 PL9 X . -23.94 9.23 -1.40
C4 PL9 X . -25.09 8.38 -1.15
C5 PL9 X . -25.88 7.96 -2.29
C6 PL9 X . -25.57 8.36 -3.57
C1 PL9 X . -24.42 9.21 -3.80
C7 PL9 X . -23.08 9.70 -0.28
C8 PL9 X . -23.19 11.16 0.03
C9 PL9 X . -22.71 11.71 1.16
C10 PL9 X . -23.12 13.05 1.63
C11 PL9 X . -21.72 10.97 2.00
C12 PL9 X . -20.29 11.11 1.46
C13 PL9 X . -19.42 10.44 2.48
C14 PL9 X . -18.27 10.94 2.94
C15 PL9 X . -17.33 11.68 2.06
C16 PL9 X . -18.03 11.10 4.40
C17 PL9 X . -17.27 9.93 5.06
C18 PL9 X . -16.17 10.43 5.98
C19 PL9 X . -14.85 10.51 5.75
C20 PL9 X . -13.98 11.09 6.79
C21 PL9 X . -14.31 10.36 4.35
C22 PL9 X . -12.78 10.07 4.26
C23 PL9 X . -12.31 10.46 2.90
C24 PL9 X . -11.69 9.58 2.10
C25 PL9 X . -12.08 8.18 1.98
C26 PL9 X . -10.64 10.08 1.17
C27 PL9 X . -9.42 10.62 1.94
C28 PL9 X . -8.31 9.65 1.77
C29 PL9 X . -7.17 9.93 1.13
C30 PL9 X . -6.61 11.31 1.08
C31 PL9 X . -6.34 8.88 0.49
C32 PL9 X . -5.67 9.24 -0.84
C33 PL9 X . -6.64 8.86 -1.93
C34 PL9 X . -7.04 9.71 -2.87
C35 PL9 X . -6.37 11.00 -3.13
C36 PL9 X . -8.24 9.39 -3.70
C37 PL9 X . -9.49 9.08 -2.85
C38 PL9 X . -10.06 7.76 -3.30
C39 PL9 X . -11.30 7.38 -3.00
C40 PL9 X . -12.28 7.20 -4.11
C41 PL9 X . -11.71 7.29 -1.57
C42 PL9 X . -12.81 6.23 -1.35
C43 PL9 X . -12.16 4.89 -1.28
C44 PL9 X . -12.81 3.74 -1.38
C45 PL9 X . -12.08 2.45 -1.46
C46 PL9 X . -14.29 3.60 -1.33
C47 PL9 X . -14.84 2.60 -2.36
C48 PL9 X . -16.31 2.56 -2.16
C49 PL9 X . -17.17 2.99 -3.07
C50 PL9 X . -18.10 4.08 -2.68
C51 PL9 X . -17.34 2.39 -4.41
C52 PL9 X . -27.05 7.09 -2.02
C53 PL9 X . -26.33 7.98 -4.76
O1 PL9 X . -25.33 8.05 0.01
O2 PL9 X . -24.06 9.63 -4.91
MG CLA Y . -24.14 -16.74 12.29
CHA CLA Y . -20.98 -15.37 12.67
CHB CLA Y . -25.14 -13.89 10.71
CHC CLA Y . -27.14 -18.24 11.63
CHD CLA Y . -23.01 -19.67 13.90
NA CLA Y . -23.20 -14.94 11.78
C1A CLA Y . -21.87 -14.58 12.02
C2A CLA Y . -21.57 -13.21 11.44
C3A CLA Y . -22.96 -12.66 11.07
C4A CLA Y . -23.84 -13.92 11.15
CMA CLA Y . -23.42 -11.58 12.02
CAA CLA Y . -20.83 -13.59 10.17
CBA CLA Y . -20.30 -12.49 9.29
CGA CLA Y . -19.18 -13.07 8.45
O1A CLA Y . -19.30 -13.75 7.43
O2A CLA Y . -17.92 -12.77 8.87
NB CLA Y . -25.85 -16.16 11.39
C1B CLA Y . -26.03 -14.98 10.76
C2B CLA Y . -27.33 -14.98 10.06
C3B CLA Y . -27.93 -16.20 10.29
C4B CLA Y . -26.99 -16.97 11.16
CMB CLA Y . -27.76 -13.82 9.27
CAB CLA Y . -29.22 -16.61 9.77
CBB CLA Y . -29.86 -17.78 9.85
NC CLA Y . -24.93 -18.60 12.74
C1C CLA Y . -26.18 -19.00 12.37
C2C CLA Y . -26.42 -20.38 12.81
C3C CLA Y . -25.25 -20.79 13.46
C4C CLA Y . -24.31 -19.67 13.39
CMC CLA Y . -27.64 -21.14 12.60
CAC CLA Y . -24.99 -22.12 14.04
CBC CLA Y . -25.39 -22.22 15.49
ND CLA Y . -22.44 -17.42 13.12
C1D CLA Y . -22.11 -18.63 13.79
C2D CLA Y . -20.72 -18.55 14.28
C3D CLA Y . -20.23 -17.33 13.87
C4D CLA Y . -21.34 -16.66 13.16
CMD CLA Y . -20.03 -19.60 15.02
CAD CLA Y . -19.10 -16.41 13.86
OBD CLA Y . -17.99 -16.55 14.34
CBD CLA Y . -19.55 -15.13 13.09
CGD CLA Y . -19.46 -13.90 13.94
O1D CLA Y . -20.02 -13.66 15.01
O2D CLA Y . -18.65 -12.92 13.42
CED CLA Y . -18.86 -11.58 13.88
C1 CLA Y . -16.81 -13.28 8.10
C2 CLA Y . -16.64 -14.73 8.43
C3 CLA Y . -16.21 -15.14 9.63
C4 CLA Y . -15.90 -14.18 10.72
C5 CLA Y . -16.03 -16.58 9.95
C6 CLA Y . -14.87 -17.38 9.37
C7 CLA Y . -13.53 -16.64 9.26
C8 CLA Y . -13.02 -16.09 7.92
C9 CLA Y . -13.48 -14.75 7.37
C10 CLA Y . -12.20 -17.07 7.05
C11 CLA Y . -12.09 -16.77 5.56
C12 CLA Y . -13.34 -17.08 4.74
C13 CLA Y . -13.58 -18.56 4.44
C14 CLA Y . -12.36 -19.46 4.63
C15 CLA Y . -14.10 -18.82 3.02
C16 CLA Y . -15.38 -18.09 2.67
C17 CLA Y . -15.45 -17.77 1.20
C18 CLA Y . -14.67 -16.51 0.84
C19 CLA Y . -13.99 -16.67 -0.51
C20 CLA Y . -15.60 -15.32 0.78
P PGV Z . -39.92 -19.76 6.52
C01 PGV Z . -35.82 -21.50 6.86
C02 PGV Z . -36.80 -21.43 5.70
C03 PGV Z . -37.52 -20.10 5.52
C04 PGV Z . -41.70 -21.36 5.45
C05 PGV Z . -43.07 -21.63 6.04
C06 PGV Z . -43.80 -20.31 6.26
O01 PGV Z . -37.73 -22.50 5.89
O02 PGV Z . -39.17 -23.78 4.79
O03 PGV Z . -34.50 -21.50 6.36
O04 PGV Z . -33.42 -23.08 7.51
O05 PGV Z . -43.01 -22.42 7.20
O06 PGV Z . -44.04 -19.70 5.02
O11 PGV Z . -38.91 -20.27 5.33
O12 PGV Z . -40.77 -21.16 6.50
O13 PGV Z . -39.18 -19.63 7.81
O14 PGV Z . -40.77 -18.62 6.04
C1 PGV Z . -38.04 -23.41 4.96
C2 PGV Z . -36.88 -24.01 4.20
C3 PGV Z . -36.56 -25.45 4.60
C4 PGV Z . -35.47 -25.56 5.65
C5 PGV Z . -35.98 -25.86 7.06
C6 PGV Z . -35.07 -26.77 7.86
C7 PGV Z . -34.58 -26.19 9.20
C8 PGV Z . -33.13 -26.44 9.59
C9 PGV Z . -32.10 -26.57 8.47
C10 PGV Z . -30.74 -25.88 8.65
C11 PGV Z . -30.26 -25.64 10.05
C12 PGV Z . -29.02 -25.33 10.42
C13 PGV Z . -27.84 -25.15 9.54
C14 PGV Z . -26.52 -25.15 10.32
C19 PGV Z . -33.52 -21.94 7.14
C20 PGV Z . -32.56 -20.83 7.48
C21 PGV Z . -31.30 -20.84 6.64
C22 PGV Z . -30.19 -21.68 7.26
C23 PGV Z . -28.79 -21.10 7.10
C24 PGV Z . -27.91 -21.31 8.33
C25 PGV Z . -26.69 -20.39 8.37
C26 PGV Z . -25.39 -21.14 8.62
C27 PGV Z . -24.36 -20.34 9.42
C28 PGV Z . -23.20 -21.20 9.89
FE HEC AA . 5.73 -16.02 47.98
CHA HEC AA . 4.89 -17.24 51.07
CHB HEC AA . 3.26 -13.63 48.29
CHC HEC AA . 6.51 -14.78 44.89
CHD HEC AA . 7.84 -18.70 47.44
NA HEC AA . 4.31 -15.57 49.38
C1A HEC AA . 4.22 -16.14 50.63
C2A HEC AA . 3.25 -15.39 51.41
C3A HEC AA . 2.80 -14.39 50.66
C4A HEC AA . 3.46 -14.48 49.36
CMA HEC AA . 1.77 -13.31 51.06
CAA HEC AA . 2.90 -15.73 52.87
CBA HEC AA . 1.41 -16.03 52.99
CGA HEC AA . 1.15 -16.78 54.28
O1A HEC AA . 2.11 -17.05 55.03
O2A HEC AA . -0.04 -17.09 54.56
NB HEC AA . 5.00 -14.50 46.77
C1B HEC AA . 4.03 -13.60 47.15
C2B HEC AA . 3.95 -12.59 46.13
C3B HEC AA . 4.82 -12.86 45.15
C4B HEC AA . 5.52 -14.10 45.55
CMB HEC AA . 3.00 -11.38 46.13
CAB HEC AA . 4.94 -11.91 43.94
CBB HEC AA . 5.91 -12.27 42.78
NC HEC AA . 6.92 -16.67 46.45
C1C HEC AA . 7.14 -15.94 45.29
C2C HEC AA . 8.04 -16.71 44.46
C3C HEC AA . 8.57 -17.68 45.21
C4C HEC AA . 7.78 -17.75 46.44
CMC HEC AA . 8.73 -16.16 43.19
CAC HEC AA . 9.66 -18.63 44.65
CBC HEC AA . 10.33 -19.53 45.71
ND HEC AA . 6.30 -17.69 49.08
C1D HEC AA . 7.16 -18.69 48.63
C2D HEC AA . 7.21 -19.73 49.64
C3D HEC AA . 6.30 -19.27 50.77
C4D HEC AA . 5.77 -18.00 50.33
CMD HEC AA . 8.02 -21.04 49.63
CAD HEC AA . 6.00 -20.01 52.08
CBD HEC AA . 7.19 -19.83 53.02
CGD HEC AA . 6.74 -19.82 54.46
O1D HEC AA . 5.65 -19.27 54.76
O2D HEC AA . 7.49 -20.36 55.32
C1 LMG BA . -19.10 -10.90 34.94
O1 LMG BA . -18.95 -12.20 34.40
C2 LMG BA . -17.68 -10.27 34.82
O2 LMG BA . -17.21 -10.21 36.14
C3 LMG BA . -17.79 -8.80 34.31
O3 LMG BA . -17.88 -8.90 32.92
C4 LMG BA . -19.07 -8.12 34.86
O4 LMG BA . -19.25 -6.91 34.21
C5 LMG BA . -20.21 -9.02 34.53
O5 LMG BA . -21.52 -7.40 35.51
C6 LMG BA . -21.58 -8.72 35.05
O6 LMG BA . -20.00 -10.27 34.06
C7 LMG BA . -20.11 -13.00 34.47
C8 LMG BA . -20.67 -13.12 33.03
C9 LMG BA . -19.64 -13.91 32.20
O7 LMG BA . -21.86 -13.90 33.11
C10 LMG BA . -22.46 -14.37 31.99
O9 LMG BA . -22.53 -15.58 31.82
C11 LMG BA . -23.05 -13.30 31.12
C12 LMG BA . -22.46 -13.39 29.72
C13 LMG BA . -22.29 -12.02 29.10
C14 LMG BA . -22.09 -12.14 27.58
C15 LMG BA . -23.43 -12.30 26.87
C16 LMG BA . -23.36 -13.36 25.76
C17 LMG BA . -23.39 -14.72 26.35
C18 LMG BA . -24.83 -15.12 26.75
C19 LMG BA . -25.56 -15.64 25.51
C20 LMG BA . -26.90 -14.92 25.26
C21 LMG BA . -26.77 -13.59 24.51
C22 LMG BA . -26.90 -12.44 25.51
C23 LMG BA . -26.61 -11.18 24.73
C24 LMG BA . -26.97 -9.99 25.63
C25 LMG BA . -25.95 -9.81 26.72
C26 LMG BA . -26.34 -8.55 27.48
C27 LMG BA . -25.25 -8.24 28.47
O8 LMG BA . -19.38 -13.17 31.02
C28 LMG BA . -18.56 -12.09 31.18
O10 LMG BA . -19.03 -10.96 31.23
C29 LMG BA . -17.12 -12.44 31.27
C30 LMG BA . -16.27 -11.75 30.20
C31 LMG BA . -16.30 -12.51 28.85
C32 LMG BA . -17.72 -12.66 28.21
C33 LMG BA . -18.29 -11.30 27.88
C34 LMG BA . -17.96 -10.89 26.45
C35 LMG BA . -18.99 -11.52 25.52
C36 LMG BA . -18.34 -11.57 24.16
C37 LMG BA . -19.43 -11.99 23.18
C38 LMG BA . -18.76 -11.87 21.83
C39 LMG BA . -19.83 -12.00 20.77
C40 LMG BA . -19.05 -11.92 19.48
C41 LMG BA . -19.87 -11.16 18.45
C42 LMG BA . -21.04 -12.07 18.10
C43 LMG BA . -21.78 -11.41 16.95
C44 LMG BA . -22.75 -12.42 16.33
C45 LMG BA . -23.75 -12.87 17.36
C26 6PL CA . -33.26 14.18 29.92
C25 6PL CA . -33.33 12.87 29.15
C24 6PL CA . -32.90 11.67 29.99
C23 6PL CA . -34.01 11.13 30.88
C22 6PL CA . -33.52 10.19 31.99
C21 6PL CA . -32.94 8.88 31.48
C20 6PL CA . -31.48 8.63 31.84
C19 6PL CA . -30.47 9.40 30.97
C18 6PL CA . -29.15 8.68 30.80
C17 6PL CA . -28.36 8.48 32.09
C16 6PL CA . -26.97 7.89 31.86
C15 6PL CA . -25.94 8.91 31.39
C14 6PL CA . -24.49 8.48 31.59
C13 6PL CA . -24.00 8.65 33.03
C12 6PL CA . -22.90 7.68 33.41
C11 6PL CA . -21.57 7.89 32.71
O11 6PL CA . -20.93 8.90 32.79
O3 6PL CA . -21.23 6.82 32.00
C3 6PL CA . -20.83 5.64 32.67
C2 6PL CA . -19.35 5.29 32.57
C1 6PL CA . -18.22 5.75 33.50
O3P 6PL CA . -18.55 6.75 34.42
P 6PL CA . -18.20 8.31 34.09
O1P 6PL CA . -18.63 9.21 35.22
O2P 6PL CA . -18.52 8.63 32.67
O4P 6PL CA . -16.58 8.08 34.28
C4 6PL CA . -15.77 9.18 34.58
C5 6PL CA . -14.68 8.87 35.59
N 6PL CA . -13.83 7.64 35.35
C7 6PL CA . -14.58 6.39 35.66
C8 6PL CA . -12.66 7.71 36.27
C6 6PL CA . -13.31 7.57 33.96
O2 6PL CA . -19.03 4.47 31.45
C31 6PL CA . -19.60 4.60 30.25
O31 6PL CA . -19.93 5.65 29.75
C32 6PL CA . -19.87 3.23 29.70
C33 6PL CA . -19.13 2.81 28.43
C34 6PL CA . -19.99 2.79 27.18
C35 6PL CA . -20.16 4.14 26.49
C36 6PL CA . -19.65 4.07 25.05
C37 6PL CA . -19.78 5.38 24.28
C38 6PL CA . -19.94 5.16 22.78
C39 6PL CA . -21.38 4.92 22.34
C40 6PL CA . -21.60 3.71 21.46
C41 6PL CA . -20.62 3.62 20.29
C42 6PL CA . -21.14 2.88 19.07
C43 6PL CA . -22.00 3.75 18.17
C44 6PL CA . -21.17 4.49 17.12
C45 6PL CA . -20.80 3.60 15.95
C46 6PL CA . -20.03 4.32 14.84
C47 6PL CA . -20.71 4.20 13.48
CHA HEM DA . -8.81 9.25 -24.88
CHB HEM DA . -6.42 6.38 -21.80
CHC HEM DA . -3.64 10.12 -20.50
CHD HEM DA . -6.42 13.08 -23.15
C1A HEM DA . -8.37 8.13 -24.21
C2A HEM DA . -8.83 6.78 -24.43
C3A HEM DA . -8.17 6.00 -23.57
C4A HEM DA . -7.27 6.81 -22.80
CMA HEM DA . -8.33 4.46 -23.44
CAA HEM DA . -9.88 6.35 -25.45
CBA HEM DA . -9.36 6.50 -26.87
CGA HEM DA . -7.87 6.27 -26.90
O1A HEM DA . -7.42 5.19 -26.47
O2A HEM DA . -7.14 7.17 -27.38
C1B HEM DA . -5.48 7.14 -21.16
C2B HEM DA . -4.61 6.70 -20.09
C3B HEM DA . -3.83 7.73 -19.74
C4B HEM DA . -4.20 8.86 -20.56
CMB HEM DA . -4.60 5.27 -19.52
CAB HEM DA . -2.75 7.75 -18.64
CBB HEM DA . -3.00 7.21 -17.44
C1C HEM DA . -4.09 11.22 -21.21
C2C HEM DA . -3.36 12.46 -21.41
C3C HEM DA . -4.13 13.27 -22.15
C4C HEM DA . -5.37 12.58 -22.43
CMC HEM DA . -1.95 12.75 -20.86
CAC HEM DA . -3.80 14.70 -22.62
CBC HEM DA . -3.14 15.56 -21.83
C1D HEM DA . -7.33 12.31 -23.83
C2D HEM DA . -8.42 12.80 -24.65
C3D HEM DA . -9.08 11.74 -25.11
C4D HEM DA . -8.43 10.55 -24.62
CMD HEM DA . -8.76 14.28 -24.91
CAD HEM DA . -10.31 11.76 -26.05
CBD HEM DA . -9.85 12.22 -27.42
CGD HEM DA . -10.88 11.83 -28.44
O1D HEM DA . -12.04 11.55 -28.06
O2D HEM DA . -10.53 11.81 -29.65
NA HEM DA . -7.42 8.12 -23.21
NB HEM DA . -5.20 8.47 -21.42
NC HEM DA . -5.30 11.33 -21.85
ND HEM DA . -7.37 10.93 -23.83
FE HEM DA . -6.28 9.71 -22.60
CHA HEM EA . 9.02 0.22 -7.94
CHB HEM EA . 4.58 -1.06 -6.45
CHC HEM EA . 2.69 1.31 -10.23
CHD HEM EA . 7.07 2.94 -11.44
C1A HEM EA . 8.00 -0.32 -7.19
C2A HEM EA . 8.12 -1.04 -5.95
C3A HEM EA . 6.90 -1.39 -5.53
C4A HEM EA . 5.95 -0.91 -6.51
CMA HEM EA . 6.58 -2.18 -4.26
CAA HEM EA . 9.44 -1.36 -5.21
CBA HEM EA . 10.15 -2.54 -5.85
CGA HEM EA . 11.33 -2.11 -6.68
O1A HEM EA . 11.72 -2.89 -7.59
O2A HEM EA . 11.88 -1.02 -6.45
C1B HEM EA . 3.68 -0.50 -7.33
C2B HEM EA . 2.24 -0.58 -7.24
C3B HEM EA . 1.73 0.07 -8.29
C4B HEM EA . 2.82 0.59 -9.07
CMB HEM EA . 1.51 -1.32 -6.10
CAB HEM EA . 0.25 0.32 -8.69
CBB HEM EA . -0.78 0.02 -7.91
C1C HEM EA . 3.70 1.99 -10.86
C2C HEM EA . 3.54 2.93 -11.95
C3C HEM EA . 4.75 3.39 -12.28
C4C HEM EA . 5.72 2.75 -11.42
CMC HEM EA . 2.17 3.32 -12.58
CAC HEM EA . 5.08 4.41 -13.39
CBC HEM EA . 4.46 4.34 -14.58
C1D HEM EA . 7.98 2.32 -10.63
C2D HEM EA . 9.43 2.42 -10.72
C3D HEM EA . 9.96 1.67 -9.75
C4D HEM EA . 8.88 1.07 -9.01
CMD HEM EA . 10.20 3.27 -11.76
CAD HEM EA . 11.46 1.49 -9.47
CBD HEM EA . 12.02 0.40 -10.37
CGD HEM EA . 13.35 -0.05 -9.82
O1D HEM EA . 13.37 -1.05 -9.07
O2D HEM EA . 14.39 0.58 -10.14
NA HEM EA . 6.66 -0.25 -7.50
NB HEM EA . 4.01 0.21 -8.46
NC HEM EA . 5.04 1.90 -10.56
ND HEM EA . 7.69 1.47 -9.57
FE HEM EA . 5.85 0.82 -9.03
C2 PL9 FA . -14.45 -4.33 -21.79
C3 PL9 FA . -13.17 -3.98 -22.07
C4 PL9 FA . -12.88 -2.69 -22.66
C5 PL9 FA . -13.99 -1.80 -22.94
C6 PL9 FA . -15.28 -2.17 -22.64
C1 PL9 FA . -15.55 -3.47 -22.05
C7 PL9 FA . -12.10 -4.94 -21.75
C8 PL9 FA . -12.07 -6.19 -22.58
C9 PL9 FA . -11.00 -6.59 -23.27
C10 PL9 FA . -9.86 -5.72 -23.64
C11 PL9 FA . -10.97 -7.97 -23.83
C12 PL9 FA . -10.58 -8.97 -22.72
C13 PL9 FA . -9.09 -9.01 -22.67
C14 PL9 FA . -8.34 -10.08 -22.98
C15 PL9 FA . -8.92 -11.43 -23.24
C16 PL9 FA . -6.84 -10.01 -22.92
C17 PL9 FA . -6.10 -11.31 -22.54
C18 PL9 FA . -4.84 -10.97 -21.79
C19 PL9 FA . -4.54 -11.30 -20.52
C20 PL9 FA . -5.22 -12.42 -19.84
C21 PL9 FA . -3.51 -10.53 -19.77
C22 PL9 FA . -3.99 -10.10 -18.36
C23 PL9 FA . -3.00 -9.13 -17.80
C24 PL9 FA . -3.35 -7.89 -17.42
C25 PL9 FA . -4.09 -6.95 -18.28
C26 PL9 FA . -3.02 -7.46 -16.04
C27 PL9 FA . -4.31 -7.27 -15.20
C28 PL9 FA . -4.07 -7.79 -13.82
C29 PL9 FA . -4.52 -7.18 -12.72
C30 PL9 FA . -4.94 -5.77 -12.73
C31 PL9 FA . -5.00 -7.95 -11.54
C32 PL9 FA . -4.27 -7.57 -10.24
C33 PL9 FA . -5.30 -7.37 -9.15
C34 PL9 FA . -5.05 -7.57 -7.85
C35 PL9 FA . -4.04 -8.52 -7.33
C36 PL9 FA . -5.84 -6.79 -6.85
C37 PL9 FA . -7.23 -7.39 -6.67
C38 PL9 FA . -8.21 -6.27 -6.84
C39 PL9 FA . -8.64 -5.84 -8.01
C40 PL9 FA . -9.19 -6.80 -9.00
C41 PL9 FA . -8.66 -4.37 -8.25
C42 PL9 FA . -8.77 -4.08 -9.76
C43 PL9 FA . -8.57 -2.61 -9.98
C44 PL9 FA . -7.76 -2.09 -10.91
C45 PL9 FA . -6.95 -2.90 -11.84
C46 PL9 FA . -7.40 -0.64 -10.91
C47 PL9 FA . -7.54 -0.01 -12.30
C48 PL9 FA . -8.53 1.10 -12.18
C49 PL9 FA . -9.39 1.41 -13.15
C50 PL9 FA . -10.50 2.33 -12.80
C51 PL9 FA . -9.36 0.87 -14.52
C52 PL9 FA . -13.67 -0.50 -23.54
C53 PL9 FA . -16.43 -1.33 -22.90
O1 PL9 FA . -11.71 -2.40 -22.90
O2 PL9 FA . -16.69 -3.89 -21.76
C1 ECH GA . -0.09 -0.93 -31.56
C2 ECH GA . -1.11 -2.02 -31.22
C3 ECH GA . -0.53 -3.42 -31.10
C4 ECH GA . 0.66 -3.43 -30.16
C5 ECH GA . 1.61 -2.29 -30.35
C6 ECH GA . 1.16 -1.07 -30.70
C7 ECH GA . 2.02 0.12 -30.54
C8 ECH GA . 2.29 1.04 -31.48
C9 ECH GA . 3.15 2.21 -31.32
C10 ECH GA . 3.40 3.00 -32.39
C11 ECH GA . 2.90 2.89 -33.73
C12 ECH GA . 3.00 3.90 -34.63
C13 ECH GA . 2.53 3.88 -35.99
C14 ECH GA . 3.10 4.73 -36.88
C15 ECH GA . 2.79 4.91 -38.26
C16 ECH GA . 3.50 5.71 -39.08
C17 ECH GA . 3.17 5.90 -40.47
C18 ECH GA . 3.86 6.65 -41.37
C19 ECH GA . 3.36 6.73 -42.73
C20 ECH GA . 3.97 7.37 -43.76
C21 ECH GA . 3.42 7.46 -45.08
C22 ECH GA . 3.88 8.29 -46.06
C23 ECH GA . 3.25 8.32 -47.36
C24 ECH GA . 2.07 7.78 -47.74
C25 ECH GA . 1.54 7.91 -49.10
C26 ECH GA . 1.00 6.85 -49.73
C27 ECH GA . -0.29 7.00 -50.43
O27 ECH GA . -1.00 6.03 -50.66
C28 ECH GA . -0.71 8.38 -50.83
C29 ECH GA . 0.44 9.37 -50.86
C30 ECH GA . 1.38 9.33 -49.67
C31 ECH GA . -0.76 0.45 -31.42
C32 ECH GA . 0.25 -1.17 -33.04
C33 ECH GA . 3.05 -2.72 -30.44
C34 ECH GA . 3.74 2.46 -29.97
C35 ECH GA . 1.42 2.94 -36.33
C36 ECH GA . 5.10 7.43 -41.03
C37 ECH GA . 5.05 9.20 -45.86
C38 ECH GA . 1.74 5.58 -50.07
C39 ECH GA . 0.84 10.26 -48.57
C40 ECH GA . 2.72 9.89 -50.15
CHA HEM HA . -12.28 3.78 -25.47
CHB HEM HA . -10.13 2.90 -29.73
CHC HEM HA . -7.34 -0.45 -27.62
CHD HEM HA . -9.45 0.47 -23.34
C1A HEM HA . -11.99 3.79 -26.83
C2A HEM HA . -12.70 4.51 -27.85
C3A HEM HA . -12.11 4.27 -29.02
C4A HEM HA . -11.00 3.39 -28.78
CMA HEM HA . -12.54 4.84 -30.39
CAA HEM HA . -13.93 5.41 -27.60
CBA HEM HA . -15.18 4.55 -27.58
CGA HEM HA . -16.39 5.45 -27.64
O1A HEM HA . -16.52 6.20 -28.63
O2A HEM HA . -17.22 5.40 -26.70
C1B HEM HA . -9.27 1.85 -29.55
C2B HEM HA . -8.66 1.04 -30.58
C3B HEM HA . -7.91 0.12 -30.00
C4B HEM HA . -7.99 0.31 -28.56
CMB HEM HA . -8.88 1.22 -32.10
CAB HEM HA . -7.07 -0.97 -30.70
CBB HEM HA . -7.68 -1.95 -31.37
C1C HEM HA . -7.66 -0.49 -26.28
C2C HEM HA . -7.05 -1.33 -25.27
C3C HEM HA . -7.62 -1.08 -24.11
C4C HEM HA . -8.64 -0.06 -24.31
CMC HEM HA . -5.91 -2.34 -25.53
CAC HEM HA . -7.28 -1.74 -22.75
CBC HEM HA . -8.09 -2.69 -22.26
C1D HEM HA . -10.37 1.48 -23.54
C2D HEM HA . -11.13 2.15 -22.51
C3D HEM HA . -11.92 3.05 -23.10
C4D HEM HA . -11.67 3.00 -24.53
CMD HEM HA . -11.06 1.85 -21.00
CAD HEM HA . -12.90 4.01 -22.40
CBD HEM HA . -14.26 3.32 -22.30
CGD HEM HA . -15.11 3.66 -23.49
O1D HEM HA . -15.16 4.85 -23.88
O2D HEM HA . -15.74 2.73 -24.06
NA HEM HA . -10.95 3.11 -27.43
NB HEM HA . -8.83 1.37 -28.32
NC HEM HA . -8.63 0.27 -25.65
ND HEM HA . -10.72 2.02 -24.76
FE HEM HA . -9.78 1.71 -26.53
MG CLA IA . 5.26 20.08 -24.36
CHA CLA IA . 6.52 17.85 -22.02
CHB CLA IA . 2.67 17.96 -24.95
CHC CLA IA . 3.91 22.43 -26.46
CHD CLA IA . 7.95 22.26 -23.65
NA CLA IA . 4.71 18.22 -23.60
C1A CLA IA . 5.36 17.46 -22.62
C2A CLA IA . 4.60 16.20 -22.30
C3A CLA IA . 3.52 16.15 -23.39
C4A CLA IA . 3.60 17.55 -24.01
CMA CLA IA . 3.77 15.06 -24.40
CAA CLA IA . 3.96 16.55 -20.97
CBA CLA IA . 3.13 15.51 -20.25
CGA CLA IA . 3.01 15.94 -18.82
O1A CLA IA . 2.46 16.94 -18.37
O2A CLA IA . 3.58 15.07 -17.92
NB CLA IA . 3.62 20.16 -25.53
C1B CLA IA . 2.66 19.20 -25.60
C2B CLA IA . 1.56 19.65 -26.50
C3B CLA IA . 1.88 20.91 -26.94
C4B CLA IA . 3.21 21.26 -26.32
CMB CLA IA . 0.36 18.86 -26.79
CAB CLA IA . 1.05 21.71 -27.83
CBB CLA IA . 1.23 22.93 -28.32
NC CLA IA . 5.85 21.99 -24.95
C1C CLA IA . 5.14 22.77 -25.82
C2C CLA IA . 5.81 24.05 -25.99
C3C CLA IA . 6.96 24.02 -25.20
C4C CLA IA . 6.97 22.71 -24.54
CMC CLA IA . 5.34 25.15 -26.84
CAC CLA IA . 7.96 25.08 -25.00
CBC CLA IA . 9.14 25.03 -25.94
ND CLA IA . 6.87 20.11 -23.16
C1D CLA IA . 7.94 21.06 -22.99
C2D CLA IA . 8.91 20.51 -22.02
C3D CLA IA . 8.41 19.29 -21.62
C4D CLA IA . 7.16 19.10 -22.35
CMD CLA IA . 10.15 21.16 -21.60
CAD CLA IA . 8.61 18.12 -20.77
OBD CLA IA . 9.52 17.88 -19.98
CBD CLA IA . 7.42 17.16 -21.03
CGD CLA IA . 7.89 15.85 -21.59
O1D CLA IA . 8.55 15.66 -22.62
O2D CLA IA . 7.54 14.76 -20.86
CED CLA IA . 7.91 13.48 -21.38
C1 CLA IA . 3.60 15.43 -16.52
C2 CLA IA . 4.50 16.60 -16.31
C3 CLA IA . 5.84 16.53 -16.50
C4 CLA IA . 6.53 15.30 -16.95
C5 CLA IA . 6.74 17.70 -16.27
C6 CLA IA . 6.71 18.45 -14.95
C7 CLA IA . 6.61 17.55 -13.72
C8 CLA IA . 5.43 17.77 -12.74
C9 CLA IA . 4.33 16.72 -12.68
C10 CLA IA . 5.39 19.16 -12.08
C11 CLA IA . 4.58 19.34 -10.80
C12 CLA IA . 3.06 19.47 -10.92
C13 CLA IA . 2.57 20.91 -11.05
C14 CLA IA . 3.21 21.85 -10.04
C15 CLA IA . 1.05 21.02 -10.89
C16 CLA IA . 0.27 20.54 -12.10
C17 CLA IA . -1.19 20.32 -11.75
C18 CLA IA . -1.45 18.96 -11.13
C19 CLA IA . -2.41 19.08 -9.97
C20 CLA IA . -2.01 18.00 -12.16
CBE 2WA JA . 10.68 17.47 -34.89
CBD 2WA JA . 12.16 17.40 -34.52
CBC 2WA JA . 12.41 16.62 -33.22
CBB 2WA JA . 13.80 16.77 -32.60
CBA 2WA JA . 14.28 18.22 -32.46
CAZ 2WA JA . 15.73 18.47 -32.01
CAY 2WA JA . 16.78 17.39 -32.24
CAX 2WA JA . 17.67 17.13 -31.03
CAW 2WA JA . 17.90 15.70 -30.68
CAV 2WA JA . 18.60 14.88 -31.46
CAU 2WA JA . 18.96 13.46 -31.19
CAT 2WA JA . 20.39 13.50 -30.64
CAS 2WA JA . 21.35 14.01 -31.71
CAR 2WA JA . 22.30 15.11 -31.24
CAQ 2WA JA . 23.49 14.69 -30.39
CAP 2WA JA . 24.52 13.95 -31.22
CAO 2WA JA . 25.29 12.84 -30.51
OAD 2WA JA . 26.54 13.27 -30.03
OAN 2WA JA . 24.49 12.36 -29.47
CAM 2WA JA . 24.47 10.96 -29.27
CAL 2WA JA . 25.80 10.48 -28.70
OAK 2WA JA . 25.95 10.86 -27.36
CBI 2WA JA . 23.26 10.59 -28.45
OBJ 2WA JA . 22.84 11.69 -27.67
CBK 2WA JA . 22.29 11.45 -26.41
OCC 2WA JA . 22.49 10.13 -25.96
CBL 2WA JA . 20.83 11.88 -26.43
CBM 2WA JA . 19.83 10.81 -25.97
CBN 2WA JA . 18.79 11.29 -24.97
CBO 2WA JA . 17.39 11.48 -25.54
CBP 2WA JA . 16.42 11.92 -24.46
CBQ 2WA JA . 14.96 11.62 -24.79
CBR 2WA JA . 13.98 12.21 -23.79
CBS 2WA JA . 13.15 13.38 -24.31
CBT 2WA JA . 11.65 13.17 -24.15
CBU 2WA JA . 10.84 14.23 -24.87
CBV 2WA JA . 9.41 13.81 -25.21
CBW 2WA JA . 8.74 14.76 -26.19
CBX 2WA JA . 7.35 15.18 -25.76
CBY 2WA JA . 6.87 16.46 -26.42
P PGV KA . -5.29 27.27 -34.35
C01 PGV KA . -3.19 29.97 -31.65
C02 PGV KA . -3.42 28.48 -31.56
C03 PGV KA . -4.84 28.06 -31.89
C04 PGV KA . -5.96 28.23 -36.68
C05 PGV KA . -6.32 29.61 -37.21
C06 PGV KA . -7.83 29.72 -37.41
O01 PGV KA . -2.99 28.03 -30.26
O02 PGV KA . -0.99 27.40 -31.01
O03 PGV KA . -3.52 30.63 -30.43
O04 PGV KA . -3.40 32.41 -29.12
O05 PGV KA . -5.59 29.95 -38.37
O06 PGV KA . -8.42 30.12 -36.19
O11 PGV KA . -5.15 28.44 -33.22
O12 PGV KA . -6.25 28.19 -35.30
O13 PGV KA . -6.06 26.12 -33.78
O14 PGV KA . -3.97 27.00 -35.02
C1 PGV KA . -1.71 27.71 -30.10
C2 PGV KA . -1.29 27.79 -28.66
C3 PGV KA . -1.73 26.62 -27.79
C4 PGV KA . -1.12 26.53 -26.39
C5 PGV KA . 0.11 27.37 -26.06
C6 PGV KA . 1.37 26.63 -25.63
C7 PGV KA . 1.16 25.55 -24.57
C8 PGV KA . 2.48 25.12 -23.94
C9 PGV KA . 2.44 23.72 -23.33
C10 PGV KA . 3.53 23.44 -22.27
C11 PGV KA . 3.89 24.65 -21.45
C12 PGV KA . 5.09 25.18 -21.23
C13 PGV KA . 6.43 24.67 -21.68
C14 PGV KA . 7.48 24.85 -20.58
C15 PGV KA . 8.89 25.10 -21.14
C16 PGV KA . 9.86 25.58 -20.06
C17 PGV KA . 10.75 26.79 -20.37
C18 PGV KA . 10.63 27.39 -21.77
C19 PGV KA . -2.86 31.67 -29.90
C20 PGV KA . -1.41 31.80 -30.28
C21 PGV KA . -0.56 32.44 -29.19
C22 PGV KA . 0.05 31.41 -28.24
C23 PGV KA . -0.62 31.36 -26.87
C24 PGV KA . 0.39 31.29 -25.74
C25 PGV KA . -0.23 31.11 -24.36
C26 PGV KA . 0.67 30.39 -23.38
C27 PGV KA . -0.08 29.52 -22.37
C28 PGV KA . 0.80 28.88 -21.29
C29 PGV KA . 2.05 28.15 -21.79
C30 PGV KA . 3.22 28.20 -20.82
C31 PGV KA . 4.53 28.56 -21.50
C32 PGV KA . 5.66 28.89 -20.53
C33 PGV KA . 7.02 29.17 -21.16
C34 PGV KA . 7.18 28.66 -22.58
P PGV LA . 15.29 -18.98 -14.60
C01 PGV LA . 12.57 -20.29 -17.76
C02 PGV LA . 12.70 -18.80 -17.54
C03 PGV LA . 13.18 -18.40 -16.16
C04 PGV LA . 13.81 -19.59 -12.51
C05 PGV LA . 13.21 -18.67 -11.44
C06 PGV LA . 14.29 -18.26 -10.43
O01 PGV LA . 11.42 -18.23 -17.84
O02 PGV LA . 12.30 -16.52 -18.96
O03 PGV LA . 13.08 -20.98 -16.62
O04 PGV LA . 12.25 -21.58 -14.65
O05 PGV LA . 12.09 -19.26 -10.82
O06 PGV LA . 14.08 -16.91 -10.09
O11 PGV LA . 14.59 -18.56 -16.03
O12 PGV LA . 13.91 -18.86 -13.71
O13 PGV LA . 16.26 -17.92 -14.20
O14 PGV LA . 15.76 -20.40 -14.63
C1 PGV LA . 11.34 -17.12 -18.56
C2 PGV LA . 9.91 -16.71 -18.81
C3 PGV LA . 9.54 -16.73 -20.29
C4 PGV LA . 8.30 -15.94 -20.70
C5 PGV LA . 7.26 -15.62 -19.63
C6 PGV LA . 6.71 -14.20 -19.78
C7 PGV LA . 5.45 -13.97 -18.95
C8 PGV LA . 5.24 -12.50 -18.61
C9 PGV LA . 3.99 -12.29 -17.75
C10 PGV LA . 4.29 -12.07 -16.26
C11 PGV LA . 3.65 -10.81 -15.75
C12 PGV LA . 2.36 -10.53 -15.70
C13 PGV LA . 1.72 -9.28 -15.19
C14 PGV LA . 0.29 -9.10 -15.72
C19 PGV LA . 12.28 -21.72 -15.85
C20 PGV LA . 11.50 -22.76 -16.60
C21 PGV LA . 10.13 -23.04 -16.03
C22 PGV LA . 9.07 -22.84 -17.10
C23 PGV LA . 8.79 -21.38 -17.46
C24 PGV LA . 7.44 -21.23 -18.14
C25 PGV LA . 7.07 -19.79 -18.45
C26 PGV LA . 6.14 -19.53 -19.65
C27 PGV LA . 5.99 -20.64 -20.68
C28 PGV LA . 5.65 -20.13 -22.07
C29 PGV LA . 4.17 -19.91 -22.32
C30 PGV LA . 3.71 -20.51 -23.63
C31 PGV LA . 2.51 -19.85 -24.28
C32 PGV LA . 2.09 -20.58 -25.56
C33 PGV LA . 0.78 -21.34 -25.45
C34 PGV LA . -0.02 -21.31 -26.75
FE HEC MA . 48.78 6.36 -13.95
CHA HEC MA . 51.46 7.28 -15.93
CHB HEC MA . 47.56 4.46 -16.51
CHC HEC MA . 45.90 5.74 -12.16
CHD HEC MA . 49.81 8.54 -11.52
NA HEC MA . 49.39 5.95 -15.84
C1A HEC MA . 50.52 6.44 -16.47
C2A HEC MA . 50.55 5.92 -17.82
C3A HEC MA . 49.47 5.15 -17.98
C4A HEC MA . 48.73 5.15 -16.74
CMA HEC MA . 49.10 4.39 -19.27
CAA HEC MA . 51.61 6.20 -18.89
CBA HEC MA . 51.01 7.18 -19.90
CGA HEC MA . 52.07 8.14 -20.40
O1A HEC MA . 51.70 9.09 -21.14
O2A HEC MA . 53.26 7.96 -20.07
NB HEC MA . 47.02 5.32 -14.26
C1B HEC MA . 46.76 4.56 -15.39
C2B HEC MA . 45.50 3.89 -15.17
C3B HEC MA . 45.02 4.20 -13.98
C4B HEC MA . 45.97 5.13 -13.38
CMB HEC MA . 44.82 2.93 -16.18
CAB HEC MA . 43.67 3.65 -13.44
CBB HEC MA . 43.27 4.00 -11.99
NC HEC MA . 47.99 7.04 -12.20
C1C HEC MA . 46.81 6.60 -11.62
C2C HEC MA . 46.66 7.24 -10.33
C3C HEC MA . 47.74 7.99 -10.11
C4C HEC MA . 48.60 7.91 -11.30
CMC HEC MA . 45.52 7.00 -9.34
CAC HEC MA . 47.90 8.80 -8.81
CBC HEC MA . 49.25 9.53 -8.64
ND HEC MA . 50.40 7.67 -13.75
C1D HEC MA . 50.55 8.53 -12.67
C2D HEC MA . 51.64 9.44 -12.94
C3D HEC MA . 52.17 9.04 -14.31
C4D HEC MA . 51.35 7.94 -14.74
CMD HEC MA . 52.18 10.56 -12.02
CAD HEC MA . 53.34 9.69 -15.09
CBD HEC MA . 54.63 8.93 -14.79
CGD HEC MA . 55.82 9.78 -15.15
O1D HEC MA . 56.46 9.50 -16.19
O2D HEC MA . 56.11 10.75 -14.39
FE1 FES NA . -0.90 -25.31 23.71
FE2 FES NA . -3.33 -25.72 22.57
S1 FES NA . -2.62 -26.43 24.53
S2 FES NA . -1.58 -24.66 21.72
O6 SQD OA . -18.94 -14.35 -27.90
C44 SQD OA . -18.79 -15.10 -26.67
C45 SQD OA . -20.07 -15.87 -26.21
C46 SQD OA . -19.96 -17.42 -26.36
O47 SQD OA . -20.28 -15.62 -24.88
C7 SQD OA . -21.22 -14.59 -24.58
O49 SQD OA . -22.18 -14.43 -25.26
C8 SQD OA . -20.99 -13.67 -23.34
C9 SQD OA . -19.47 -13.38 -23.17
C10 SQD OA . -19.28 -12.02 -22.44
C11 SQD OA . -17.87 -11.43 -22.75
C12 SQD OA . -16.80 -11.35 -21.58
C13 SQD OA . -17.13 -12.05 -20.19
C14 SQD OA . -16.10 -13.19 -19.88
C15 SQD OA . -16.78 -14.53 -19.40
C16 SQD OA . -16.29 -15.72 -20.31
C17 SQD OA . -17.32 -16.93 -20.24
C18 SQD OA . -18.32 -16.89 -21.48
C19 SQD OA . -19.84 -17.18 -21.18
C20 SQD OA . -20.38 -16.81 -19.75
C21 SQD OA . -21.48 -15.71 -19.83
C22 SQD OA . -21.00 -14.45 -19.08
O48 SQD OA . -18.60 -17.83 -26.62
C23 SQD OA . -17.97 -18.72 -25.65
O10 SQD OA . -18.60 -19.28 -24.82
C24 SQD OA . -16.39 -18.91 -25.72
C25 SQD OA . -15.66 -18.05 -24.62
C26 SQD OA . -15.19 -16.68 -25.21
C27 SQD OA . -15.81 -15.51 -24.36
C28 SQD OA . -15.02 -14.18 -24.40
C29 SQD OA . -13.51 -14.30 -24.12
C30 SQD OA . -13.15 -14.03 -22.65
C31 SQD OA . -12.31 -15.09 -21.88
C32 SQD OA . -11.88 -16.38 -22.64
C33 SQD OA . -10.50 -16.93 -22.20
C34 SQD OA . -9.33 -15.93 -22.47
C35 SQD OA . -8.18 -16.14 -21.43
C36 SQD OA . -8.06 -14.91 -20.47
C37 SQD OA . -8.90 -15.14 -19.18
C38 SQD OA . -9.90 -13.98 -18.99
C1 SQD OA . -20.07 -13.54 -28.03
C2 SQD OA . -19.63 -12.14 -28.42
O2 SQD OA . -19.44 -11.37 -27.22
C3 SQD OA . -20.68 -11.49 -29.24
O3 SQD OA . -20.34 -10.10 -29.42
C4 SQD OA . -20.78 -12.16 -30.57
O4 SQD OA . -22.02 -11.75 -31.20
C5 SQD OA . -20.78 -13.68 -30.45
C6 SQD OA . -19.48 -14.22 -30.98
O5 SQD OA . -20.98 -14.15 -29.06
S SQD OA . -19.67 -16.02 -31.24
O7 SQD OA . -19.48 -16.79 -29.95
O8 SQD OA . -21.02 -16.32 -31.86
O9 SQD OA . -18.55 -16.58 -32.08
C1 LFA PA . 9.01 -21.36 -31.89
C2 LFA PA . 9.59 -21.28 -33.30
C3 LFA PA . 9.92 -19.83 -33.65
C4 LFA PA . 10.81 -19.75 -34.89
C5 LFA PA . 9.99 -19.30 -36.10
C6 LFA PA . 10.82 -19.02 -37.35
C7 LFA PA . 12.29 -18.72 -37.07
C8 LFA PA . 13.06 -18.48 -38.36
C9 LFA PA . 13.18 -19.74 -39.21
C10 LFA PA . 14.24 -19.53 -40.28
C11 LFA PA . 15.64 -19.76 -39.70
C12 LFA PA . 16.63 -18.69 -40.16
C13 LFA PA . 17.86 -19.34 -40.81
C14 LFA PA . 18.97 -18.32 -41.01
C15 LFA PA . 18.66 -17.25 -42.06
C16 LFA PA . 18.54 -17.82 -43.48
C17 LFA PA . 17.35 -17.21 -44.22
C18 LFA PA . 16.10 -18.07 -44.07
C19 LFA PA . 14.87 -17.34 -44.62
C20 LFA PA . 14.79 -17.52 -46.14
C26 6PL QA . 2.84 -1.14 -25.89
C25 6PL QA . 4.14 -1.35 -25.14
C24 6PL QA . 5.36 -0.88 -25.94
C23 6PL QA . 5.65 -1.70 -27.17
C22 6PL QA . 6.79 -1.15 -28.02
C21 6PL QA . 8.14 -1.19 -27.31
C20 6PL QA . 9.30 -1.57 -28.22
C19 6PL QA . 9.31 -3.04 -28.59
C18 6PL QA . 10.58 -3.76 -28.15
C17 6PL QA . 11.70 -3.78 -29.19
C16 6PL QA . 12.77 -2.74 -28.96
C15 6PL QA . 14.12 -3.09 -29.58
C14 6PL QA . 14.87 -1.89 -30.11
C13 6PL QA . 16.35 -2.13 -30.28
C12 6PL QA . 16.65 -2.99 -31.51
C11 6PL QA . 17.77 -3.94 -31.26
O11 6PL QA . 18.37 -4.05 -30.21
O3 6PL QA . 18.02 -4.75 -32.28
C3 6PL QA . 19.37 -5.00 -32.62
C2 6PL QA . 19.61 -6.44 -32.29
C1 6PL QA . 20.81 -6.88 -31.46
O3P 6PL QA . 21.63 -7.89 -31.96
P 6PL QA . 21.08 -9.42 -31.97
O1P 6PL QA . 20.54 -9.81 -30.63
O2P 6PL QA . 20.34 -9.73 -33.23
O4P 6PL QA . 22.58 -10.09 -32.00
C4 6PL QA . 23.56 -9.67 -31.08
C5 6PL QA . 23.28 -10.19 -29.68
N 6PL QA . 23.33 -9.20 -28.54
C7 6PL QA . 22.52 -7.99 -28.81
C8 6PL QA . 24.75 -8.86 -28.31
C6 6PL QA . 22.80 -9.78 -27.26
O2 6PL QA . 18.62 -7.39 -32.74
C31 6PL QA . 18.34 -7.83 -33.97
O31 6PL QA . 18.19 -8.99 -34.20
C32 6PL QA . 18.27 -6.78 -35.06
C33 6PL QA . 17.90 -7.47 -36.37
C34 6PL QA . 17.68 -6.54 -37.56
C35 6PL QA . 16.27 -5.95 -37.62
C36 6PL QA . 15.18 -6.79 -38.29
C37 6PL QA . 15.20 -6.78 -39.82
C38 6PL QA . 14.10 -5.93 -40.45
C39 6PL QA . 14.28 -5.79 -41.96
C40 6PL QA . 13.73 -6.98 -42.73
C41 6PL QA . 12.29 -6.75 -43.17
C42 6PL QA . 11.63 -7.94 -43.87
C43 6PL QA . 10.35 -7.65 -44.63
C44 6PL QA . 10.50 -7.76 -46.14
C45 6PL QA . 9.85 -6.65 -46.95
C46 6PL QA . 10.86 -5.71 -47.59
C47 6PL QA . 11.81 -5.04 -46.60
C48 6PL QA . 11.11 -4.13 -45.60
O6 SQD RA . -28.04 22.99 -3.31
C44 SQD RA . -28.10 24.44 -3.41
C45 SQD RA . -26.93 24.90 -4.32
C46 SQD RA . -26.16 26.12 -3.72
O47 SQD RA . -26.08 23.83 -4.46
C7 SQD RA . -26.34 23.05 -5.63
O49 SQD RA . -27.47 22.89 -5.99
C8 SQD RA . -25.17 22.40 -6.42
C9 SQD RA . -24.54 21.26 -5.56
C10 SQD RA . -25.49 20.01 -5.64
C11 SQD RA . -24.94 18.80 -4.81
C12 SQD RA . -23.46 18.47 -5.18
C13 SQD RA . -22.97 17.31 -4.24
C14 SQD RA . -21.40 17.23 -4.22
C15 SQD RA . -20.80 18.51 -3.51
C16 SQD RA . -19.84 18.31 -2.25
C17 SQD RA . -19.30 16.84 -1.96
C18 SQD RA . -19.57 16.43 -0.46
C19 SQD RA . -20.26 15.02 -0.42
C20 SQD RA . -21.69 15.13 -1.07
C21 SQD RA . -22.07 13.95 -2.00
C22 SQD RA . -20.91 13.48 -2.92
O48 SQD RA . -24.97 25.64 -3.07
C23 SQD RA . -24.86 25.89 -1.64
O10 SQD RA . -25.56 26.67 -1.09
C24 SQD RA . -23.80 25.05 -0.79
C25 SQD RA . -24.53 24.14 0.27
C26 SQD RA . -25.23 22.90 -0.39
C27 SQD RA . -24.25 22.06 -1.26
C28 SQD RA . -24.82 20.63 -1.40
C29 SQD RA . -23.76 19.54 -1.07
C30 SQD RA . -23.02 19.80 0.25
C31 SQD RA . -22.70 18.46 0.93
C32 SQD RA . -21.77 18.70 2.14
C33 SQD RA . -22.19 17.81 3.35
C34 SQD RA . -21.90 16.32 3.04
C35 SQD RA . -20.52 15.89 3.65
C36 SQD RA . -20.69 14.62 4.55
C37 SQD RA . -20.71 15.04 6.05
C38 SQD RA . -19.31 15.48 6.48
C1 SQD RA . -29.27 22.34 -3.38
C2 SQD RA . -29.34 20.84 -3.20
O2 SQD RA . -28.37 20.18 -4.02
C3 SQD RA . -30.71 20.41 -3.60
O3 SQD RA . -30.79 18.97 -3.53
C4 SQD RA . -31.74 21.02 -2.71
O4 SQD RA . -33.03 20.66 -3.21
C5 SQD RA . -31.67 22.55 -2.66
C6 SQD RA . -31.56 23.02 -1.24
O5 SQD RA . -30.54 23.15 -3.42
S SQD RA . -32.14 24.75 -1.19
O7 SQD RA . -32.96 25.03 0.06
O8 SQD RA . -30.98 25.70 -1.33
O9 SQD RA . -33.17 25.01 -2.27
FE1 FES SA . 26.99 21.48 -7.26
FE2 FES SA . 25.43 21.28 -9.45
S1 FES SA . 27.54 21.90 -9.35
S2 FES SA . 24.86 20.93 -7.36
#